data_2CSQ
#
_entry.id   2CSQ
#
_entity_poly.entity_id   1
_entity_poly.type   'polypeptide(L)'
_entity_poly.pdbx_seq_one_letter_code
;GSSGSSGTDPGAEELPARIFVALFDYDPLTMSPNPDAAEEELPFKEGQIIKVYGDKDADGFYRGETCARLGLIPCNMVSE
IQADDEEMMDQSGPSSG
;
_entity_poly.pdbx_strand_id   A
#
# COMPACT_ATOMS: atom_id res chain seq x y z
N GLY A 1 3.70 2.03 -20.74
CA GLY A 1 2.65 2.52 -21.60
C GLY A 1 1.85 3.64 -20.95
N SER A 2 0.54 3.45 -20.87
CA SER A 2 -0.35 4.45 -20.27
C SER A 2 -0.80 4.00 -18.88
N SER A 3 -1.29 2.77 -18.79
CA SER A 3 -1.77 2.23 -17.52
C SER A 3 -0.83 2.60 -16.39
N GLY A 4 -1.31 2.46 -15.15
CA GLY A 4 -0.50 2.78 -14.00
C GLY A 4 -1.33 2.97 -12.74
N SER A 5 -1.12 4.10 -12.07
CA SER A 5 -1.85 4.40 -10.84
C SER A 5 -3.32 4.68 -11.14
N SER A 6 -3.57 5.71 -11.95
CA SER A 6 -4.93 6.09 -12.31
C SER A 6 -5.05 6.28 -13.82
N GLY A 7 -6.28 6.48 -14.28
CA GLY A 7 -6.52 6.68 -15.70
C GLY A 7 -7.55 5.72 -16.26
N THR A 8 -7.30 4.43 -16.08
CA THR A 8 -8.21 3.40 -16.56
C THR A 8 -9.38 3.18 -15.59
N ASP A 9 -10.43 3.96 -15.76
CA ASP A 9 -11.61 3.85 -14.90
C ASP A 9 -11.89 2.40 -14.54
N PRO A 10 -12.46 2.18 -13.35
CA PRO A 10 -12.79 0.84 -12.86
C PRO A 10 -13.94 0.21 -13.64
N GLY A 11 -13.64 -0.84 -14.39
CA GLY A 11 -14.66 -1.52 -15.17
C GLY A 11 -15.15 -2.79 -14.50
N ALA A 12 -14.23 -3.66 -14.14
CA ALA A 12 -14.57 -4.93 -13.49
C ALA A 12 -13.92 -5.04 -12.12
N GLU A 13 -14.23 -6.11 -11.41
CA GLU A 13 -13.68 -6.33 -10.08
C GLU A 13 -12.32 -7.01 -10.16
N GLU A 14 -11.53 -6.87 -9.09
CA GLU A 14 -10.20 -7.47 -9.04
C GLU A 14 -9.83 -7.86 -7.61
N LEU A 15 -8.70 -8.55 -7.47
CA LEU A 15 -8.24 -8.99 -6.15
C LEU A 15 -8.15 -7.81 -5.18
N PRO A 16 -8.38 -8.09 -3.89
CA PRO A 16 -8.33 -7.07 -2.84
C PRO A 16 -6.91 -6.58 -2.58
N ALA A 17 -6.71 -5.27 -2.65
CA ALA A 17 -5.40 -4.68 -2.42
C ALA A 17 -5.45 -3.66 -1.29
N ARG A 18 -4.99 -4.08 -0.11
CA ARG A 18 -4.99 -3.21 1.06
C ARG A 18 -4.33 -1.86 0.73
N ILE A 19 -5.06 -0.78 1.00
CA ILE A 19 -4.55 0.56 0.73
C ILE A 19 -3.83 1.12 1.95
N PHE A 20 -2.58 1.53 1.77
CA PHE A 20 -1.79 2.10 2.85
C PHE A 20 -1.26 3.47 2.48
N VAL A 21 -1.41 4.43 3.39
CA VAL A 21 -0.94 5.79 3.16
C VAL A 21 0.38 6.05 3.86
N ALA A 22 1.26 6.80 3.22
CA ALA A 22 2.56 7.12 3.79
C ALA A 22 2.44 8.22 4.85
N LEU A 23 3.09 7.99 5.99
CA LEU A 23 3.05 8.95 7.08
C LEU A 23 4.19 9.97 6.96
N PHE A 24 5.29 9.53 6.37
CA PHE A 24 6.46 10.40 6.18
C PHE A 24 7.24 10.00 4.93
N ASP A 25 8.00 10.95 4.39
CA ASP A 25 8.81 10.70 3.20
C ASP A 25 9.80 9.57 3.44
N TYR A 26 9.92 8.68 2.47
CA TYR A 26 10.84 7.55 2.58
C TYR A 26 11.84 7.55 1.44
N ASP A 27 13.12 7.54 1.78
CA ASP A 27 14.19 7.54 0.78
C ASP A 27 15.15 6.38 1.02
N PRO A 28 14.91 5.27 0.30
CA PRO A 28 15.75 4.07 0.42
C PRO A 28 17.14 4.27 -0.18
N LEU A 29 17.32 5.38 -0.88
CA LEU A 29 18.60 5.70 -1.50
C LEU A 29 19.56 6.32 -0.49
N THR A 30 19.00 7.07 0.46
CA THR A 30 19.80 7.72 1.49
C THR A 30 19.61 7.05 2.85
N MET A 31 18.35 6.76 3.18
CA MET A 31 18.04 6.12 4.46
C MET A 31 18.69 4.75 4.56
N SER A 32 18.33 3.86 3.65
CA SER A 32 18.89 2.51 3.63
C SER A 32 20.40 2.55 3.77
N PRO A 33 20.96 1.58 4.51
CA PRO A 33 22.40 1.48 4.75
C PRO A 33 23.15 1.07 3.49
N ASN A 34 22.43 0.56 2.49
CA ASN A 34 23.03 0.13 1.24
C ASN A 34 22.04 0.28 0.09
N PRO A 35 22.55 0.73 -1.07
CA PRO A 35 21.72 0.92 -2.27
C PRO A 35 21.26 -0.40 -2.88
N ASP A 36 22.20 -1.32 -3.05
CA ASP A 36 21.90 -2.63 -3.61
C ASP A 36 20.67 -3.24 -2.95
N ALA A 37 20.70 -3.34 -1.62
CA ALA A 37 19.59 -3.90 -0.87
C ALA A 37 18.39 -2.95 -0.86
N ALA A 38 18.65 -1.69 -1.19
CA ALA A 38 17.61 -0.68 -1.23
C ALA A 38 16.63 -0.94 -2.36
N GLU A 39 17.12 -1.54 -3.44
CA GLU A 39 16.29 -1.84 -4.59
C GLU A 39 15.04 -2.61 -4.18
N GLU A 40 15.20 -3.51 -3.21
CA GLU A 40 14.09 -4.31 -2.72
C GLU A 40 13.05 -3.44 -2.02
N GLU A 41 13.48 -2.28 -1.53
CA GLU A 41 12.59 -1.36 -0.85
C GLU A 41 11.81 -0.51 -1.86
N LEU A 42 10.67 0.00 -1.42
CA LEU A 42 9.82 0.83 -2.28
C LEU A 42 9.63 2.21 -1.68
N PRO A 43 10.23 3.23 -2.34
CA PRO A 43 10.15 4.63 -1.89
C PRO A 43 8.74 5.20 -2.06
N PHE A 44 8.42 6.22 -1.26
CA PHE A 44 7.12 6.86 -1.33
C PHE A 44 7.06 8.08 -0.43
N LYS A 45 6.41 9.14 -0.90
CA LYS A 45 6.30 10.38 -0.15
C LYS A 45 5.07 10.34 0.76
N GLU A 46 5.05 11.23 1.75
CA GLU A 46 3.93 11.30 2.69
C GLU A 46 2.63 11.59 1.96
N GLY A 47 1.59 10.82 2.29
CA GLY A 47 0.29 11.02 1.67
C GLY A 47 0.14 10.21 0.39
N GLN A 48 1.17 9.44 0.05
CA GLN A 48 1.15 8.63 -1.15
C GLN A 48 0.50 7.27 -0.88
N ILE A 49 -0.29 6.80 -1.85
CA ILE A 49 -0.98 5.53 -1.71
C ILE A 49 -0.13 4.39 -2.26
N ILE A 50 -0.19 3.23 -1.60
CA ILE A 50 0.58 2.07 -2.02
C ILE A 50 -0.29 0.82 -2.05
N LYS A 51 -0.62 0.35 -3.25
CA LYS A 51 -1.45 -0.83 -3.41
C LYS A 51 -0.76 -2.07 -2.83
N VAL A 52 -0.95 -2.30 -1.54
CA VAL A 52 -0.35 -3.43 -0.87
C VAL A 52 -0.99 -4.75 -1.32
N TYR A 53 -0.16 -5.72 -1.65
CA TYR A 53 -0.64 -7.02 -2.10
C TYR A 53 -0.11 -8.14 -1.20
N GLY A 54 -0.98 -8.64 -0.33
CA GLY A 54 -0.58 -9.71 0.57
C GLY A 54 -0.10 -9.19 1.91
N ASP A 55 0.52 -10.08 2.69
CA ASP A 55 1.04 -9.70 4.00
C ASP A 55 2.53 -9.38 3.92
N LYS A 56 3.12 -9.06 5.07
CA LYS A 56 4.54 -8.75 5.14
C LYS A 56 5.35 -9.96 5.60
N ASP A 57 6.55 -10.11 5.05
CA ASP A 57 7.43 -11.21 5.41
C ASP A 57 7.95 -11.07 6.84
N ALA A 58 8.80 -12.00 7.25
CA ALA A 58 9.38 -11.97 8.59
C ALA A 58 9.82 -10.56 8.96
N ASP A 59 10.67 -9.98 8.12
CA ASP A 59 11.18 -8.63 8.37
C ASP A 59 10.05 -7.70 8.80
N GLY A 60 8.88 -7.88 8.21
CA GLY A 60 7.74 -7.05 8.54
C GLY A 60 7.51 -5.95 7.53
N PHE A 61 7.79 -6.25 6.26
CA PHE A 61 7.62 -5.27 5.20
C PHE A 61 6.43 -5.62 4.31
N TYR A 62 5.59 -4.64 4.03
CA TYR A 62 4.40 -4.85 3.20
C TYR A 62 4.73 -4.64 1.73
N ARG A 63 4.57 -5.70 0.93
CA ARG A 63 4.85 -5.64 -0.49
C ARG A 63 3.69 -5.01 -1.25
N GLY A 64 3.85 -3.74 -1.62
CA GLY A 64 2.80 -3.04 -2.34
C GLY A 64 3.31 -2.39 -3.61
N GLU A 65 2.39 -1.91 -4.44
CA GLU A 65 2.75 -1.26 -5.70
C GLU A 65 2.29 0.19 -5.72
N THR A 66 3.23 1.10 -5.96
CA THR A 66 2.92 2.52 -6.00
C THR A 66 3.64 3.20 -7.17
N CYS A 67 2.94 4.10 -7.84
CA CYS A 67 3.51 4.82 -8.97
C CYS A 67 4.08 3.85 -10.00
N ALA A 68 3.32 2.82 -10.32
CA ALA A 68 3.76 1.81 -11.29
C ALA A 68 5.08 1.18 -10.86
N ARG A 69 5.31 1.13 -9.56
CA ARG A 69 6.55 0.54 -9.03
C ARG A 69 6.23 -0.56 -8.03
N LEU A 70 7.16 -1.49 -7.88
CA LEU A 70 6.99 -2.61 -6.94
C LEU A 70 8.19 -2.72 -6.01
N GLY A 71 7.90 -2.91 -4.72
CA GLY A 71 8.96 -3.04 -3.73
C GLY A 71 8.44 -3.34 -2.35
N LEU A 72 9.29 -3.17 -1.35
CA LEU A 72 8.91 -3.43 0.04
C LEU A 72 8.60 -2.12 0.77
N ILE A 73 7.53 -2.12 1.54
CA ILE A 73 7.13 -0.94 2.30
C ILE A 73 7.23 -1.19 3.80
N PRO A 74 7.94 -0.30 4.50
CA PRO A 74 8.13 -0.40 5.96
C PRO A 74 6.84 -0.12 6.72
N CYS A 75 6.21 -1.17 7.24
CA CYS A 75 4.97 -1.04 7.99
C CYS A 75 5.10 0.05 9.07
N ASN A 76 6.35 0.37 9.43
CA ASN A 76 6.60 1.38 10.44
C ASN A 76 6.25 2.77 9.92
N MET A 77 6.73 3.08 8.71
CA MET A 77 6.46 4.37 8.09
C MET A 77 5.00 4.50 7.69
N VAL A 78 4.59 3.74 6.69
CA VAL A 78 3.21 3.77 6.20
C VAL A 78 2.25 3.32 7.29
N SER A 79 0.96 3.36 6.99
CA SER A 79 -0.08 2.97 7.94
C SER A 79 -1.34 2.52 7.22
N GLU A 80 -2.24 1.88 7.96
CA GLU A 80 -3.50 1.40 7.38
C GLU A 80 -4.56 2.49 7.40
N ILE A 81 -5.27 2.64 6.28
CA ILE A 81 -6.31 3.65 6.17
C ILE A 81 -7.65 3.11 6.67
N GLN A 82 -8.51 4.02 7.12
CA GLN A 82 -9.83 3.63 7.63
C GLN A 82 -10.69 3.08 6.50
N ALA A 83 -11.67 2.25 6.87
CA ALA A 83 -12.57 1.64 5.89
C ALA A 83 -13.48 2.70 5.27
N ASP A 84 -13.64 2.63 3.95
CA ASP A 84 -14.49 3.56 3.23
C ASP A 84 -15.96 3.17 3.35
N ASP A 85 -16.23 1.88 3.23
CA ASP A 85 -17.60 1.38 3.32
C ASP A 85 -18.29 1.91 4.57
N GLU A 86 -19.59 1.64 4.68
CA GLU A 86 -20.37 2.10 5.82
C GLU A 86 -19.64 1.78 7.14
N GLU A 87 -19.59 2.77 8.03
CA GLU A 87 -18.93 2.59 9.31
C GLU A 87 -19.84 1.87 10.30
N MET A 88 -19.26 1.37 11.38
CA MET A 88 -20.01 0.66 12.40
C MET A 88 -21.23 1.47 12.84
N MET A 89 -22.05 0.87 13.69
CA MET A 89 -23.25 1.54 14.17
C MET A 89 -23.01 2.12 15.57
N ASP A 90 -22.87 3.44 15.64
CA ASP A 90 -22.63 4.12 16.91
C ASP A 90 -23.90 4.81 17.39
N GLN A 91 -24.10 4.82 18.70
CA GLN A 91 -25.27 5.44 19.29
C GLN A 91 -26.56 4.85 18.74
N SER A 92 -26.62 3.51 18.71
CA SER A 92 -27.79 2.82 18.19
C SER A 92 -29.07 3.43 18.72
N GLY A 93 -29.93 3.90 17.81
CA GLY A 93 -31.18 4.51 18.21
C GLY A 93 -31.77 3.86 19.45
N PRO A 94 -32.46 4.67 20.27
CA PRO A 94 -33.09 4.19 21.50
C PRO A 94 -34.29 3.28 21.23
N SER A 95 -34.75 3.28 19.99
CA SER A 95 -35.89 2.46 19.60
C SER A 95 -35.79 1.06 20.20
N SER A 96 -36.94 0.42 20.39
CA SER A 96 -36.98 -0.92 20.97
C SER A 96 -36.84 -1.98 19.88
N GLY A 97 -36.09 -3.04 20.17
CA GLY A 97 -35.90 -4.11 19.21
C GLY A 97 -37.09 -5.05 19.16
N GLY A 1 0.47 7.87 -7.65
CA GLY A 1 -0.10 6.54 -7.74
C GLY A 1 -0.73 6.27 -9.09
N SER A 2 -1.36 5.11 -9.23
CA SER A 2 -2.00 4.73 -10.49
C SER A 2 -3.49 4.49 -10.28
N SER A 3 -4.30 4.97 -11.22
CA SER A 3 -5.74 4.81 -11.14
C SER A 3 -6.28 4.09 -12.37
N GLY A 4 -6.66 2.84 -12.19
CA GLY A 4 -7.19 2.05 -13.31
C GLY A 4 -8.29 2.78 -14.05
N SER A 5 -9.50 2.74 -13.51
CA SER A 5 -10.64 3.41 -14.13
C SER A 5 -10.63 3.18 -15.65
N SER A 6 -10.34 1.95 -16.04
CA SER A 6 -10.30 1.59 -17.46
C SER A 6 -10.45 0.09 -17.65
N GLY A 7 -11.41 -0.31 -18.48
CA GLY A 7 -11.63 -1.72 -18.74
C GLY A 7 -13.04 -1.99 -19.26
N THR A 8 -13.14 -2.28 -20.55
CA THR A 8 -14.42 -2.57 -21.18
C THR A 8 -14.62 -4.07 -21.36
N ASP A 9 -13.63 -4.73 -21.95
CA ASP A 9 -13.69 -6.16 -22.20
C ASP A 9 -13.96 -6.92 -20.89
N PRO A 10 -14.73 -8.01 -21.00
CA PRO A 10 -15.08 -8.85 -19.84
C PRO A 10 -13.88 -9.62 -19.30
N GLY A 11 -13.88 -9.85 -18.00
CA GLY A 11 -12.78 -10.58 -17.37
C GLY A 11 -13.21 -11.30 -16.11
N ALA A 12 -12.72 -12.53 -15.93
CA ALA A 12 -13.05 -13.31 -14.75
C ALA A 12 -11.84 -13.48 -13.84
N GLU A 13 -11.43 -12.38 -13.21
CA GLU A 13 -10.29 -12.40 -12.30
C GLU A 13 -10.19 -11.10 -11.52
N GLU A 14 -9.80 -11.21 -10.25
CA GLU A 14 -9.67 -10.04 -9.39
C GLU A 14 -8.81 -10.36 -8.17
N LEU A 15 -7.97 -9.40 -7.78
CA LEU A 15 -7.09 -9.58 -6.63
C LEU A 15 -7.29 -8.46 -5.61
N PRO A 16 -7.23 -8.81 -4.33
CA PRO A 16 -7.40 -7.86 -3.23
C PRO A 16 -6.23 -6.89 -3.12
N ALA A 17 -6.50 -5.69 -2.61
CA ALA A 17 -5.47 -4.67 -2.46
C ALA A 17 -5.76 -3.77 -1.26
N ARG A 18 -4.90 -3.83 -0.26
CA ARG A 18 -5.07 -3.02 0.95
C ARG A 18 -4.40 -1.66 0.78
N ILE A 19 -5.21 -0.61 0.74
CA ILE A 19 -4.70 0.75 0.60
C ILE A 19 -3.94 1.19 1.84
N PHE A 20 -2.67 1.55 1.66
CA PHE A 20 -1.83 1.99 2.77
C PHE A 20 -1.17 3.33 2.45
N VAL A 21 -1.43 4.33 3.29
CA VAL A 21 -0.86 5.65 3.11
C VAL A 21 0.49 5.78 3.80
N ALA A 22 1.31 6.70 3.33
CA ALA A 22 2.63 6.93 3.91
C ALA A 22 2.60 8.06 4.92
N LEU A 23 2.89 7.73 6.18
CA LEU A 23 2.89 8.73 7.25
C LEU A 23 4.12 9.63 7.15
N PHE A 24 5.17 9.12 6.51
CA PHE A 24 6.41 9.88 6.35
C PHE A 24 7.17 9.42 5.10
N ASP A 25 7.91 10.34 4.51
CA ASP A 25 8.68 10.04 3.31
C ASP A 25 9.67 8.90 3.57
N TYR A 26 10.08 8.22 2.50
CA TYR A 26 11.02 7.11 2.62
C TYR A 26 12.05 7.15 1.50
N ASP A 27 13.33 7.17 1.88
CA ASP A 27 14.41 7.20 0.91
C ASP A 27 15.36 6.02 1.11
N PRO A 28 15.12 4.94 0.34
CA PRO A 28 15.94 3.72 0.41
C PRO A 28 17.35 3.94 -0.15
N LEU A 29 17.59 5.13 -0.67
CA LEU A 29 18.89 5.47 -1.24
C LEU A 29 19.78 6.13 -0.20
N THR A 30 19.16 6.76 0.79
CA THR A 30 19.90 7.44 1.84
C THR A 30 19.60 6.82 3.20
N MET A 31 18.67 5.87 3.23
CA MET A 31 18.30 5.21 4.47
C MET A 31 18.91 3.81 4.55
N SER A 32 18.81 3.07 3.45
CA SER A 32 19.36 1.71 3.38
C SER A 32 20.87 1.74 3.35
N PRO A 33 21.50 0.78 4.04
CA PRO A 33 22.97 0.67 4.10
C PRO A 33 23.57 0.25 2.77
N ASN A 34 22.78 -0.44 1.95
CA ASN A 34 23.24 -0.90 0.64
C ASN A 34 22.40 -0.30 -0.47
N PRO A 35 23.07 0.28 -1.48
CA PRO A 35 22.40 0.91 -2.62
C PRO A 35 21.74 -0.12 -3.53
N ASP A 36 22.49 -1.15 -3.91
CA ASP A 36 21.98 -2.20 -4.78
C ASP A 36 20.78 -2.89 -4.14
N ALA A 37 20.92 -3.26 -2.87
CA ALA A 37 19.85 -3.93 -2.14
C ALA A 37 18.66 -3.01 -1.95
N ALA A 38 18.93 -1.72 -1.80
CA ALA A 38 17.87 -0.73 -1.62
C ALA A 38 16.76 -0.90 -2.65
N GLU A 39 17.15 -1.19 -3.88
CA GLU A 39 16.19 -1.39 -4.96
C GLU A 39 14.98 -2.19 -4.48
N GLU A 40 15.25 -3.25 -3.72
CA GLU A 40 14.19 -4.10 -3.20
C GLU A 40 13.11 -3.27 -2.50
N GLU A 41 13.55 -2.27 -1.75
CA GLU A 41 12.63 -1.39 -1.03
C GLU A 41 11.79 -0.57 -2.01
N LEU A 42 10.69 -0.02 -1.52
CA LEU A 42 9.80 0.80 -2.34
C LEU A 42 9.68 2.21 -1.78
N PRO A 43 10.37 3.17 -2.42
CA PRO A 43 10.35 4.57 -2.01
C PRO A 43 9.00 5.23 -2.27
N PHE A 44 8.60 6.13 -1.37
CA PHE A 44 7.33 6.83 -1.51
C PHE A 44 7.30 8.08 -0.61
N LYS A 45 6.59 9.10 -1.05
CA LYS A 45 6.47 10.34 -0.30
C LYS A 45 5.25 10.31 0.62
N GLU A 46 5.27 11.15 1.65
CA GLU A 46 4.17 11.21 2.60
C GLU A 46 2.85 11.47 1.88
N GLY A 47 1.81 10.74 2.28
CA GLY A 47 0.51 10.90 1.66
C GLY A 47 0.31 9.99 0.46
N GLN A 48 1.42 9.57 -0.15
CA GLN A 48 1.37 8.70 -1.31
C GLN A 48 0.60 7.42 -1.00
N ILE A 49 -0.16 6.94 -1.97
CA ILE A 49 -0.94 5.73 -1.81
C ILE A 49 -0.19 4.51 -2.34
N ILE A 50 -0.23 3.42 -1.58
CA ILE A 50 0.45 2.18 -1.97
C ILE A 50 -0.52 1.00 -1.95
N LYS A 51 -0.69 0.37 -3.11
CA LYS A 51 -1.59 -0.77 -3.23
C LYS A 51 -0.91 -2.04 -2.69
N VAL A 52 -1.21 -2.38 -1.44
CA VAL A 52 -0.64 -3.56 -0.82
C VAL A 52 -1.29 -4.83 -1.35
N TYR A 53 -0.48 -5.77 -1.81
CA TYR A 53 -0.98 -7.03 -2.35
C TYR A 53 -0.50 -8.21 -1.50
N GLY A 54 -1.09 -8.36 -0.32
CA GLY A 54 -0.71 -9.45 0.56
C GLY A 54 -0.20 -8.95 1.91
N ASP A 55 0.53 -9.81 2.62
CA ASP A 55 1.07 -9.46 3.92
C ASP A 55 2.55 -9.12 3.82
N LYS A 56 3.19 -8.88 4.96
CA LYS A 56 4.61 -8.53 5.00
C LYS A 56 5.44 -9.74 5.40
N ASP A 57 6.76 -9.62 5.25
CA ASP A 57 7.67 -10.70 5.60
C ASP A 57 8.14 -10.57 7.04
N ALA A 58 8.92 -11.55 7.50
CA ALA A 58 9.44 -11.54 8.87
C ALA A 58 10.05 -10.19 9.21
N ASP A 59 10.69 -9.56 8.22
CA ASP A 59 11.31 -8.26 8.43
C ASP A 59 10.29 -7.23 8.89
N GLY A 60 9.08 -7.32 8.34
CA GLY A 60 8.04 -6.38 8.70
C GLY A 60 7.78 -5.34 7.64
N PHE A 61 7.77 -5.77 6.38
CA PHE A 61 7.54 -4.87 5.26
C PHE A 61 6.39 -5.35 4.39
N TYR A 62 5.48 -4.44 4.06
CA TYR A 62 4.33 -4.78 3.24
C TYR A 62 4.64 -4.55 1.76
N ARG A 63 4.79 -5.64 1.03
CA ARG A 63 5.09 -5.58 -0.39
C ARG A 63 3.90 -5.00 -1.17
N GLY A 64 3.93 -3.69 -1.40
CA GLY A 64 2.86 -3.05 -2.13
C GLY A 64 3.34 -2.39 -3.41
N GLU A 65 2.39 -1.87 -4.19
CA GLU A 65 2.73 -1.22 -5.46
C GLU A 65 2.34 0.25 -5.42
N THR A 66 3.09 1.07 -6.14
CA THR A 66 2.82 2.51 -6.20
C THR A 66 3.52 3.15 -7.39
N CYS A 67 2.90 4.19 -7.94
CA CYS A 67 3.45 4.90 -9.09
C CYS A 67 4.02 3.91 -10.10
N ALA A 68 3.28 2.83 -10.35
CA ALA A 68 3.71 1.82 -11.31
C ALA A 68 5.04 1.20 -10.89
N ARG A 69 5.23 1.04 -9.58
CA ARG A 69 6.46 0.47 -9.05
C ARG A 69 6.15 -0.57 -7.98
N LEU A 70 7.05 -1.54 -7.81
CA LEU A 70 6.87 -2.59 -6.82
C LEU A 70 8.08 -2.68 -5.90
N GLY A 71 7.83 -3.00 -4.63
CA GLY A 71 8.91 -3.11 -3.67
C GLY A 71 8.42 -3.39 -2.26
N LEU A 72 9.26 -3.14 -1.27
CA LEU A 72 8.90 -3.37 0.11
C LEU A 72 8.61 -2.05 0.82
N ILE A 73 7.60 -2.06 1.70
CA ILE A 73 7.22 -0.86 2.44
C ILE A 73 7.31 -1.10 3.94
N PRO A 74 7.98 -0.18 4.64
CA PRO A 74 8.16 -0.27 6.10
C PRO A 74 6.85 -0.04 6.85
N CYS A 75 6.24 -1.12 7.31
CA CYS A 75 4.98 -1.03 8.04
C CYS A 75 5.04 0.07 9.09
N ASN A 76 6.24 0.31 9.63
CA ASN A 76 6.43 1.34 10.64
C ASN A 76 6.01 2.71 10.11
N MET A 77 6.43 3.01 8.88
CA MET A 77 6.11 4.28 8.25
C MET A 77 4.65 4.32 7.81
N VAL A 78 4.33 3.57 6.76
CA VAL A 78 2.97 3.52 6.24
C VAL A 78 1.99 3.05 7.31
N SER A 79 0.72 2.94 6.94
CA SER A 79 -0.32 2.50 7.87
C SER A 79 -1.58 2.09 7.12
N GLU A 80 -2.40 1.27 7.77
CA GLU A 80 -3.65 0.79 7.16
C GLU A 80 -4.76 1.82 7.33
N ILE A 81 -5.07 2.52 6.25
CA ILE A 81 -6.12 3.54 6.27
C ILE A 81 -7.32 3.08 7.08
N GLN A 82 -7.99 4.02 7.73
CA GLN A 82 -9.16 3.70 8.53
C GLN A 82 -10.05 2.67 7.84
N ALA A 83 -10.70 1.82 8.64
CA ALA A 83 -11.57 0.78 8.10
C ALA A 83 -13.04 1.18 8.23
N ASP A 84 -13.30 2.48 8.19
CA ASP A 84 -14.66 2.99 8.31
C ASP A 84 -15.41 2.86 6.99
N ASP A 85 -14.77 3.29 5.91
CA ASP A 85 -15.36 3.22 4.58
C ASP A 85 -14.62 2.23 3.69
N GLU A 86 -15.29 1.18 3.27
CA GLU A 86 -14.68 0.16 2.43
C GLU A 86 -14.93 0.48 0.95
N GLU A 87 -14.12 1.39 0.41
CA GLU A 87 -14.24 1.78 -0.99
C GLU A 87 -13.19 1.09 -1.84
N MET A 88 -12.86 -0.15 -1.49
CA MET A 88 -11.87 -0.91 -2.22
C MET A 88 -12.53 -1.86 -3.23
N MET A 89 -11.71 -2.57 -3.98
CA MET A 89 -12.22 -3.52 -4.98
C MET A 89 -13.49 -4.20 -4.48
N ASP A 90 -14.56 -4.06 -5.25
CA ASP A 90 -15.84 -4.68 -4.89
C ASP A 90 -16.61 -5.12 -6.12
N GLN A 91 -17.66 -5.89 -5.91
CA GLN A 91 -18.48 -6.39 -7.02
C GLN A 91 -19.02 -5.24 -7.85
N SER A 92 -19.15 -5.47 -9.15
CA SER A 92 -19.65 -4.45 -10.08
C SER A 92 -21.12 -4.69 -10.40
N GLY A 93 -21.92 -3.62 -10.33
CA GLY A 93 -23.34 -3.74 -10.62
C GLY A 93 -24.13 -2.59 -10.04
N PRO A 94 -24.17 -1.46 -10.78
CA PRO A 94 -24.91 -0.27 -10.36
C PRO A 94 -26.42 -0.46 -10.40
N SER A 95 -26.90 -1.05 -11.50
CA SER A 95 -28.33 -1.30 -11.66
C SER A 95 -28.62 -2.80 -11.75
N SER A 96 -28.07 -3.55 -10.81
CA SER A 96 -28.27 -4.99 -10.78
C SER A 96 -29.72 -5.35 -10.52
N GLY A 97 -30.34 -6.08 -11.45
CA GLY A 97 -31.72 -6.47 -11.31
C GLY A 97 -32.64 -5.28 -11.11
N GLY A 1 18.90 -18.00 -14.74
CA GLY A 1 19.09 -17.43 -13.42
C GLY A 1 18.24 -18.10 -12.37
N SER A 2 16.97 -18.36 -12.70
CA SER A 2 16.06 -19.01 -11.77
C SER A 2 14.88 -19.64 -12.52
N SER A 3 14.04 -20.36 -11.79
CA SER A 3 12.89 -21.03 -12.37
C SER A 3 11.59 -20.37 -11.92
N GLY A 4 10.65 -20.24 -12.85
CA GLY A 4 9.37 -19.63 -12.52
C GLY A 4 8.28 -20.00 -13.51
N SER A 5 7.89 -19.04 -14.35
CA SER A 5 6.85 -19.27 -15.34
C SER A 5 5.57 -19.77 -14.68
N SER A 6 5.26 -19.21 -13.51
CA SER A 6 4.06 -19.60 -12.77
C SER A 6 3.36 -18.38 -12.20
N GLY A 7 2.12 -18.17 -12.62
CA GLY A 7 1.36 -17.03 -12.14
C GLY A 7 -0.08 -17.39 -11.80
N THR A 8 -0.91 -16.38 -11.60
CA THR A 8 -2.32 -16.61 -11.26
C THR A 8 -3.22 -16.30 -12.45
N ASP A 9 -4.39 -16.93 -12.47
CA ASP A 9 -5.35 -16.74 -13.54
C ASP A 9 -6.63 -16.09 -13.03
N PRO A 10 -6.61 -14.76 -12.90
CA PRO A 10 -7.75 -13.99 -12.41
C PRO A 10 -8.91 -13.98 -13.41
N GLY A 11 -10.05 -14.51 -12.99
CA GLY A 11 -11.21 -14.55 -13.86
C GLY A 11 -12.07 -13.29 -13.75
N ALA A 12 -13.36 -13.47 -13.54
CA ALA A 12 -14.28 -12.35 -13.42
C ALA A 12 -14.29 -11.81 -11.99
N GLU A 13 -13.12 -11.76 -11.37
CA GLU A 13 -13.00 -11.26 -10.01
C GLU A 13 -11.54 -11.08 -9.62
N GLU A 14 -11.23 -9.99 -8.92
CA GLU A 14 -9.87 -9.70 -8.49
C GLU A 14 -9.80 -9.52 -6.98
N LEU A 15 -8.60 -9.69 -6.42
CA LEU A 15 -8.41 -9.54 -4.98
C LEU A 15 -8.13 -8.08 -4.62
N PRO A 16 -8.63 -7.67 -3.44
CA PRO A 16 -8.45 -6.30 -2.95
C PRO A 16 -7.00 -6.02 -2.55
N ALA A 17 -6.52 -4.84 -2.91
CA ALA A 17 -5.16 -4.44 -2.60
C ALA A 17 -5.13 -3.45 -1.44
N ARG A 18 -4.85 -3.94 -0.24
CA ARG A 18 -4.79 -3.09 0.95
C ARG A 18 -4.24 -1.72 0.61
N ILE A 19 -5.03 -0.68 0.86
CA ILE A 19 -4.62 0.69 0.57
C ILE A 19 -3.94 1.31 1.79
N PHE A 20 -2.62 1.48 1.70
CA PHE A 20 -1.85 2.07 2.79
C PHE A 20 -1.22 3.39 2.35
N VAL A 21 -1.30 4.39 3.23
CA VAL A 21 -0.74 5.70 2.95
C VAL A 21 0.59 5.91 3.68
N ALA A 22 1.43 6.79 3.14
CA ALA A 22 2.72 7.08 3.74
C ALA A 22 2.61 8.21 4.78
N LEU A 23 2.99 7.91 6.02
CA LEU A 23 2.92 8.89 7.09
C LEU A 23 4.11 9.84 7.02
N PHE A 24 5.22 9.37 6.45
CA PHE A 24 6.42 10.18 6.33
C PHE A 24 7.27 9.72 5.14
N ASP A 25 7.75 10.68 4.36
CA ASP A 25 8.57 10.36 3.20
C ASP A 25 9.50 9.20 3.48
N TYR A 26 9.94 8.50 2.42
CA TYR A 26 10.83 7.36 2.57
C TYR A 26 11.91 7.39 1.49
N ASP A 27 13.16 7.33 1.94
CA ASP A 27 14.29 7.34 1.02
C ASP A 27 15.21 6.15 1.27
N PRO A 28 15.01 5.07 0.50
CA PRO A 28 15.81 3.84 0.62
C PRO A 28 17.24 4.03 0.14
N LEU A 29 17.49 5.15 -0.55
CA LEU A 29 18.81 5.45 -1.05
C LEU A 29 19.66 6.15 0.00
N THR A 30 19.01 6.91 0.86
CA THR A 30 19.71 7.64 1.92
C THR A 30 19.53 6.93 3.27
N MET A 31 18.29 6.57 3.59
CA MET A 31 18.00 5.88 4.85
C MET A 31 18.76 4.56 4.94
N SER A 32 18.36 3.60 4.11
CA SER A 32 18.99 2.29 4.10
C SER A 32 20.49 2.43 3.91
N PRO A 33 21.26 1.57 4.62
CA PRO A 33 22.72 1.56 4.53
C PRO A 33 23.23 1.06 3.19
N ASN A 34 22.73 -0.10 2.77
CA ASN A 34 23.14 -0.69 1.51
C ASN A 34 22.31 -0.12 0.35
N PRO A 35 23.00 0.49 -0.62
CA PRO A 35 22.36 1.10 -1.79
C PRO A 35 21.78 0.04 -2.74
N ASP A 36 22.54 -1.02 -2.96
CA ASP A 36 22.11 -2.10 -3.85
C ASP A 36 20.75 -2.65 -3.41
N ALA A 37 20.65 -3.00 -2.14
CA ALA A 37 19.42 -3.54 -1.58
C ALA A 37 18.28 -2.52 -1.68
N ALA A 38 18.62 -1.25 -1.51
CA ALA A 38 17.63 -0.18 -1.57
C ALA A 38 16.65 -0.42 -2.71
N GLU A 39 17.14 -1.00 -3.80
CA GLU A 39 16.30 -1.28 -4.96
C GLU A 39 15.06 -2.08 -4.56
N GLU A 40 15.26 -3.07 -3.71
CA GLU A 40 14.16 -3.90 -3.24
C GLU A 40 13.10 -3.06 -2.54
N GLU A 41 13.54 -2.01 -1.86
CA GLU A 41 12.64 -1.12 -1.14
C GLU A 41 11.87 -0.22 -2.09
N LEU A 42 10.64 0.10 -1.74
CA LEU A 42 9.80 0.96 -2.57
C LEU A 42 9.66 2.35 -1.96
N PRO A 43 10.38 3.32 -2.54
CA PRO A 43 10.36 4.71 -2.08
C PRO A 43 9.03 5.40 -2.36
N PHE A 44 8.58 6.23 -1.43
CA PHE A 44 7.33 6.95 -1.58
C PHE A 44 7.31 8.21 -0.72
N LYS A 45 6.48 9.16 -1.10
CA LYS A 45 6.38 10.43 -0.37
C LYS A 45 5.16 10.41 0.55
N GLU A 46 5.22 11.20 1.63
CA GLU A 46 4.14 11.27 2.59
C GLU A 46 2.81 11.56 1.89
N GLY A 47 1.81 10.73 2.16
CA GLY A 47 0.50 10.92 1.54
C GLY A 47 0.32 10.04 0.33
N GLN A 48 1.41 9.48 -0.18
CA GLN A 48 1.35 8.62 -1.35
C GLN A 48 0.56 7.35 -1.06
N ILE A 49 -0.19 6.89 -2.05
CA ILE A 49 -1.00 5.68 -1.90
C ILE A 49 -0.26 4.45 -2.42
N ILE A 50 -0.05 3.48 -1.55
CA ILE A 50 0.64 2.25 -1.94
C ILE A 50 -0.28 1.04 -1.83
N LYS A 51 -0.47 0.36 -2.95
CA LYS A 51 -1.33 -0.81 -3.00
C LYS A 51 -0.60 -2.04 -2.45
N VAL A 52 -0.80 -2.33 -1.17
CA VAL A 52 -0.16 -3.47 -0.53
C VAL A 52 -0.83 -4.78 -0.95
N TYR A 53 -0.09 -5.88 -0.85
CA TYR A 53 -0.60 -7.18 -1.22
C TYR A 53 -0.20 -8.24 -0.20
N GLY A 54 -1.10 -9.19 0.05
CA GLY A 54 -0.82 -10.24 1.00
C GLY A 54 -0.29 -9.70 2.32
N ASP A 55 0.31 -10.59 3.12
CA ASP A 55 0.86 -10.19 4.41
C ASP A 55 2.33 -9.77 4.26
N LYS A 56 2.93 -9.35 5.38
CA LYS A 56 4.32 -8.92 5.38
C LYS A 56 5.24 -10.05 5.83
N ASP A 57 6.42 -10.12 5.22
CA ASP A 57 7.39 -11.15 5.58
C ASP A 57 7.87 -10.97 7.02
N ALA A 58 8.63 -11.95 7.50
CA ALA A 58 9.15 -11.91 8.87
C ALA A 58 9.69 -10.52 9.20
N ASP A 59 10.47 -9.96 8.29
CA ASP A 59 11.05 -8.63 8.48
C ASP A 59 9.98 -7.62 8.87
N GLY A 60 8.81 -7.74 8.24
CA GLY A 60 7.72 -6.81 8.53
C GLY A 60 7.50 -5.79 7.43
N PHE A 61 7.79 -6.20 6.20
CA PHE A 61 7.64 -5.30 5.05
C PHE A 61 6.37 -5.65 4.26
N TYR A 62 5.63 -4.62 3.87
CA TYR A 62 4.40 -4.81 3.11
C TYR A 62 4.64 -4.59 1.62
N ARG A 63 4.82 -5.68 0.88
CA ARG A 63 5.06 -5.59 -0.55
C ARG A 63 3.87 -4.96 -1.27
N GLY A 64 3.99 -3.66 -1.57
CA GLY A 64 2.93 -2.95 -2.24
C GLY A 64 3.39 -2.31 -3.54
N GLU A 65 2.44 -1.76 -4.29
CA GLU A 65 2.75 -1.12 -5.57
C GLU A 65 2.34 0.35 -5.54
N THR A 66 3.16 1.20 -6.15
CA THR A 66 2.88 2.63 -6.20
C THR A 66 3.66 3.30 -7.33
N CYS A 67 3.02 4.24 -8.01
CA CYS A 67 3.66 4.96 -9.11
C CYS A 67 4.19 3.99 -10.15
N ALA A 68 3.38 3.02 -10.53
CA ALA A 68 3.77 2.02 -11.53
C ALA A 68 5.09 1.35 -11.12
N ARG A 69 5.33 1.25 -9.83
CA ARG A 69 6.54 0.63 -9.32
C ARG A 69 6.22 -0.42 -8.25
N LEU A 70 7.13 -1.37 -8.07
CA LEU A 70 6.94 -2.42 -7.08
C LEU A 70 8.13 -2.50 -6.14
N GLY A 71 7.86 -2.85 -4.88
CA GLY A 71 8.92 -2.96 -3.89
C GLY A 71 8.39 -3.28 -2.51
N LEU A 72 9.21 -3.01 -1.49
CA LEU A 72 8.82 -3.25 -0.11
C LEU A 72 8.48 -1.95 0.61
N ILE A 73 7.53 -2.02 1.54
CA ILE A 73 7.12 -0.85 2.30
C ILE A 73 7.26 -1.09 3.80
N PRO A 74 7.87 -0.14 4.50
CA PRO A 74 8.07 -0.22 5.96
C PRO A 74 6.77 -0.10 6.73
N CYS A 75 6.29 -1.22 7.25
CA CYS A 75 5.04 -1.24 8.01
C CYS A 75 5.12 -0.29 9.20
N ASN A 76 6.34 0.16 9.51
CA ASN A 76 6.54 1.08 10.63
C ASN A 76 6.21 2.51 10.22
N MET A 77 6.40 2.82 8.95
CA MET A 77 6.11 4.16 8.43
C MET A 77 4.67 4.26 7.98
N VAL A 78 4.35 3.62 6.86
CA VAL A 78 3.00 3.64 6.33
C VAL A 78 1.97 3.26 7.39
N SER A 79 0.69 3.43 7.06
CA SER A 79 -0.38 3.10 7.99
C SER A 79 -1.57 2.48 7.25
N GLU A 80 -2.37 1.71 7.97
CA GLU A 80 -3.54 1.06 7.39
C GLU A 80 -4.73 2.00 7.37
N ILE A 81 -5.37 2.12 6.20
CA ILE A 81 -6.53 2.98 6.05
C ILE A 81 -7.81 2.26 6.47
N GLN A 82 -8.73 3.01 7.09
CA GLN A 82 -9.99 2.44 7.54
C GLN A 82 -10.82 1.94 6.36
N ALA A 83 -11.92 1.27 6.65
CA ALA A 83 -12.80 0.74 5.61
C ALA A 83 -13.80 1.79 5.16
N ASP A 84 -13.31 2.82 4.48
CA ASP A 84 -14.17 3.90 4.00
C ASP A 84 -14.96 3.44 2.78
N ASP A 85 -14.38 2.54 1.99
CA ASP A 85 -15.04 2.01 0.80
C ASP A 85 -16.42 1.44 1.15
N GLU A 86 -17.36 1.61 0.23
CA GLU A 86 -18.71 1.10 0.44
C GLU A 86 -18.94 -0.21 -0.31
N GLU A 87 -19.83 -1.04 0.22
CA GLU A 87 -20.13 -2.33 -0.40
C GLU A 87 -20.13 -2.22 -1.91
N MET A 88 -19.85 -3.32 -2.59
CA MET A 88 -19.82 -3.36 -4.04
C MET A 88 -21.18 -2.96 -4.62
N MET A 89 -22.21 -3.05 -3.79
CA MET A 89 -23.57 -2.71 -4.21
C MET A 89 -23.60 -1.32 -4.84
N ASP A 90 -23.53 -1.28 -6.17
CA ASP A 90 -23.55 -0.02 -6.90
C ASP A 90 -23.59 -0.26 -8.40
N GLN A 91 -23.67 0.83 -9.16
CA GLN A 91 -23.72 0.73 -10.62
C GLN A 91 -22.86 -0.43 -11.12
N SER A 92 -23.40 -1.17 -12.08
CA SER A 92 -22.69 -2.32 -12.64
C SER A 92 -22.48 -2.14 -14.14
N GLY A 93 -21.66 -3.02 -14.73
CA GLY A 93 -21.39 -2.94 -16.14
C GLY A 93 -21.76 -4.22 -16.87
N PRO A 94 -23.06 -4.37 -17.20
CA PRO A 94 -23.56 -5.54 -17.90
C PRO A 94 -23.09 -5.61 -19.36
N SER A 95 -23.43 -6.70 -20.03
CA SER A 95 -23.04 -6.88 -21.43
C SER A 95 -24.22 -7.31 -22.28
N SER A 96 -24.00 -7.39 -23.59
CA SER A 96 -25.05 -7.79 -24.51
C SER A 96 -24.60 -8.95 -25.40
N GLY A 97 -25.54 -9.80 -25.78
CA GLY A 97 -25.22 -10.93 -26.62
C GLY A 97 -25.54 -12.26 -25.96
N GLY A 1 -2.80 12.19 -14.21
CA GLY A 1 -3.22 11.33 -13.13
C GLY A 1 -4.72 11.10 -13.13
N SER A 2 -5.16 10.13 -13.92
CA SER A 2 -6.59 9.82 -14.01
C SER A 2 -7.22 9.77 -12.62
N SER A 3 -8.51 10.09 -12.55
CA SER A 3 -9.23 10.08 -11.29
C SER A 3 -10.46 9.18 -11.36
N GLY A 4 -11.03 8.87 -10.20
CA GLY A 4 -12.20 8.01 -10.15
C GLY A 4 -11.83 6.54 -10.09
N SER A 5 -11.18 6.05 -11.13
CA SER A 5 -10.78 4.65 -11.19
C SER A 5 -9.45 4.49 -11.92
N SER A 6 -8.68 3.48 -11.53
CA SER A 6 -7.37 3.22 -12.15
C SER A 6 -7.54 2.53 -13.50
N GLY A 7 -8.33 1.46 -13.51
CA GLY A 7 -8.56 0.72 -14.74
C GLY A 7 -9.33 -0.56 -14.51
N THR A 8 -10.60 -0.42 -14.13
CA THR A 8 -11.45 -1.58 -13.87
C THR A 8 -11.70 -2.37 -15.15
N ASP A 9 -12.26 -3.56 -15.00
CA ASP A 9 -12.56 -4.42 -16.15
C ASP A 9 -13.69 -5.38 -15.82
N PRO A 10 -14.53 -5.69 -16.83
CA PRO A 10 -15.66 -6.60 -16.68
C PRO A 10 -15.22 -8.04 -16.49
N GLY A 11 -13.97 -8.32 -16.82
CA GLY A 11 -13.44 -9.67 -16.68
C GLY A 11 -13.85 -10.31 -15.36
N ALA A 12 -13.10 -10.04 -14.31
CA ALA A 12 -13.39 -10.59 -12.99
C ALA A 12 -12.57 -9.90 -11.91
N GLU A 13 -13.19 -9.67 -10.75
CA GLU A 13 -12.52 -9.02 -9.64
C GLU A 13 -11.26 -9.78 -9.24
N GLU A 14 -10.38 -9.11 -8.49
CA GLU A 14 -9.14 -9.72 -8.05
C GLU A 14 -8.94 -9.53 -6.55
N LEU A 15 -7.88 -10.12 -6.02
CA LEU A 15 -7.57 -10.01 -4.59
C LEU A 15 -7.65 -8.56 -4.12
N PRO A 16 -8.14 -8.36 -2.90
CA PRO A 16 -8.27 -7.02 -2.30
C PRO A 16 -6.92 -6.39 -1.99
N ALA A 17 -6.65 -5.25 -2.61
CA ALA A 17 -5.39 -4.54 -2.38
C ALA A 17 -5.50 -3.58 -1.20
N ARG A 18 -4.83 -3.93 -0.10
CA ARG A 18 -4.85 -3.11 1.10
C ARG A 18 -4.24 -1.73 0.82
N ILE A 19 -5.06 -0.69 0.97
CA ILE A 19 -4.59 0.67 0.74
C ILE A 19 -3.87 1.22 1.96
N PHE A 20 -2.60 1.57 1.77
CA PHE A 20 -1.79 2.12 2.86
C PHE A 20 -1.19 3.48 2.47
N VAL A 21 -1.36 4.46 3.35
CA VAL A 21 -0.85 5.79 3.11
C VAL A 21 0.49 6.00 3.82
N ALA A 22 1.31 6.88 3.26
CA ALA A 22 2.62 7.17 3.83
C ALA A 22 2.53 8.28 4.88
N LEU A 23 2.95 7.98 6.10
CA LEU A 23 2.91 8.95 7.18
C LEU A 23 4.15 9.85 7.16
N PHE A 24 5.19 9.40 6.45
CA PHE A 24 6.42 10.16 6.35
C PHE A 24 7.19 9.77 5.09
N ASP A 25 7.87 10.75 4.49
CA ASP A 25 8.65 10.51 3.28
C ASP A 25 9.65 9.37 3.49
N TYR A 26 9.66 8.42 2.57
CA TYR A 26 10.57 7.29 2.65
C TYR A 26 11.66 7.36 1.58
N ASP A 27 12.91 7.34 2.01
CA ASP A 27 14.04 7.42 1.08
C ASP A 27 15.01 6.27 1.33
N PRO A 28 14.86 5.18 0.55
CA PRO A 28 15.72 4.00 0.67
C PRO A 28 17.14 4.28 0.19
N LEU A 29 17.32 5.34 -0.57
CA LEU A 29 18.63 5.71 -1.10
C LEU A 29 19.51 6.30 0.00
N THR A 30 18.88 6.97 0.96
CA THR A 30 19.61 7.58 2.07
C THR A 30 19.39 6.79 3.36
N MET A 31 18.13 6.50 3.66
CA MET A 31 17.78 5.75 4.86
C MET A 31 18.50 4.41 4.89
N SER A 32 18.27 3.59 3.87
CA SER A 32 18.89 2.28 3.79
C SER A 32 20.41 2.38 3.81
N PRO A 33 21.06 1.46 4.51
CA PRO A 33 22.52 1.43 4.63
C PRO A 33 23.21 1.05 3.32
N ASN A 34 22.55 0.21 2.53
CA ASN A 34 23.09 -0.23 1.25
C ASN A 34 22.15 0.13 0.11
N PRO A 35 22.69 0.76 -0.94
CA PRO A 35 21.92 1.17 -2.11
C PRO A 35 21.45 -0.02 -2.94
N ASP A 36 22.39 -0.91 -3.26
CA ASP A 36 22.08 -2.09 -4.06
C ASP A 36 20.86 -2.82 -3.50
N ALA A 37 20.83 -2.99 -2.18
CA ALA A 37 19.71 -3.66 -1.53
C ALA A 37 18.50 -2.74 -1.41
N ALA A 38 18.77 -1.44 -1.45
CA ALA A 38 17.70 -0.44 -1.34
C ALA A 38 16.71 -0.57 -2.50
N GLU A 39 17.18 -1.13 -3.60
CA GLU A 39 16.33 -1.31 -4.78
C GLU A 39 15.09 -2.13 -4.45
N GLU A 40 15.25 -3.07 -3.51
CA GLU A 40 14.14 -3.92 -3.10
C GLU A 40 13.08 -3.11 -2.36
N GLU A 41 13.49 -2.00 -1.77
CA GLU A 41 12.58 -1.13 -1.04
C GLU A 41 11.80 -0.22 -1.99
N LEU A 42 10.54 0.03 -1.67
CA LEU A 42 9.69 0.89 -2.49
C LEU A 42 9.55 2.27 -1.87
N PRO A 43 10.25 3.25 -2.46
CA PRO A 43 10.21 4.64 -1.98
C PRO A 43 8.87 5.31 -2.24
N PHE A 44 8.42 6.11 -1.28
CA PHE A 44 7.15 6.81 -1.40
C PHE A 44 7.15 8.09 -0.57
N LYS A 45 6.57 9.15 -1.13
CA LYS A 45 6.50 10.44 -0.44
C LYS A 45 5.29 10.49 0.50
N GLU A 46 5.43 11.24 1.58
CA GLU A 46 4.35 11.38 2.56
C GLU A 46 3.03 11.67 1.86
N GLY A 47 1.94 11.18 2.45
CA GLY A 47 0.62 11.39 1.86
C GLY A 47 0.45 10.68 0.54
N GLN A 48 1.22 9.62 0.33
CA GLN A 48 1.16 8.86 -0.91
C GLN A 48 0.33 7.59 -0.72
N ILE A 49 -0.19 7.06 -1.83
CA ILE A 49 -1.01 5.85 -1.78
C ILE A 49 -0.23 4.65 -2.32
N ILE A 50 -0.34 3.52 -1.62
CA ILE A 50 0.35 2.30 -2.04
C ILE A 50 -0.58 1.10 -1.95
N LYS A 51 -0.55 0.25 -2.97
CA LYS A 51 -1.38 -0.94 -3.01
C LYS A 51 -0.64 -2.14 -2.43
N VAL A 52 -0.96 -2.47 -1.18
CA VAL A 52 -0.33 -3.60 -0.51
C VAL A 52 -0.95 -4.92 -0.94
N TYR A 53 -0.10 -5.94 -1.10
CA TYR A 53 -0.56 -7.26 -1.52
C TYR A 53 -0.02 -8.34 -0.60
N GLY A 54 -0.93 -9.12 -0.01
CA GLY A 54 -0.51 -10.19 0.87
C GLY A 54 0.09 -9.66 2.16
N ASP A 55 0.06 -10.48 3.21
CA ASP A 55 0.61 -10.11 4.51
C ASP A 55 2.06 -9.66 4.37
N LYS A 56 2.69 -9.36 5.50
CA LYS A 56 4.08 -8.91 5.51
C LYS A 56 5.01 -10.06 5.86
N ASP A 57 6.17 -10.10 5.22
CA ASP A 57 7.16 -11.15 5.46
C ASP A 57 7.68 -11.07 6.90
N ALA A 58 8.65 -11.93 7.21
CA ALA A 58 9.23 -11.96 8.55
C ALA A 58 9.83 -10.60 8.91
N ASP A 59 10.64 -10.06 8.01
CA ASP A 59 11.28 -8.76 8.24
C ASP A 59 10.25 -7.73 8.70
N GLY A 60 9.04 -7.83 8.18
CA GLY A 60 7.98 -6.89 8.54
C GLY A 60 7.73 -5.85 7.48
N PHE A 61 7.84 -6.27 6.22
CA PHE A 61 7.62 -5.35 5.09
C PHE A 61 6.32 -5.68 4.37
N TYR A 62 5.78 -4.69 3.67
CA TYR A 62 4.53 -4.87 2.93
C TYR A 62 4.74 -4.63 1.44
N ARG A 63 5.00 -5.71 0.71
CA ARG A 63 5.22 -5.62 -0.73
C ARG A 63 4.04 -4.93 -1.42
N GLY A 64 4.16 -3.62 -1.62
CA GLY A 64 3.09 -2.87 -2.27
C GLY A 64 3.50 -2.36 -3.64
N GLU A 65 2.53 -1.83 -4.38
CA GLU A 65 2.79 -1.30 -5.70
C GLU A 65 2.30 0.15 -5.83
N THR A 66 3.14 0.99 -6.42
CA THR A 66 2.81 2.40 -6.59
C THR A 66 3.60 3.02 -7.74
N CYS A 67 3.01 4.02 -8.39
CA CYS A 67 3.66 4.69 -9.50
C CYS A 67 4.34 3.68 -10.43
N ALA A 68 3.55 2.73 -10.92
CA ALA A 68 4.06 1.70 -11.82
C ALA A 68 5.35 1.08 -11.27
N ARG A 69 5.48 1.08 -9.95
CA ARG A 69 6.65 0.51 -9.31
C ARG A 69 6.29 -0.68 -8.42
N LEU A 70 7.29 -1.38 -7.94
CA LEU A 70 7.08 -2.54 -7.08
C LEU A 70 8.24 -2.74 -6.12
N GLY A 71 7.94 -2.71 -4.82
CA GLY A 71 8.97 -2.88 -3.81
C GLY A 71 8.39 -3.17 -2.44
N LEU A 72 9.26 -3.14 -1.43
CA LEU A 72 8.82 -3.40 -0.05
C LEU A 72 8.50 -2.09 0.67
N ILE A 73 7.48 -2.14 1.52
CA ILE A 73 7.07 -0.96 2.27
C ILE A 73 7.17 -1.20 3.77
N PRO A 74 7.83 -0.28 4.49
CA PRO A 74 8.01 -0.38 5.94
C PRO A 74 6.70 -0.16 6.70
N CYS A 75 6.26 -1.20 7.41
CA CYS A 75 5.02 -1.13 8.18
C CYS A 75 5.13 -0.10 9.29
N ASN A 76 6.34 0.41 9.49
CA ASN A 76 6.59 1.41 10.53
C ASN A 76 6.29 2.81 10.03
N MET A 77 6.52 3.04 8.73
CA MET A 77 6.26 4.34 8.13
C MET A 77 4.80 4.46 7.71
N VAL A 78 4.40 3.66 6.72
CA VAL A 78 3.02 3.69 6.24
C VAL A 78 2.04 3.36 7.35
N SER A 79 0.75 3.35 7.01
CA SER A 79 -0.29 3.05 7.98
C SER A 79 -1.52 2.47 7.30
N GLU A 80 -2.36 1.79 8.08
CA GLU A 80 -3.58 1.18 7.55
C GLU A 80 -4.74 2.16 7.61
N ILE A 81 -5.39 2.37 6.46
CA ILE A 81 -6.53 3.28 6.38
C ILE A 81 -7.82 2.58 6.76
N GLN A 82 -8.74 3.32 7.36
CA GLN A 82 -10.02 2.77 7.77
C GLN A 82 -10.75 2.16 6.58
N ALA A 83 -11.53 1.11 6.85
CA ALA A 83 -12.29 0.43 5.80
C ALA A 83 -12.92 1.43 4.85
N ASP A 84 -12.85 1.14 3.56
CA ASP A 84 -13.43 2.01 2.54
C ASP A 84 -14.41 1.25 1.66
N ASP A 85 -13.96 0.11 1.13
CA ASP A 85 -14.80 -0.71 0.27
C ASP A 85 -16.24 -0.72 0.76
N GLU A 86 -17.16 -0.28 -0.09
CA GLU A 86 -18.58 -0.24 0.26
C GLU A 86 -19.25 -1.58 -0.03
N GLU A 87 -20.46 -1.76 0.49
CA GLU A 87 -21.21 -3.00 0.28
C GLU A 87 -21.12 -3.45 -1.18
N MET A 88 -20.67 -4.67 -1.38
CA MET A 88 -20.54 -5.23 -2.73
C MET A 88 -21.87 -5.80 -3.20
N MET A 89 -22.96 -5.16 -2.81
CA MET A 89 -24.29 -5.61 -3.20
C MET A 89 -24.39 -7.13 -3.14
N ASP A 90 -23.69 -7.73 -2.18
CA ASP A 90 -23.71 -9.18 -2.01
C ASP A 90 -25.11 -9.67 -1.68
N GLN A 91 -25.35 -10.94 -1.96
CA GLN A 91 -26.66 -11.55 -1.69
C GLN A 91 -27.76 -10.84 -2.48
N SER A 92 -27.44 -10.45 -3.71
CA SER A 92 -28.40 -9.76 -4.56
C SER A 92 -28.50 -10.44 -5.93
N GLY A 93 -29.48 -11.32 -6.06
CA GLY A 93 -29.67 -12.03 -7.32
C GLY A 93 -29.35 -11.16 -8.52
N PRO A 94 -28.82 -11.80 -9.59
CA PRO A 94 -28.45 -11.09 -10.82
C PRO A 94 -29.68 -10.62 -11.60
N SER A 95 -30.63 -11.53 -11.81
CA SER A 95 -31.84 -11.19 -12.54
C SER A 95 -31.51 -10.70 -13.94
N SER A 96 -30.40 -11.17 -14.49
CA SER A 96 -29.97 -10.77 -15.83
C SER A 96 -29.70 -11.98 -16.70
N GLY A 97 -30.40 -12.04 -17.85
CA GLY A 97 -30.21 -13.16 -18.76
C GLY A 97 -30.91 -14.42 -18.28
N GLY A 1 15.09 4.27 -22.64
CA GLY A 1 14.51 4.22 -21.30
C GLY A 1 13.07 3.76 -21.30
N SER A 2 12.77 2.79 -20.45
CA SER A 2 11.41 2.26 -20.36
C SER A 2 10.39 3.38 -20.19
N SER A 3 9.16 3.13 -20.65
CA SER A 3 8.11 4.12 -20.55
C SER A 3 6.74 3.47 -20.76
N GLY A 4 5.68 4.19 -20.36
CA GLY A 4 4.33 3.67 -20.51
C GLY A 4 3.95 2.73 -19.38
N SER A 5 2.72 2.88 -18.89
CA SER A 5 2.24 2.04 -17.79
C SER A 5 0.91 1.38 -18.17
N SER A 6 0.92 0.05 -18.20
CA SER A 6 -0.28 -0.71 -18.54
C SER A 6 -1.42 -0.40 -17.57
N GLY A 7 -2.58 -0.09 -18.12
CA GLY A 7 -3.74 0.22 -17.30
C GLY A 7 -4.67 -0.97 -17.12
N THR A 8 -5.12 -1.18 -15.89
CA THR A 8 -6.01 -2.30 -15.59
C THR A 8 -7.27 -2.24 -16.46
N ASP A 9 -7.50 -3.29 -17.23
CA ASP A 9 -8.66 -3.37 -18.10
C ASP A 9 -9.85 -3.98 -17.37
N PRO A 10 -11.05 -3.44 -17.63
CA PRO A 10 -12.29 -3.92 -17.00
C PRO A 10 -12.69 -5.30 -17.51
N GLY A 11 -12.23 -6.33 -16.83
CA GLY A 11 -12.55 -7.70 -17.23
C GLY A 11 -13.36 -8.43 -16.18
N ALA A 12 -12.75 -8.68 -15.03
CA ALA A 12 -13.42 -9.39 -13.94
C ALA A 12 -12.91 -8.91 -12.59
N GLU A 13 -13.61 -9.28 -11.53
CA GLU A 13 -13.23 -8.90 -10.17
C GLU A 13 -11.73 -9.08 -9.95
N GLU A 14 -11.22 -8.50 -8.87
CA GLU A 14 -9.80 -8.61 -8.56
C GLU A 14 -9.59 -8.78 -7.06
N LEU A 15 -8.42 -9.26 -6.68
CA LEU A 15 -8.10 -9.48 -5.28
C LEU A 15 -8.07 -8.15 -4.51
N PRO A 16 -8.51 -8.19 -3.24
CA PRO A 16 -8.55 -7.00 -2.39
C PRO A 16 -7.15 -6.54 -1.99
N ALA A 17 -6.82 -5.30 -2.33
CA ALA A 17 -5.51 -4.73 -2.00
C ALA A 17 -5.63 -3.70 -0.89
N ARG A 18 -5.02 -3.99 0.25
CA ARG A 18 -5.05 -3.08 1.40
C ARG A 18 -4.41 -1.74 1.04
N ILE A 19 -5.24 -0.70 0.96
CA ILE A 19 -4.75 0.63 0.62
C ILE A 19 -4.03 1.26 1.81
N PHE A 20 -2.72 1.42 1.68
CA PHE A 20 -1.91 2.01 2.74
C PHE A 20 -1.36 3.37 2.32
N VAL A 21 -1.29 4.30 3.27
CA VAL A 21 -0.78 5.63 2.99
C VAL A 21 0.52 5.90 3.74
N ALA A 22 1.43 6.62 3.10
CA ALA A 22 2.71 6.95 3.70
C ALA A 22 2.59 8.12 4.67
N LEU A 23 3.05 7.91 5.90
CA LEU A 23 2.99 8.94 6.93
C LEU A 23 4.20 9.86 6.85
N PHE A 24 5.28 9.35 6.26
CA PHE A 24 6.50 10.14 6.11
C PHE A 24 7.31 9.66 4.91
N ASP A 25 7.78 10.61 4.11
CA ASP A 25 8.57 10.30 2.92
C ASP A 25 9.60 9.21 3.23
N TYR A 26 9.98 8.46 2.20
CA TYR A 26 10.96 7.39 2.36
C TYR A 26 11.99 7.43 1.24
N ASP A 27 13.26 7.54 1.62
CA ASP A 27 14.35 7.59 0.65
C ASP A 27 15.33 6.43 0.87
N PRO A 28 15.12 5.34 0.12
CA PRO A 28 15.97 4.14 0.22
C PRO A 28 17.37 4.38 -0.33
N LEU A 29 17.55 5.52 -0.98
CA LEU A 29 18.85 5.87 -1.57
C LEU A 29 19.63 6.80 -0.64
N THR A 30 18.92 7.44 0.28
CA THR A 30 19.54 8.35 1.23
C THR A 30 19.32 7.89 2.67
N MET A 31 18.86 6.65 2.82
CA MET A 31 18.61 6.08 4.14
C MET A 31 19.28 4.72 4.27
N SER A 32 18.96 3.81 3.36
CA SER A 32 19.52 2.47 3.39
C SER A 32 21.04 2.51 3.26
N PRO A 33 21.72 1.61 3.99
CA PRO A 33 23.18 1.53 3.97
C PRO A 33 23.72 1.02 2.65
N ASN A 34 22.96 0.14 2.00
CA ASN A 34 23.37 -0.42 0.72
C ASN A 34 22.38 -0.03 -0.38
N PRO A 35 22.91 0.53 -1.48
CA PRO A 35 22.10 0.96 -2.62
C PRO A 35 21.52 -0.22 -3.40
N ASP A 36 22.34 -1.26 -3.56
CA ASP A 36 21.90 -2.45 -4.28
C ASP A 36 20.68 -3.07 -3.63
N ALA A 37 20.77 -3.32 -2.33
CA ALA A 37 19.67 -3.92 -1.58
C ALA A 37 18.48 -2.97 -1.50
N ALA A 38 18.76 -1.68 -1.64
CA ALA A 38 17.71 -0.66 -1.59
C ALA A 38 16.67 -0.90 -2.67
N GLU A 39 17.04 -1.65 -3.70
CA GLU A 39 16.14 -1.95 -4.80
C GLU A 39 14.85 -2.60 -4.29
N GLU A 40 14.99 -3.54 -3.37
CA GLU A 40 13.84 -4.23 -2.80
C GLU A 40 12.88 -3.24 -2.14
N GLU A 41 13.45 -2.18 -1.57
CA GLU A 41 12.64 -1.16 -0.91
C GLU A 41 11.93 -0.27 -1.94
N LEU A 42 10.70 0.13 -1.62
CA LEU A 42 9.92 0.96 -2.52
C LEU A 42 9.77 2.37 -1.95
N PRO A 43 10.42 3.35 -2.61
CA PRO A 43 10.39 4.75 -2.20
C PRO A 43 9.02 5.38 -2.41
N PHE A 44 8.60 6.22 -1.46
CA PHE A 44 7.31 6.89 -1.55
C PHE A 44 7.28 8.13 -0.66
N LYS A 45 6.55 9.14 -1.10
CA LYS A 45 6.44 10.38 -0.35
C LYS A 45 5.21 10.36 0.56
N GLU A 46 5.21 11.22 1.58
CA GLU A 46 4.09 11.29 2.52
C GLU A 46 2.78 11.60 1.78
N GLY A 47 1.76 10.80 2.06
CA GLY A 47 0.47 11.00 1.42
C GLY A 47 0.32 10.19 0.15
N GLN A 48 1.28 9.31 -0.10
CA GLN A 48 1.25 8.47 -1.29
C GLN A 48 0.49 7.17 -1.03
N ILE A 49 -0.21 6.69 -2.04
CA ILE A 49 -0.99 5.46 -1.92
C ILE A 49 -0.21 4.27 -2.46
N ILE A 50 -0.04 3.25 -1.62
CA ILE A 50 0.68 2.04 -2.01
C ILE A 50 -0.22 0.81 -1.92
N LYS A 51 -0.52 0.21 -3.07
CA LYS A 51 -1.36 -0.97 -3.13
C LYS A 51 -0.64 -2.18 -2.51
N VAL A 52 -0.94 -2.45 -1.24
CA VAL A 52 -0.33 -3.57 -0.54
C VAL A 52 -0.95 -4.89 -0.96
N TYR A 53 -0.11 -5.91 -1.18
CA TYR A 53 -0.58 -7.21 -1.59
C TYR A 53 -0.09 -8.30 -0.62
N GLY A 54 -1.05 -8.98 0.01
CA GLY A 54 -0.69 -10.03 0.95
C GLY A 54 -0.03 -9.50 2.20
N ASP A 55 0.24 -10.39 3.15
CA ASP A 55 0.88 -9.99 4.40
C ASP A 55 2.32 -9.55 4.15
N LYS A 56 3.01 -9.15 5.22
CA LYS A 56 4.40 -8.71 5.12
C LYS A 56 5.36 -9.84 5.46
N ASP A 57 6.48 -9.89 4.76
CA ASP A 57 7.48 -10.93 4.98
C ASP A 57 7.86 -11.00 6.46
N ALA A 58 8.79 -11.89 6.79
CA ALA A 58 9.25 -12.05 8.16
C ALA A 58 9.80 -10.74 8.72
N ASP A 59 10.65 -10.08 7.94
CA ASP A 59 11.24 -8.81 8.36
C ASP A 59 10.16 -7.84 8.83
N GLY A 60 9.03 -7.84 8.14
CA GLY A 60 7.95 -6.94 8.50
C GLY A 60 7.72 -5.85 7.48
N PHE A 61 7.79 -6.22 6.20
CA PHE A 61 7.59 -5.27 5.12
C PHE A 61 6.34 -5.61 4.31
N TYR A 62 5.57 -4.59 3.97
CA TYR A 62 4.34 -4.79 3.19
C TYR A 62 4.59 -4.55 1.71
N ARG A 63 4.86 -5.62 0.98
CA ARG A 63 5.11 -5.53 -0.46
C ARG A 63 3.93 -4.89 -1.18
N GLY A 64 4.04 -3.58 -1.45
CA GLY A 64 2.97 -2.88 -2.13
C GLY A 64 3.43 -2.20 -3.40
N GLU A 65 2.48 -1.73 -4.20
CA GLU A 65 2.81 -1.06 -5.46
C GLU A 65 2.40 0.41 -5.42
N THR A 66 3.16 1.25 -6.11
CA THR A 66 2.88 2.68 -6.15
C THR A 66 3.65 3.37 -7.27
N CYS A 67 3.15 4.51 -7.72
CA CYS A 67 3.79 5.26 -8.79
C CYS A 67 4.39 4.31 -9.83
N ALA A 68 3.63 3.28 -10.18
CA ALA A 68 4.10 2.31 -11.17
C ALA A 68 5.39 1.65 -10.73
N ARG A 69 5.46 1.30 -9.45
CA ARG A 69 6.65 0.66 -8.90
C ARG A 69 6.27 -0.50 -7.98
N LEU A 70 7.22 -1.41 -7.77
CA LEU A 70 6.99 -2.57 -6.91
C LEU A 70 8.17 -2.81 -5.99
N GLY A 71 7.92 -2.74 -4.68
CA GLY A 71 8.98 -2.96 -3.71
C GLY A 71 8.44 -3.24 -2.33
N LEU A 72 9.27 -3.02 -1.30
CA LEU A 72 8.87 -3.26 0.07
C LEU A 72 8.54 -1.95 0.77
N ILE A 73 7.58 -2.00 1.70
CA ILE A 73 7.17 -0.82 2.44
C ILE A 73 7.25 -1.06 3.95
N PRO A 74 7.87 -0.12 4.67
CA PRO A 74 8.02 -0.21 6.12
C PRO A 74 6.69 -0.03 6.86
N CYS A 75 6.16 -1.13 7.38
CA CYS A 75 4.90 -1.10 8.11
C CYS A 75 4.93 -0.08 9.23
N ASN A 76 6.14 0.28 9.67
CA ASN A 76 6.32 1.25 10.74
C ASN A 76 5.98 2.65 10.25
N MET A 77 6.24 2.91 8.98
CA MET A 77 5.97 4.22 8.39
C MET A 77 4.52 4.32 7.95
N VAL A 78 4.17 3.57 6.90
CA VAL A 78 2.81 3.58 6.38
C VAL A 78 1.79 3.24 7.47
N SER A 79 0.51 3.39 7.15
CA SER A 79 -0.55 3.11 8.10
C SER A 79 -1.81 2.60 7.38
N GLU A 80 -2.50 1.68 8.01
CA GLU A 80 -3.72 1.11 7.44
C GLU A 80 -4.86 2.13 7.46
N ILE A 81 -5.41 2.41 6.28
CA ILE A 81 -6.50 3.37 6.16
C ILE A 81 -7.83 2.74 6.56
N GLN A 82 -8.63 3.47 7.32
CA GLN A 82 -9.93 2.99 7.77
C GLN A 82 -10.73 2.43 6.60
N ALA A 83 -11.86 1.81 6.91
CA ALA A 83 -12.72 1.24 5.88
C ALA A 83 -12.93 2.21 4.73
N ASP A 84 -13.12 1.68 3.53
CA ASP A 84 -13.32 2.49 2.35
C ASP A 84 -14.77 2.94 2.24
N ASP A 85 -15.56 2.67 3.27
CA ASP A 85 -16.96 3.04 3.30
C ASP A 85 -17.17 4.41 2.68
N GLU A 86 -18.40 4.67 2.21
CA GLU A 86 -18.73 5.96 1.59
C GLU A 86 -19.35 6.91 2.60
N GLU A 87 -18.51 7.65 3.32
CA GLU A 87 -18.99 8.59 4.32
C GLU A 87 -19.90 9.64 3.68
N MET A 88 -20.74 10.26 4.50
CA MET A 88 -21.66 11.29 4.02
C MET A 88 -20.90 12.41 3.33
N MET A 89 -21.60 13.15 2.46
CA MET A 89 -21.00 14.26 1.74
C MET A 89 -22.06 15.09 1.03
N ASP A 90 -21.78 16.38 0.86
CA ASP A 90 -22.72 17.28 0.20
C ASP A 90 -22.61 17.16 -1.32
N GLN A 91 -23.67 17.56 -2.01
CA GLN A 91 -23.69 17.49 -3.47
C GLN A 91 -22.63 18.41 -4.08
N SER A 92 -22.06 17.99 -5.20
CA SER A 92 -21.03 18.76 -5.87
C SER A 92 -21.63 19.58 -7.02
N GLY A 93 -20.82 20.46 -7.59
CA GLY A 93 -21.29 21.29 -8.70
C GLY A 93 -20.91 20.72 -10.05
N PRO A 94 -21.23 21.47 -11.12
CA PRO A 94 -20.93 21.05 -12.49
C PRO A 94 -19.44 21.08 -12.80
N SER A 95 -19.09 20.72 -14.03
CA SER A 95 -17.70 20.70 -14.45
C SER A 95 -17.42 21.76 -15.51
N SER A 96 -16.15 21.95 -15.86
CA SER A 96 -15.77 22.93 -16.87
C SER A 96 -16.69 22.85 -18.08
N GLY A 97 -16.60 23.85 -18.95
CA GLY A 97 -17.43 23.88 -20.14
C GLY A 97 -17.27 22.64 -20.98
N GLY A 1 -0.19 14.27 -5.01
CA GLY A 1 -1.40 13.56 -4.60
C GLY A 1 -2.55 14.49 -4.32
N SER A 2 -3.27 14.87 -5.38
CA SER A 2 -4.42 15.77 -5.24
C SER A 2 -5.62 15.24 -6.02
N SER A 3 -6.71 14.98 -5.30
CA SER A 3 -7.92 14.48 -5.91
C SER A 3 -8.42 15.41 -7.02
N GLY A 4 -9.09 14.84 -8.02
CA GLY A 4 -9.59 15.64 -9.11
C GLY A 4 -9.42 14.95 -10.46
N SER A 5 -10.07 13.81 -10.62
CA SER A 5 -9.99 13.05 -11.86
C SER A 5 -11.19 12.11 -12.01
N SER A 6 -11.46 11.70 -13.23
CA SER A 6 -12.58 10.80 -13.51
C SER A 6 -12.10 9.52 -14.19
N GLY A 7 -12.98 8.52 -14.23
CA GLY A 7 -12.62 7.26 -14.86
C GLY A 7 -12.72 6.10 -13.89
N THR A 8 -13.09 4.93 -14.41
CA THR A 8 -13.22 3.73 -13.60
C THR A 8 -12.14 2.71 -13.93
N ASP A 9 -12.19 1.56 -13.27
CA ASP A 9 -11.21 0.50 -13.49
C ASP A 9 -11.83 -0.65 -14.28
N PRO A 10 -11.05 -1.23 -15.20
CA PRO A 10 -11.49 -2.34 -16.04
C PRO A 10 -11.67 -3.63 -15.25
N GLY A 11 -10.68 -3.96 -14.42
CA GLY A 11 -10.74 -5.16 -13.63
C GLY A 11 -11.92 -5.15 -12.67
N ALA A 12 -12.72 -6.22 -12.71
CA ALA A 12 -13.89 -6.33 -11.84
C ALA A 12 -13.74 -7.50 -10.88
N GLU A 13 -14.63 -7.57 -9.89
CA GLU A 13 -14.61 -8.64 -8.91
C GLU A 13 -13.17 -9.06 -8.60
N GLU A 14 -12.28 -8.07 -8.51
CA GLU A 14 -10.87 -8.35 -8.22
C GLU A 14 -10.61 -8.33 -6.72
N LEU A 15 -9.49 -8.91 -6.31
CA LEU A 15 -9.12 -8.97 -4.90
C LEU A 15 -8.83 -7.57 -4.36
N PRO A 16 -9.21 -7.33 -3.10
CA PRO A 16 -8.99 -6.05 -2.44
C PRO A 16 -7.51 -5.77 -2.15
N ALA A 17 -7.01 -4.68 -2.73
CA ALA A 17 -5.60 -4.32 -2.54
C ALA A 17 -5.44 -3.44 -1.31
N ARG A 18 -4.70 -3.95 -0.32
CA ARG A 18 -4.47 -3.22 0.92
C ARG A 18 -4.04 -1.78 0.62
N ILE A 19 -4.97 -0.84 0.78
CA ILE A 19 -4.69 0.56 0.54
C ILE A 19 -4.04 1.22 1.75
N PHE A 20 -2.73 1.42 1.68
CA PHE A 20 -2.00 2.05 2.77
C PHE A 20 -1.46 3.42 2.37
N VAL A 21 -1.38 4.32 3.33
CA VAL A 21 -0.88 5.67 3.07
C VAL A 21 0.44 5.90 3.77
N ALA A 22 1.23 6.84 3.24
CA ALA A 22 2.53 7.17 3.82
C ALA A 22 2.40 8.30 4.83
N LEU A 23 2.94 8.07 6.03
CA LEU A 23 2.88 9.07 7.09
C LEU A 23 4.07 10.02 7.00
N PHE A 24 5.14 9.57 6.35
CA PHE A 24 6.34 10.38 6.19
C PHE A 24 7.12 9.96 4.94
N ASP A 25 7.90 10.88 4.41
CA ASP A 25 8.69 10.62 3.21
C ASP A 25 9.68 9.47 3.47
N TYR A 26 9.97 8.70 2.42
CA TYR A 26 10.88 7.58 2.53
C TYR A 26 11.91 7.60 1.40
N ASP A 27 13.18 7.55 1.77
CA ASP A 27 14.27 7.56 0.78
C ASP A 27 15.27 6.46 1.07
N PRO A 28 15.13 5.32 0.37
CA PRO A 28 16.01 4.16 0.54
C PRO A 28 17.41 4.43 0.00
N LEU A 29 17.58 5.57 -0.67
CA LEU A 29 18.87 5.95 -1.24
C LEU A 29 19.76 6.60 -0.18
N THR A 30 19.14 7.30 0.76
CA THR A 30 19.87 7.97 1.83
C THR A 30 19.65 7.27 3.17
N MET A 31 18.40 6.94 3.47
CA MET A 31 18.07 6.27 4.71
C MET A 31 18.75 4.91 4.80
N SER A 32 18.39 4.01 3.88
CA SER A 32 18.96 2.68 3.85
C SER A 32 20.48 2.73 4.01
N PRO A 33 21.01 1.89 4.90
CA PRO A 33 22.46 1.82 5.18
C PRO A 33 23.23 1.22 4.01
N ASN A 34 22.52 0.57 3.09
CA ASN A 34 23.14 -0.04 1.93
C ASN A 34 22.35 0.26 0.67
N PRO A 35 23.06 0.60 -0.41
CA PRO A 35 22.44 0.93 -1.71
C PRO A 35 21.84 -0.30 -2.38
N ASP A 36 22.51 -1.44 -2.24
CA ASP A 36 22.04 -2.68 -2.83
C ASP A 36 20.71 -3.11 -2.22
N ALA A 37 20.60 -2.98 -0.90
CA ALA A 37 19.38 -3.35 -0.19
C ALA A 37 18.28 -2.30 -0.41
N ALA A 38 18.66 -1.17 -1.01
CA ALA A 38 17.70 -0.10 -1.27
C ALA A 38 16.77 -0.47 -2.42
N GLU A 39 17.33 -1.07 -3.46
CA GLU A 39 16.55 -1.47 -4.62
C GLU A 39 15.34 -2.30 -4.21
N GLU A 40 15.56 -3.21 -3.26
CA GLU A 40 14.49 -4.07 -2.77
C GLU A 40 13.39 -3.25 -2.09
N GLU A 41 13.77 -2.08 -1.57
CA GLU A 41 12.82 -1.20 -0.90
C GLU A 41 12.04 -0.38 -1.91
N LEU A 42 10.80 -0.03 -1.55
CA LEU A 42 9.94 0.76 -2.42
C LEU A 42 9.78 2.18 -1.89
N PRO A 43 10.50 3.13 -2.52
CA PRO A 43 10.45 4.54 -2.12
C PRO A 43 9.10 5.19 -2.44
N PHE A 44 8.66 6.09 -1.57
CA PHE A 44 7.39 6.78 -1.76
C PHE A 44 7.34 8.07 -0.95
N LYS A 45 6.53 9.02 -1.40
CA LYS A 45 6.40 10.29 -0.72
C LYS A 45 5.34 10.22 0.38
N GLU A 46 5.27 11.26 1.21
CA GLU A 46 4.30 11.31 2.29
C GLU A 46 2.89 11.53 1.76
N GLY A 47 1.95 10.72 2.25
CA GLY A 47 0.57 10.83 1.81
C GLY A 47 0.30 10.05 0.54
N GLN A 48 1.32 9.37 0.04
CA GLN A 48 1.20 8.58 -1.18
C GLN A 48 0.51 7.25 -0.91
N ILE A 49 -0.36 6.83 -1.82
CA ILE A 49 -1.08 5.57 -1.67
C ILE A 49 -0.30 4.42 -2.27
N ILE A 50 -0.20 3.33 -1.52
CA ILE A 50 0.52 2.14 -1.98
C ILE A 50 -0.37 0.92 -1.97
N LYS A 51 -0.50 0.27 -3.13
CA LYS A 51 -1.33 -0.93 -3.26
C LYS A 51 -0.63 -2.14 -2.65
N VAL A 52 -0.86 -2.36 -1.36
CA VAL A 52 -0.26 -3.50 -0.67
C VAL A 52 -1.09 -4.76 -0.86
N TYR A 53 -0.40 -5.90 -0.93
CA TYR A 53 -1.08 -7.18 -1.11
C TYR A 53 -0.63 -8.19 -0.06
N GLY A 54 -1.48 -9.16 0.23
CA GLY A 54 -1.15 -10.17 1.23
C GLY A 54 -0.70 -9.57 2.54
N ASP A 55 -0.15 -10.40 3.41
CA ASP A 55 0.32 -9.95 4.72
C ASP A 55 1.78 -9.53 4.66
N LYS A 56 2.30 -9.03 5.78
CA LYS A 56 3.69 -8.59 5.84
C LYS A 56 4.63 -9.70 5.43
N ASP A 57 5.92 -9.40 5.43
CA ASP A 57 6.94 -10.39 5.06
C ASP A 57 7.79 -10.78 6.26
N ALA A 58 8.80 -11.61 6.03
CA ALA A 58 9.67 -12.07 7.09
C ALA A 58 10.47 -10.91 7.68
N ASP A 59 10.85 -9.97 6.83
CA ASP A 59 11.61 -8.80 7.27
C ASP A 59 10.69 -7.72 7.82
N GLY A 60 9.39 -7.99 7.80
CA GLY A 60 8.43 -7.03 8.30
C GLY A 60 8.20 -5.87 7.36
N PHE A 61 7.77 -6.19 6.14
CA PHE A 61 7.51 -5.16 5.13
C PHE A 61 6.25 -5.47 4.35
N TYR A 62 5.54 -4.43 3.95
CA TYR A 62 4.29 -4.59 3.19
C TYR A 62 4.54 -4.42 1.70
N ARG A 63 4.78 -5.54 1.03
CA ARG A 63 5.03 -5.51 -0.42
C ARG A 63 3.85 -4.92 -1.17
N GLY A 64 3.97 -3.64 -1.53
CA GLY A 64 2.89 -2.98 -2.25
C GLY A 64 3.38 -2.32 -3.53
N GLU A 65 2.43 -1.90 -4.37
CA GLU A 65 2.78 -1.25 -5.63
C GLU A 65 2.40 0.22 -5.59
N THR A 66 3.32 1.07 -6.06
CA THR A 66 3.09 2.51 -6.09
C THR A 66 3.88 3.17 -7.20
N CYS A 67 3.35 4.26 -7.74
CA CYS A 67 4.01 4.99 -8.81
C CYS A 67 4.43 4.05 -9.93
N ALA A 68 3.71 2.94 -10.07
CA ALA A 68 4.01 1.96 -11.10
C ALA A 68 5.25 1.15 -10.75
N ARG A 69 5.50 0.99 -9.45
CA ARG A 69 6.66 0.24 -8.98
C ARG A 69 6.23 -0.88 -8.04
N LEU A 70 7.16 -1.79 -7.76
CA LEU A 70 6.89 -2.91 -6.87
C LEU A 70 8.07 -3.20 -5.96
N GLY A 71 7.94 -2.83 -4.70
CA GLY A 71 9.01 -3.05 -3.75
C GLY A 71 8.50 -3.35 -2.35
N LEU A 72 9.30 -3.01 -1.34
CA LEU A 72 8.91 -3.25 0.04
C LEU A 72 8.60 -1.94 0.75
N ILE A 73 7.62 -1.97 1.64
CA ILE A 73 7.22 -0.79 2.40
C ILE A 73 7.29 -1.03 3.90
N PRO A 74 7.84 -0.05 4.63
CA PRO A 74 7.98 -0.14 6.09
C PRO A 74 6.64 -0.06 6.81
N CYS A 75 6.19 -1.18 7.35
CA CYS A 75 4.92 -1.22 8.06
C CYS A 75 4.91 -0.23 9.22
N ASN A 76 6.09 0.25 9.58
CA ASN A 76 6.23 1.20 10.68
C ASN A 76 5.86 2.61 10.23
N MET A 77 6.28 2.98 9.03
CA MET A 77 5.99 4.29 8.47
C MET A 77 4.53 4.39 8.03
N VAL A 78 4.20 3.68 6.95
CA VAL A 78 2.84 3.69 6.43
C VAL A 78 1.84 3.30 7.50
N SER A 79 0.55 3.32 7.15
CA SER A 79 -0.51 2.98 8.08
C SER A 79 -1.72 2.43 7.34
N GLU A 80 -2.46 1.55 8.01
CA GLU A 80 -3.65 0.94 7.42
C GLU A 80 -4.81 1.93 7.39
N ILE A 81 -5.39 2.14 6.21
CA ILE A 81 -6.50 3.06 6.05
C ILE A 81 -7.81 2.42 6.53
N GLN A 82 -8.07 1.20 6.07
CA GLN A 82 -9.29 0.49 6.45
C GLN A 82 -8.97 -0.62 7.44
N ALA A 83 -9.86 -0.81 8.41
CA ALA A 83 -9.67 -1.84 9.43
C ALA A 83 -10.27 -3.17 8.97
N ASP A 84 -9.80 -3.67 7.83
CA ASP A 84 -10.29 -4.93 7.29
C ASP A 84 -10.13 -6.05 8.31
N ASP A 85 -8.94 -6.21 8.84
CA ASP A 85 -8.66 -7.25 9.82
C ASP A 85 -9.61 -7.14 11.01
N GLU A 86 -9.70 -8.22 11.79
CA GLU A 86 -10.59 -8.26 12.95
C GLU A 86 -9.80 -8.02 14.23
N GLU A 87 -10.52 -7.76 15.32
CA GLU A 87 -9.89 -7.51 16.60
C GLU A 87 -9.98 -8.74 17.50
N MET A 88 -9.03 -8.87 18.42
CA MET A 88 -9.00 -10.01 19.33
C MET A 88 -10.24 -10.03 20.22
N MET A 89 -10.37 -11.07 21.03
CA MET A 89 -11.52 -11.19 21.93
C MET A 89 -11.18 -12.11 23.10
N ASP A 90 -11.88 -11.92 24.21
CA ASP A 90 -11.66 -12.72 25.41
C ASP A 90 -11.98 -14.18 25.14
N GLN A 91 -10.94 -15.00 25.03
CA GLN A 91 -11.11 -16.43 24.77
C GLN A 91 -10.49 -17.26 25.89
N SER A 92 -11.21 -18.30 26.30
CA SER A 92 -10.73 -19.18 27.37
C SER A 92 -9.35 -19.73 27.05
N GLY A 93 -8.75 -20.42 28.01
CA GLY A 93 -7.43 -20.99 27.79
C GLY A 93 -7.43 -22.51 27.93
N PRO A 94 -6.23 -23.09 28.05
CA PRO A 94 -6.06 -24.54 28.18
C PRO A 94 -6.56 -25.05 29.54
N SER A 95 -6.51 -24.19 30.54
CA SER A 95 -6.95 -24.56 31.89
C SER A 95 -8.32 -23.96 32.19
N SER A 96 -9.22 -24.79 32.72
CA SER A 96 -10.56 -24.36 33.05
C SER A 96 -10.54 -22.99 33.72
N GLY A 97 -11.03 -21.98 33.02
CA GLY A 97 -11.05 -20.64 33.56
C GLY A 97 -10.61 -19.59 32.55
N GLY A 1 -28.63 18.07 -10.60
CA GLY A 1 -28.73 16.63 -10.74
C GLY A 1 -27.51 16.03 -11.41
N SER A 2 -26.47 15.73 -10.63
CA SER A 2 -25.25 15.16 -11.17
C SER A 2 -24.79 13.98 -10.32
N SER A 3 -24.77 12.79 -10.92
CA SER A 3 -24.34 11.59 -10.22
C SER A 3 -22.96 11.13 -10.69
N GLY A 4 -22.15 10.65 -9.76
CA GLY A 4 -20.82 10.19 -10.11
C GLY A 4 -20.07 9.65 -8.90
N SER A 5 -19.05 8.84 -9.16
CA SER A 5 -18.25 8.25 -8.09
C SER A 5 -16.89 8.95 -7.98
N SER A 6 -16.72 9.71 -6.91
CA SER A 6 -15.48 10.44 -6.68
C SER A 6 -14.43 9.53 -6.05
N GLY A 7 -13.19 9.68 -6.49
CA GLY A 7 -12.10 8.87 -5.95
C GLY A 7 -11.89 7.60 -6.74
N THR A 8 -11.97 6.46 -6.07
CA THR A 8 -11.77 5.17 -6.72
C THR A 8 -12.99 4.78 -7.55
N ASP A 9 -12.90 4.98 -8.86
CA ASP A 9 -13.99 4.65 -9.76
C ASP A 9 -13.76 3.29 -10.43
N PRO A 10 -14.86 2.61 -10.77
CA PRO A 10 -14.80 1.30 -11.43
C PRO A 10 -14.28 1.38 -12.85
N GLY A 11 -13.00 1.07 -13.03
CA GLY A 11 -12.40 1.11 -14.36
C GLY A 11 -12.08 -0.27 -14.89
N ALA A 12 -11.35 -1.06 -14.10
CA ALA A 12 -10.98 -2.41 -14.51
C ALA A 12 -10.85 -3.33 -13.30
N GLU A 13 -11.67 -4.38 -13.27
CA GLU A 13 -11.66 -5.33 -12.17
C GLU A 13 -10.22 -5.64 -11.74
N GLU A 14 -10.04 -5.90 -10.46
CA GLU A 14 -8.72 -6.21 -9.92
C GLU A 14 -8.82 -6.73 -8.49
N LEU A 15 -8.02 -7.75 -8.18
CA LEU A 15 -8.03 -8.33 -6.84
C LEU A 15 -7.99 -7.26 -5.77
N PRO A 16 -8.47 -7.60 -4.56
CA PRO A 16 -8.51 -6.68 -3.43
C PRO A 16 -7.11 -6.37 -2.89
N ALA A 17 -6.74 -5.09 -2.92
CA ALA A 17 -5.44 -4.67 -2.44
C ALA A 17 -5.58 -3.63 -1.32
N ARG A 18 -4.98 -3.92 -0.17
CA ARG A 18 -5.04 -3.02 0.97
C ARG A 18 -4.34 -1.70 0.65
N ILE A 19 -5.08 -0.59 0.78
CA ILE A 19 -4.53 0.72 0.52
C ILE A 19 -3.84 1.29 1.74
N PHE A 20 -2.55 1.59 1.62
CA PHE A 20 -1.78 2.14 2.72
C PHE A 20 -1.24 3.53 2.37
N VAL A 21 -1.34 4.45 3.32
CA VAL A 21 -0.86 5.82 3.12
C VAL A 21 0.47 6.05 3.83
N ALA A 22 1.32 6.85 3.21
CA ALA A 22 2.63 7.16 3.79
C ALA A 22 2.52 8.27 4.82
N LEU A 23 3.09 8.03 6.00
CA LEU A 23 3.06 9.01 7.08
C LEU A 23 4.31 9.89 7.06
N PHE A 24 5.31 9.45 6.32
CA PHE A 24 6.56 10.20 6.21
C PHE A 24 7.36 9.76 4.98
N ASP A 25 7.94 10.72 4.28
CA ASP A 25 8.73 10.43 3.09
C ASP A 25 9.68 9.26 3.34
N TYR A 26 10.00 8.52 2.28
CA TYR A 26 10.89 7.38 2.39
C TYR A 26 11.90 7.37 1.24
N ASP A 27 13.17 7.50 1.58
CA ASP A 27 14.24 7.50 0.58
C ASP A 27 15.22 6.36 0.82
N PRO A 28 15.00 5.24 0.13
CA PRO A 28 15.85 4.05 0.25
C PRO A 28 17.23 4.27 -0.35
N LEU A 29 17.43 5.42 -0.97
CA LEU A 29 18.71 5.75 -1.59
C LEU A 29 19.62 6.45 -0.59
N THR A 30 19.02 7.05 0.43
CA THR A 30 19.78 7.77 1.44
C THR A 30 19.58 7.14 2.83
N MET A 31 18.32 6.86 3.16
CA MET A 31 17.98 6.27 4.44
C MET A 31 18.63 4.89 4.59
N SER A 32 18.11 3.91 3.86
CA SER A 32 18.63 2.55 3.91
C SER A 32 20.16 2.57 3.96
N PRO A 33 20.73 1.63 4.73
CA PRO A 33 22.18 1.50 4.88
C PRO A 33 22.86 1.00 3.61
N ASN A 34 22.31 -0.06 3.04
CA ASN A 34 22.86 -0.64 1.82
C ASN A 34 22.07 -0.18 0.59
N PRO A 35 22.76 0.48 -0.35
CA PRO A 35 22.14 0.97 -1.58
C PRO A 35 21.74 -0.16 -2.53
N ASP A 36 22.45 -1.27 -2.46
CA ASP A 36 22.17 -2.42 -3.30
C ASP A 36 20.83 -3.05 -2.92
N ALA A 37 20.53 -3.07 -1.63
CA ALA A 37 19.28 -3.64 -1.14
C ALA A 37 18.14 -2.64 -1.28
N ALA A 38 18.47 -1.37 -1.39
CA ALA A 38 17.47 -0.32 -1.53
C ALA A 38 16.46 -0.66 -2.62
N GLU A 39 16.95 -1.18 -3.74
CA GLU A 39 16.10 -1.55 -4.86
C GLU A 39 14.88 -2.33 -4.37
N GLU A 40 15.11 -3.23 -3.41
CA GLU A 40 14.02 -4.03 -2.86
C GLU A 40 12.99 -3.16 -2.15
N GLU A 41 13.46 -2.10 -1.51
CA GLU A 41 12.58 -1.18 -0.80
C GLU A 41 11.82 -0.28 -1.78
N LEU A 42 10.55 -0.04 -1.48
CA LEU A 42 9.71 0.80 -2.34
C LEU A 42 9.59 2.20 -1.76
N PRO A 43 10.22 3.18 -2.45
CA PRO A 43 10.20 4.58 -2.02
C PRO A 43 8.81 5.21 -2.18
N PHE A 44 8.53 6.23 -1.37
CA PHE A 44 7.25 6.92 -1.42
C PHE A 44 7.28 8.20 -0.59
N LYS A 45 6.41 9.13 -0.93
CA LYS A 45 6.34 10.40 -0.22
C LYS A 45 5.15 10.42 0.73
N GLU A 46 5.15 11.37 1.67
CA GLU A 46 4.07 11.50 2.64
C GLU A 46 2.74 11.77 1.93
N GLY A 47 1.71 11.04 2.32
CA GLY A 47 0.40 11.22 1.72
C GLY A 47 0.25 10.46 0.41
N GLN A 48 1.23 9.62 0.11
CA GLN A 48 1.21 8.83 -1.12
C GLN A 48 0.47 7.52 -0.91
N ILE A 49 -0.24 7.07 -1.94
CA ILE A 49 -0.99 5.83 -1.88
C ILE A 49 -0.17 4.66 -2.42
N ILE A 50 -0.24 3.53 -1.73
CA ILE A 50 0.49 2.33 -2.14
C ILE A 50 -0.40 1.10 -2.12
N LYS A 51 -0.42 0.37 -3.22
CA LYS A 51 -1.24 -0.84 -3.32
C LYS A 51 -0.54 -2.02 -2.66
N VAL A 52 -0.77 -2.20 -1.37
CA VAL A 52 -0.16 -3.30 -0.62
C VAL A 52 -0.83 -4.62 -0.96
N TYR A 53 -0.08 -5.71 -0.80
CA TYR A 53 -0.60 -7.05 -1.09
C TYR A 53 -0.09 -8.06 -0.07
N GLY A 54 -0.59 -9.29 -0.15
CA GLY A 54 -0.19 -10.33 0.76
C GLY A 54 -0.12 -9.85 2.20
N ASP A 55 0.95 -10.20 2.90
CA ASP A 55 1.13 -9.80 4.29
C ASP A 55 2.58 -9.47 4.57
N LYS A 56 2.87 -9.14 5.84
CA LYS A 56 4.22 -8.79 6.24
C LYS A 56 5.15 -9.99 6.12
N ASP A 57 6.32 -9.78 5.53
CA ASP A 57 7.31 -10.85 5.36
C ASP A 57 8.09 -11.06 6.64
N ALA A 58 9.04 -12.00 6.60
CA ALA A 58 9.87 -12.30 7.76
C ALA A 58 10.51 -11.04 8.33
N ASP A 59 10.78 -10.08 7.46
CA ASP A 59 11.38 -8.82 7.86
C ASP A 59 10.33 -7.86 8.39
N GLY A 60 9.11 -7.99 7.89
CA GLY A 60 8.02 -7.12 8.33
C GLY A 60 7.79 -5.98 7.36
N PHE A 61 7.53 -6.31 6.09
CA PHE A 61 7.29 -5.30 5.07
C PHE A 61 6.03 -5.64 4.27
N TYR A 62 5.29 -4.61 3.88
CA TYR A 62 4.07 -4.79 3.11
C TYR A 62 4.34 -4.60 1.62
N ARG A 63 4.64 -5.69 0.93
CA ARG A 63 4.91 -5.65 -0.50
C ARG A 63 3.76 -4.98 -1.26
N GLY A 64 3.93 -3.70 -1.57
CA GLY A 64 2.90 -2.97 -2.28
C GLY A 64 3.39 -2.41 -3.61
N GLU A 65 2.48 -1.87 -4.40
CA GLU A 65 2.82 -1.30 -5.69
C GLU A 65 2.38 0.16 -5.78
N THR A 66 3.31 1.04 -6.14
CA THR A 66 3.03 2.45 -6.27
C THR A 66 3.80 3.07 -7.42
N CYS A 67 3.20 4.08 -8.05
CA CYS A 67 3.83 4.76 -9.18
C CYS A 67 4.43 3.76 -10.16
N ALA A 68 3.63 2.76 -10.53
CA ALA A 68 4.09 1.73 -11.45
C ALA A 68 5.38 1.08 -10.97
N ARG A 69 5.55 1.03 -9.66
CA ARG A 69 6.74 0.44 -9.06
C ARG A 69 6.38 -0.66 -8.07
N LEU A 70 7.28 -1.60 -7.88
CA LEU A 70 7.05 -2.70 -6.95
C LEU A 70 8.21 -2.86 -5.98
N GLY A 71 7.92 -2.81 -4.68
CA GLY A 71 8.95 -2.94 -3.67
C GLY A 71 8.40 -3.26 -2.31
N LEU A 72 9.22 -3.08 -1.28
CA LEU A 72 8.79 -3.35 0.09
C LEU A 72 8.43 -2.06 0.81
N ILE A 73 7.37 -2.11 1.62
CA ILE A 73 6.92 -0.95 2.36
C ILE A 73 7.02 -1.18 3.86
N PRO A 74 7.66 -0.24 4.57
CA PRO A 74 7.84 -0.31 6.02
C PRO A 74 6.54 -0.13 6.78
N CYS A 75 6.03 -1.22 7.37
CA CYS A 75 4.78 -1.18 8.12
C CYS A 75 4.91 -0.26 9.33
N ASN A 76 6.14 0.15 9.63
CA ASN A 76 6.40 1.04 10.76
C ASN A 76 6.17 2.49 10.37
N MET A 77 6.24 2.78 9.07
CA MET A 77 6.04 4.13 8.58
C MET A 77 4.59 4.34 8.13
N VAL A 78 4.22 3.71 7.03
CA VAL A 78 2.86 3.83 6.51
C VAL A 78 1.83 3.40 7.54
N SER A 79 0.56 3.48 7.17
CA SER A 79 -0.53 3.09 8.07
C SER A 79 -1.72 2.55 7.29
N GLU A 80 -2.59 1.83 7.98
CA GLU A 80 -3.77 1.25 7.35
C GLU A 80 -4.92 2.26 7.30
N ILE A 81 -5.40 2.53 6.10
CA ILE A 81 -6.49 3.49 5.91
C ILE A 81 -7.81 2.91 6.42
N GLN A 82 -8.65 3.76 7.00
CA GLN A 82 -9.93 3.34 7.53
C GLN A 82 -10.93 3.12 6.39
N ALA A 83 -12.05 2.47 6.71
CA ALA A 83 -13.09 2.19 5.73
C ALA A 83 -13.48 3.46 4.97
N ASP A 84 -13.10 3.53 3.70
CA ASP A 84 -13.42 4.68 2.87
C ASP A 84 -14.75 4.48 2.15
N ASP A 85 -15.79 4.20 2.92
CA ASP A 85 -17.12 3.99 2.35
C ASP A 85 -18.20 4.63 3.22
N GLU A 86 -19.44 4.57 2.77
CA GLU A 86 -20.56 5.15 3.50
C GLU A 86 -21.27 4.09 4.32
N GLU A 87 -21.30 4.28 5.64
CA GLU A 87 -21.96 3.34 6.54
C GLU A 87 -23.23 3.94 7.13
N MET A 88 -24.36 3.66 6.49
CA MET A 88 -25.65 4.17 6.95
C MET A 88 -25.84 3.91 8.45
N MET A 89 -26.49 4.84 9.13
CA MET A 89 -26.75 4.70 10.56
C MET A 89 -28.06 3.97 10.81
N ASP A 90 -28.37 3.75 12.09
CA ASP A 90 -29.60 3.06 12.46
C ASP A 90 -30.75 3.48 11.56
N GLN A 91 -31.53 2.50 11.10
CA GLN A 91 -32.66 2.76 10.23
C GLN A 91 -33.56 3.84 10.81
N SER A 92 -33.88 4.84 9.99
CA SER A 92 -34.73 5.95 10.42
C SER A 92 -36.15 5.46 10.69
N GLY A 93 -36.89 6.24 11.47
CA GLY A 93 -38.26 5.87 11.79
C GLY A 93 -39.13 5.74 10.57
N PRO A 94 -40.34 5.19 10.75
CA PRO A 94 -41.30 4.99 9.65
C PRO A 94 -41.87 6.30 9.14
N SER A 95 -42.66 6.22 8.07
CA SER A 95 -43.27 7.41 7.48
C SER A 95 -44.72 7.58 7.94
N SER A 96 -45.02 8.74 8.50
CA SER A 96 -46.37 9.02 8.98
C SER A 96 -47.41 8.71 7.92
N GLY A 97 -48.56 8.20 8.35
CA GLY A 97 -49.62 7.86 7.43
C GLY A 97 -50.79 8.82 7.50
N GLY A 1 -20.11 7.58 16.27
CA GLY A 1 -18.81 7.26 15.70
C GLY A 1 -18.88 6.15 14.67
N SER A 2 -17.88 6.07 13.82
CA SER A 2 -17.82 5.05 12.78
C SER A 2 -16.39 4.72 12.40
N SER A 3 -15.93 3.54 12.80
CA SER A 3 -14.56 3.11 12.50
C SER A 3 -14.53 1.63 12.17
N GLY A 4 -13.80 1.28 11.11
CA GLY A 4 -13.69 -0.11 10.69
C GLY A 4 -12.27 -0.48 10.29
N SER A 5 -11.90 -1.73 10.58
CA SER A 5 -10.56 -2.21 10.25
C SER A 5 -10.53 -2.83 8.86
N SER A 6 -11.52 -3.66 8.57
CA SER A 6 -11.60 -4.32 7.26
C SER A 6 -11.61 -3.29 6.13
N GLY A 7 -10.93 -3.62 5.04
CA GLY A 7 -10.86 -2.71 3.91
C GLY A 7 -11.36 -3.35 2.63
N THR A 8 -12.36 -2.73 2.01
CA THR A 8 -12.93 -3.25 0.78
C THR A 8 -13.58 -2.13 -0.04
N ASP A 9 -13.44 -2.22 -1.37
CA ASP A 9 -14.00 -1.22 -2.26
C ASP A 9 -14.05 -1.74 -3.69
N PRO A 10 -15.08 -1.30 -4.44
CA PRO A 10 -15.27 -1.71 -5.83
C PRO A 10 -14.22 -1.12 -6.76
N GLY A 11 -14.41 -1.32 -8.06
CA GLY A 11 -13.47 -0.81 -9.04
C GLY A 11 -13.29 -1.73 -10.22
N ALA A 12 -13.09 -3.02 -9.96
CA ALA A 12 -12.91 -4.00 -11.00
C ALA A 12 -13.01 -5.42 -10.46
N GLU A 13 -12.81 -6.41 -11.33
CA GLU A 13 -12.88 -7.80 -10.92
C GLU A 13 -11.50 -8.33 -10.52
N GLU A 14 -10.76 -7.50 -9.78
CA GLU A 14 -9.43 -7.88 -9.33
C GLU A 14 -9.46 -8.27 -7.86
N LEU A 15 -8.29 -8.66 -7.34
CA LEU A 15 -8.18 -9.07 -5.93
C LEU A 15 -8.09 -7.86 -5.02
N PRO A 16 -8.41 -8.05 -3.74
CA PRO A 16 -8.37 -6.99 -2.74
C PRO A 16 -6.95 -6.54 -2.41
N ALA A 17 -6.69 -5.25 -2.57
CA ALA A 17 -5.36 -4.71 -2.29
C ALA A 17 -5.42 -3.67 -1.17
N ARG A 18 -5.00 -4.10 0.03
CA ARG A 18 -5.01 -3.21 1.18
C ARG A 18 -4.38 -1.86 0.85
N ILE A 19 -5.19 -0.81 0.90
CA ILE A 19 -4.72 0.54 0.60
C ILE A 19 -4.06 1.17 1.82
N PHE A 20 -2.78 1.51 1.68
CA PHE A 20 -2.03 2.13 2.77
C PHE A 20 -1.46 3.48 2.34
N VAL A 21 -1.41 4.42 3.27
CA VAL A 21 -0.88 5.75 2.99
C VAL A 21 0.44 5.99 3.72
N ALA A 22 1.33 6.74 3.09
CA ALA A 22 2.63 7.04 3.67
C ALA A 22 2.52 8.17 4.70
N LEU A 23 3.09 7.93 5.88
CA LEU A 23 3.06 8.93 6.94
C LEU A 23 4.29 9.83 6.88
N PHE A 24 5.33 9.35 6.20
CA PHE A 24 6.57 10.12 6.07
C PHE A 24 7.37 9.65 4.86
N ASP A 25 7.92 10.61 4.12
CA ASP A 25 8.71 10.29 2.93
C ASP A 25 9.68 9.15 3.21
N TYR A 26 9.92 8.33 2.20
CA TYR A 26 10.84 7.20 2.33
C TYR A 26 11.88 7.21 1.23
N ASP A 27 13.15 7.33 1.62
CA ASP A 27 14.25 7.35 0.66
C ASP A 27 15.21 6.19 0.93
N PRO A 28 15.01 5.08 0.20
CA PRO A 28 15.84 3.88 0.32
C PRO A 28 17.25 4.10 -0.23
N LEU A 29 17.48 5.27 -0.80
CA LEU A 29 18.79 5.60 -1.36
C LEU A 29 19.71 6.18 -0.29
N THR A 30 19.12 6.85 0.69
CA THR A 30 19.89 7.46 1.77
C THR A 30 19.51 6.85 3.11
N MET A 31 18.22 6.63 3.33
CA MET A 31 17.74 6.05 4.58
C MET A 31 18.32 4.65 4.78
N SER A 32 18.57 3.95 3.68
CA SER A 32 19.12 2.60 3.74
C SER A 32 20.64 2.63 3.59
N PRO A 33 21.32 1.75 4.35
CA PRO A 33 22.79 1.66 4.32
C PRO A 33 23.30 1.09 3.00
N ASN A 34 22.73 -0.03 2.58
CA ASN A 34 23.14 -0.67 1.33
C ASN A 34 22.19 -0.31 0.19
N PRO A 35 22.76 0.26 -0.89
CA PRO A 35 21.98 0.66 -2.06
C PRO A 35 21.44 -0.53 -2.85
N ASP A 36 22.29 -1.53 -3.04
CA ASP A 36 21.89 -2.73 -3.77
C ASP A 36 20.60 -3.31 -3.22
N ALA A 37 20.54 -3.44 -1.90
CA ALA A 37 19.35 -3.98 -1.25
C ALA A 37 18.22 -2.95 -1.22
N ALA A 38 18.59 -1.67 -1.16
CA ALA A 38 17.61 -0.60 -1.13
C ALA A 38 16.63 -0.73 -2.30
N GLU A 39 17.08 -1.34 -3.39
CA GLU A 39 16.25 -1.52 -4.57
C GLU A 39 14.96 -2.24 -4.22
N GLU A 40 15.06 -3.23 -3.33
CA GLU A 40 13.91 -4.01 -2.92
C GLU A 40 12.88 -3.11 -2.22
N GLU A 41 13.35 -2.06 -1.58
CA GLU A 41 12.47 -1.13 -0.88
C GLU A 41 11.75 -0.21 -1.87
N LEU A 42 10.45 -0.02 -1.64
CA LEU A 42 9.65 0.84 -2.51
C LEU A 42 9.54 2.25 -1.95
N PRO A 43 10.25 3.19 -2.59
CA PRO A 43 10.25 4.60 -2.17
C PRO A 43 8.91 5.28 -2.43
N PHE A 44 8.51 6.15 -1.50
CA PHE A 44 7.24 6.87 -1.63
C PHE A 44 7.32 8.22 -0.92
N LYS A 45 6.27 9.02 -1.09
CA LYS A 45 6.22 10.34 -0.47
C LYS A 45 5.00 10.47 0.44
N GLU A 46 5.19 11.08 1.60
CA GLU A 46 4.10 11.26 2.55
C GLU A 46 2.81 11.64 1.84
N GLY A 47 1.71 11.00 2.24
CA GLY A 47 0.42 11.28 1.62
C GLY A 47 0.21 10.48 0.35
N GLN A 48 1.20 9.68 -0.02
CA GLN A 48 1.11 8.87 -1.23
C GLN A 48 0.33 7.58 -0.97
N ILE A 49 -0.17 6.97 -2.03
CA ILE A 49 -0.93 5.73 -1.91
C ILE A 49 -0.11 4.54 -2.39
N ILE A 50 -0.21 3.42 -1.67
CA ILE A 50 0.52 2.21 -2.03
C ILE A 50 -0.39 0.99 -1.98
N LYS A 51 -0.44 0.25 -3.08
CA LYS A 51 -1.26 -0.95 -3.16
C LYS A 51 -0.56 -2.13 -2.52
N VAL A 52 -0.87 -2.38 -1.24
CA VAL A 52 -0.26 -3.49 -0.51
C VAL A 52 -0.90 -4.82 -0.91
N TYR A 53 -0.07 -5.77 -1.32
CA TYR A 53 -0.54 -7.08 -1.72
C TYR A 53 -0.02 -8.17 -0.79
N GLY A 54 -0.94 -8.98 -0.27
CA GLY A 54 -0.55 -10.05 0.63
C GLY A 54 -0.33 -9.56 2.05
N ASP A 55 0.59 -10.20 2.76
CA ASP A 55 0.90 -9.82 4.14
C ASP A 55 2.39 -9.59 4.32
N LYS A 56 2.77 -9.08 5.48
CA LYS A 56 4.17 -8.80 5.79
C LYS A 56 4.99 -10.10 5.81
N ASP A 57 6.27 -9.99 5.49
CA ASP A 57 7.15 -11.15 5.48
C ASP A 57 7.99 -11.22 6.75
N ALA A 58 8.81 -12.25 6.86
CA ALA A 58 9.66 -12.43 8.04
C ALA A 58 10.51 -11.20 8.29
N ASP A 59 10.73 -10.40 7.25
CA ASP A 59 11.52 -9.19 7.36
C ASP A 59 10.71 -8.06 7.98
N GLY A 60 9.40 -8.10 7.78
CA GLY A 60 8.53 -7.08 8.32
C GLY A 60 8.33 -5.92 7.36
N PHE A 61 7.71 -6.20 6.22
CA PHE A 61 7.46 -5.17 5.21
C PHE A 61 6.22 -5.51 4.39
N TYR A 62 5.46 -4.49 4.03
CA TYR A 62 4.24 -4.67 3.25
C TYR A 62 4.51 -4.45 1.77
N ARG A 63 4.81 -5.53 1.06
CA ARG A 63 5.09 -5.45 -0.38
C ARG A 63 3.91 -4.86 -1.13
N GLY A 64 4.03 -3.58 -1.49
CA GLY A 64 2.96 -2.92 -2.21
C GLY A 64 3.44 -2.30 -3.51
N GLU A 65 2.50 -1.80 -4.31
CA GLU A 65 2.84 -1.18 -5.59
C GLU A 65 2.37 0.26 -5.63
N THR A 66 3.27 1.17 -5.99
CA THR A 66 2.95 2.59 -6.08
C THR A 66 3.78 3.28 -7.16
N CYS A 67 3.20 4.29 -7.78
CA CYS A 67 3.88 5.04 -8.84
C CYS A 67 4.39 4.09 -9.93
N ALA A 68 3.72 2.95 -10.07
CA ALA A 68 4.11 1.96 -11.07
C ALA A 68 5.38 1.23 -10.66
N ARG A 69 5.62 1.14 -9.36
CA ARG A 69 6.80 0.47 -8.84
C ARG A 69 6.41 -0.66 -7.89
N LEU A 70 7.31 -1.63 -7.73
CA LEU A 70 7.06 -2.76 -6.85
C LEU A 70 8.23 -2.97 -5.90
N GLY A 71 8.00 -2.70 -4.61
CA GLY A 71 9.04 -2.87 -3.63
C GLY A 71 8.49 -3.18 -2.24
N LEU A 72 9.33 -3.01 -1.23
CA LEU A 72 8.90 -3.27 0.15
C LEU A 72 8.59 -1.97 0.88
N ILE A 73 7.56 -2.01 1.73
CA ILE A 73 7.17 -0.83 2.49
C ILE A 73 7.23 -1.10 4.00
N PRO A 74 7.90 -0.19 4.73
CA PRO A 74 8.04 -0.30 6.18
C PRO A 74 6.73 -0.08 6.92
N CYS A 75 6.30 -1.09 7.68
CA CYS A 75 5.06 -1.01 8.43
C CYS A 75 5.16 0.04 9.52
N ASN A 76 6.38 0.46 9.83
CA ASN A 76 6.61 1.47 10.86
C ASN A 76 6.51 2.88 10.28
N MET A 77 6.02 2.96 9.05
CA MET A 77 5.86 4.26 8.38
C MET A 77 4.43 4.45 7.90
N VAL A 78 4.03 3.64 6.91
CA VAL A 78 2.68 3.72 6.36
C VAL A 78 1.63 3.50 7.44
N SER A 79 0.36 3.57 7.04
CA SER A 79 -0.75 3.38 7.98
C SER A 79 -1.96 2.79 7.27
N GLU A 80 -2.72 1.97 7.99
CA GLU A 80 -3.90 1.34 7.45
C GLU A 80 -5.07 2.32 7.39
N ILE A 81 -5.61 2.53 6.19
CA ILE A 81 -6.73 3.44 6.00
C ILE A 81 -8.04 2.80 6.43
N GLN A 82 -8.85 3.55 7.15
CA GLN A 82 -10.14 3.05 7.63
C GLN A 82 -11.09 2.82 6.46
N ALA A 83 -12.26 2.26 6.76
CA ALA A 83 -13.26 1.98 5.73
C ALA A 83 -14.55 1.47 6.36
N ASP A 84 -15.66 2.13 6.04
CA ASP A 84 -16.97 1.75 6.57
C ASP A 84 -17.56 0.60 5.76
N ASP A 85 -16.83 -0.51 5.68
CA ASP A 85 -17.29 -1.67 4.94
C ASP A 85 -18.65 -2.14 5.45
N GLU A 86 -19.14 -3.23 4.88
CA GLU A 86 -20.42 -3.79 5.28
C GLU A 86 -20.31 -5.28 5.59
N GLU A 87 -21.41 -5.88 6.02
CA GLU A 87 -21.43 -7.30 6.35
C GLU A 87 -22.55 -8.02 5.61
N MET A 88 -22.40 -9.33 5.43
CA MET A 88 -23.40 -10.12 4.74
C MET A 88 -23.64 -11.44 5.47
N MET A 89 -24.67 -12.17 5.06
CA MET A 89 -25.02 -13.44 5.67
C MET A 89 -24.56 -14.61 4.79
N ASP A 90 -24.58 -15.81 5.36
CA ASP A 90 -24.18 -17.00 4.62
C ASP A 90 -24.42 -18.26 5.45
N GLN A 91 -24.15 -19.42 4.85
CA GLN A 91 -24.34 -20.69 5.53
C GLN A 91 -23.06 -21.51 5.54
N SER A 92 -23.10 -22.68 6.16
CA SER A 92 -21.93 -23.55 6.24
C SER A 92 -21.33 -23.78 4.86
N GLY A 93 -20.19 -24.47 4.82
CA GLY A 93 -19.53 -24.74 3.57
C GLY A 93 -18.94 -26.13 3.51
N PRO A 94 -18.03 -26.35 2.54
CA PRO A 94 -17.37 -27.65 2.36
C PRO A 94 -16.38 -27.95 3.49
N SER A 95 -15.64 -29.04 3.34
CA SER A 95 -14.67 -29.45 4.35
C SER A 95 -13.73 -30.51 3.79
N SER A 96 -12.75 -30.92 4.60
CA SER A 96 -11.78 -31.93 4.19
C SER A 96 -12.47 -33.22 3.78
N GLY A 97 -13.17 -33.83 4.73
CA GLY A 97 -13.87 -35.07 4.45
C GLY A 97 -14.77 -35.50 5.61
N GLY A 1 -24.47 -10.44 -11.88
CA GLY A 1 -24.93 -9.25 -12.57
C GLY A 1 -24.42 -9.17 -13.99
N SER A 2 -24.84 -8.13 -14.71
CA SER A 2 -24.43 -7.95 -16.10
C SER A 2 -23.30 -6.92 -16.19
N SER A 3 -22.08 -7.41 -16.42
CA SER A 3 -20.93 -6.53 -16.53
C SER A 3 -21.21 -5.37 -17.48
N GLY A 4 -20.26 -4.44 -17.56
CA GLY A 4 -20.43 -3.29 -18.43
C GLY A 4 -19.79 -2.04 -17.87
N SER A 5 -18.72 -1.58 -18.50
CA SER A 5 -18.01 -0.38 -18.05
C SER A 5 -17.66 0.52 -19.22
N SER A 6 -17.62 1.83 -18.98
CA SER A 6 -17.30 2.79 -20.02
C SER A 6 -15.95 3.45 -19.74
N GLY A 7 -14.99 3.22 -20.63
CA GLY A 7 -13.67 3.79 -20.46
C GLY A 7 -12.66 2.79 -19.96
N THR A 8 -13.05 2.00 -18.97
CA THR A 8 -12.16 0.99 -18.41
C THR A 8 -12.39 -0.37 -19.05
N ASP A 9 -11.30 -1.05 -19.39
CA ASP A 9 -11.38 -2.36 -20.02
C ASP A 9 -12.25 -3.30 -19.19
N PRO A 10 -12.97 -4.20 -19.88
CA PRO A 10 -13.86 -5.17 -19.23
C PRO A 10 -13.10 -6.23 -18.45
N GLY A 11 -13.82 -7.06 -17.72
CA GLY A 11 -13.18 -8.12 -16.94
C GLY A 11 -14.06 -8.60 -15.80
N ALA A 12 -13.47 -9.36 -14.88
CA ALA A 12 -14.20 -9.87 -13.74
C ALA A 12 -13.76 -9.20 -12.44
N GLU A 13 -14.41 -9.55 -11.34
CA GLU A 13 -14.10 -8.97 -10.04
C GLU A 13 -12.59 -8.92 -9.83
N GLU A 14 -12.15 -7.93 -9.07
CA GLU A 14 -10.73 -7.75 -8.78
C GLU A 14 -10.43 -7.99 -7.31
N LEU A 15 -9.17 -8.27 -7.00
CA LEU A 15 -8.75 -8.53 -5.63
C LEU A 15 -8.45 -7.22 -4.90
N PRO A 16 -8.78 -7.18 -3.60
CA PRO A 16 -8.57 -5.99 -2.77
C PRO A 16 -7.08 -5.74 -2.50
N ALA A 17 -6.62 -4.55 -2.85
CA ALA A 17 -5.22 -4.18 -2.64
C ALA A 17 -5.06 -3.28 -1.42
N ARG A 18 -4.62 -3.86 -0.32
CA ARG A 18 -4.42 -3.11 0.92
C ARG A 18 -3.95 -1.69 0.62
N ILE A 19 -4.84 -0.73 0.83
CA ILE A 19 -4.51 0.68 0.58
C ILE A 19 -3.88 1.31 1.81
N PHE A 20 -2.57 1.51 1.76
CA PHE A 20 -1.85 2.11 2.87
C PHE A 20 -1.30 3.49 2.49
N VAL A 21 -1.45 4.44 3.41
CA VAL A 21 -0.97 5.80 3.16
C VAL A 21 0.34 6.07 3.89
N ALA A 22 1.25 6.75 3.21
CA ALA A 22 2.56 7.07 3.79
C ALA A 22 2.43 8.15 4.86
N LEU A 23 2.99 7.87 6.03
CA LEU A 23 2.95 8.83 7.14
C LEU A 23 4.15 9.76 7.10
N PHE A 24 5.24 9.29 6.52
CA PHE A 24 6.46 10.09 6.42
C PHE A 24 7.31 9.63 5.23
N ASP A 25 7.76 10.59 4.43
CA ASP A 25 8.58 10.30 3.26
C ASP A 25 9.59 9.20 3.58
N TYR A 26 10.11 8.57 2.54
CA TYR A 26 11.09 7.50 2.71
C TYR A 26 11.97 7.37 1.46
N ASP A 27 13.26 7.65 1.62
CA ASP A 27 14.21 7.56 0.52
C ASP A 27 15.25 6.48 0.77
N PRO A 28 15.12 5.35 0.07
CA PRO A 28 16.04 4.22 0.21
C PRO A 28 17.42 4.53 -0.34
N LEU A 29 17.56 5.69 -0.97
CA LEU A 29 18.83 6.10 -1.55
C LEU A 29 19.64 6.93 -0.55
N THR A 30 18.95 7.60 0.35
CA THR A 30 19.60 8.42 1.36
C THR A 30 19.37 7.86 2.76
N MET A 31 18.57 6.80 2.84
CA MET A 31 18.28 6.17 4.12
C MET A 31 18.86 4.76 4.19
N SER A 32 18.39 3.89 3.28
CA SER A 32 18.86 2.51 3.24
C SER A 32 20.38 2.45 3.39
N PRO A 33 20.86 1.43 4.11
CA PRO A 33 22.29 1.22 4.35
C PRO A 33 23.04 0.82 3.09
N ASN A 34 22.29 0.41 2.07
CA ASN A 34 22.88 -0.01 0.80
C ASN A 34 22.00 0.41 -0.37
N PRO A 35 22.59 1.16 -1.32
CA PRO A 35 21.89 1.63 -2.51
C PRO A 35 21.54 0.49 -3.47
N ASP A 36 22.44 -0.49 -3.56
CA ASP A 36 22.23 -1.63 -4.43
C ASP A 36 21.03 -2.46 -3.98
N ALA A 37 20.92 -2.66 -2.67
CA ALA A 37 19.82 -3.44 -2.11
C ALA A 37 18.57 -2.58 -1.95
N ALA A 38 18.73 -1.27 -2.11
CA ALA A 38 17.61 -0.34 -1.98
C ALA A 38 16.53 -0.64 -3.01
N GLU A 39 16.95 -1.18 -4.16
CA GLU A 39 16.01 -1.51 -5.23
C GLU A 39 14.82 -2.29 -4.69
N GLU A 40 15.09 -3.23 -3.79
CA GLU A 40 14.05 -4.05 -3.21
C GLU A 40 13.05 -3.19 -2.44
N GLU A 41 13.51 -2.06 -1.93
CA GLU A 41 12.66 -1.15 -1.19
C GLU A 41 11.83 -0.27 -2.13
N LEU A 42 10.62 0.05 -1.72
CA LEU A 42 9.73 0.88 -2.54
C LEU A 42 9.64 2.29 -1.97
N PRO A 43 10.32 3.24 -2.62
CA PRO A 43 10.32 4.65 -2.21
C PRO A 43 8.98 5.32 -2.42
N PHE A 44 8.65 6.27 -1.55
CA PHE A 44 7.39 7.00 -1.65
C PHE A 44 7.43 8.28 -0.82
N LYS A 45 6.43 9.13 -1.01
CA LYS A 45 6.36 10.39 -0.29
C LYS A 45 5.18 10.39 0.69
N GLU A 46 5.22 11.30 1.65
CA GLU A 46 4.15 11.40 2.65
C GLU A 46 2.82 11.69 1.98
N GLY A 47 1.79 10.96 2.39
CA GLY A 47 0.47 11.15 1.82
C GLY A 47 0.28 10.40 0.51
N GLN A 48 1.20 9.48 0.22
CA GLN A 48 1.14 8.70 -1.01
C GLN A 48 0.37 7.40 -0.79
N ILE A 49 -0.27 6.91 -1.85
CA ILE A 49 -1.04 5.68 -1.78
C ILE A 49 -0.25 4.50 -2.35
N ILE A 50 -0.09 3.46 -1.55
CA ILE A 50 0.64 2.27 -1.96
C ILE A 50 -0.27 1.04 -1.98
N LYS A 51 -0.35 0.39 -3.14
CA LYS A 51 -1.18 -0.80 -3.29
C LYS A 51 -0.52 -2.01 -2.65
N VAL A 52 -0.75 -2.20 -1.36
CA VAL A 52 -0.18 -3.33 -0.63
C VAL A 52 -1.00 -4.59 -0.83
N TYR A 53 -0.33 -5.74 -0.92
CA TYR A 53 -1.00 -7.02 -1.11
C TYR A 53 -0.52 -8.04 -0.09
N GLY A 54 -1.27 -9.12 0.06
CA GLY A 54 -0.91 -10.17 1.00
C GLY A 54 -0.48 -9.61 2.34
N ASP A 55 0.16 -10.45 3.15
CA ASP A 55 0.62 -10.03 4.47
C ASP A 55 2.09 -9.61 4.42
N LYS A 56 2.65 -9.30 5.58
CA LYS A 56 4.05 -8.89 5.66
C LYS A 56 4.96 -10.08 5.95
N ASP A 57 6.17 -10.03 5.41
CA ASP A 57 7.14 -11.11 5.61
C ASP A 57 7.81 -11.00 6.98
N ALA A 58 8.65 -11.97 7.30
CA ALA A 58 9.36 -11.98 8.56
C ALA A 58 10.04 -10.64 8.83
N ASP A 59 10.65 -10.09 7.80
CA ASP A 59 11.33 -8.80 7.92
C ASP A 59 10.39 -7.73 8.46
N GLY A 60 9.10 -7.93 8.25
CA GLY A 60 8.11 -6.98 8.73
C GLY A 60 7.84 -5.87 7.72
N PHE A 61 7.92 -6.21 6.43
CA PHE A 61 7.69 -5.23 5.38
C PHE A 61 6.40 -5.55 4.61
N TYR A 62 5.94 -4.59 3.82
CA TYR A 62 4.72 -4.77 3.05
C TYR A 62 5.00 -4.58 1.55
N ARG A 63 4.87 -5.67 0.79
CA ARG A 63 5.10 -5.62 -0.65
C ARG A 63 3.94 -4.96 -1.36
N GLY A 64 4.09 -3.67 -1.68
CA GLY A 64 3.04 -2.95 -2.36
C GLY A 64 3.51 -2.33 -3.65
N GLU A 65 2.57 -1.79 -4.44
CA GLU A 65 2.91 -1.17 -5.70
C GLU A 65 2.49 0.30 -5.73
N THR A 66 3.26 1.13 -6.42
CA THR A 66 2.98 2.55 -6.51
C THR A 66 3.73 3.20 -7.67
N CYS A 67 3.11 4.17 -8.30
CA CYS A 67 3.73 4.87 -9.43
C CYS A 67 4.30 3.88 -10.44
N ALA A 68 3.64 2.73 -10.57
CA ALA A 68 4.08 1.70 -11.50
C ALA A 68 5.37 1.05 -11.02
N ARG A 69 5.56 1.00 -9.71
CA ARG A 69 6.76 0.41 -9.13
C ARG A 69 6.39 -0.66 -8.10
N LEU A 70 7.28 -1.63 -7.93
CA LEU A 70 7.05 -2.72 -6.97
C LEU A 70 8.24 -2.87 -6.04
N GLY A 71 7.99 -2.72 -4.74
CA GLY A 71 9.05 -2.86 -3.76
C GLY A 71 8.52 -3.17 -2.37
N LEU A 72 9.33 -2.90 -1.36
CA LEU A 72 8.94 -3.16 0.02
C LEU A 72 8.62 -1.87 0.75
N ILE A 73 7.68 -1.94 1.69
CA ILE A 73 7.28 -0.76 2.46
C ILE A 73 7.33 -1.05 3.96
N PRO A 74 7.90 -0.12 4.73
CA PRO A 74 8.01 -0.25 6.18
C PRO A 74 6.66 -0.13 6.88
N CYS A 75 6.12 -1.27 7.30
CA CYS A 75 4.83 -1.30 7.99
C CYS A 75 4.81 -0.32 9.16
N ASN A 76 6.01 0.10 9.58
CA ASN A 76 6.13 1.03 10.69
C ASN A 76 5.76 2.45 10.26
N MET A 77 6.20 2.83 9.06
CA MET A 77 5.91 4.15 8.53
C MET A 77 4.46 4.25 8.05
N VAL A 78 4.16 3.57 6.96
CA VAL A 78 2.81 3.58 6.40
C VAL A 78 1.78 3.24 7.46
N SER A 79 0.51 3.33 7.10
CA SER A 79 -0.58 3.04 8.03
C SER A 79 -1.81 2.54 7.27
N GLU A 80 -2.55 1.63 7.91
CA GLU A 80 -3.76 1.07 7.30
C GLU A 80 -4.89 2.09 7.30
N ILE A 81 -5.45 2.36 6.12
CA ILE A 81 -6.54 3.31 5.98
C ILE A 81 -7.87 2.70 6.42
N GLN A 82 -8.38 1.77 5.61
CA GLN A 82 -9.64 1.11 5.92
C GLN A 82 -9.41 -0.34 6.32
N ALA A 83 -10.10 -0.78 7.38
CA ALA A 83 -9.97 -2.14 7.87
C ALA A 83 -11.29 -2.90 7.75
N ASP A 84 -11.28 -4.16 8.17
CA ASP A 84 -12.47 -4.99 8.11
C ASP A 84 -13.27 -4.90 9.40
N ASP A 85 -13.47 -3.67 9.88
CA ASP A 85 -14.21 -3.44 11.12
C ASP A 85 -14.45 -1.95 11.34
N GLU A 86 -15.46 -1.63 12.13
CA GLU A 86 -15.79 -0.24 12.43
C GLU A 86 -16.38 -0.10 13.83
N GLU A 87 -16.45 1.13 14.33
CA GLU A 87 -16.99 1.40 15.65
C GLU A 87 -17.72 2.74 15.69
N MET A 88 -18.66 2.86 16.61
CA MET A 88 -19.43 4.09 16.75
C MET A 88 -18.53 5.27 17.10
N MET A 89 -18.97 6.47 16.75
CA MET A 89 -18.21 7.68 17.03
C MET A 89 -18.93 8.56 18.03
N ASP A 90 -18.19 9.02 19.05
CA ASP A 90 -18.78 9.88 20.07
C ASP A 90 -18.06 11.24 20.11
N GLN A 91 -17.87 11.84 18.94
CA GLN A 91 -17.20 13.12 18.84
C GLN A 91 -18.01 14.21 19.54
N SER A 92 -17.32 15.24 20.02
CA SER A 92 -17.97 16.35 20.71
C SER A 92 -19.11 16.92 19.86
N GLY A 93 -20.32 16.43 20.10
CA GLY A 93 -21.47 16.91 19.35
C GLY A 93 -21.61 18.41 19.40
N PRO A 94 -22.26 18.92 20.46
CA PRO A 94 -22.48 20.35 20.65
C PRO A 94 -21.19 21.10 20.96
N SER A 95 -21.21 22.42 20.80
CA SER A 95 -20.04 23.25 21.06
C SER A 95 -20.43 24.71 21.25
N SER A 96 -19.49 25.51 21.74
CA SER A 96 -19.75 26.93 21.96
C SER A 96 -19.05 27.78 20.92
N GLY A 97 -19.42 29.06 20.84
CA GLY A 97 -18.81 29.96 19.88
C GLY A 97 -17.31 29.79 19.79
N GLY A 1 -13.15 20.44 -2.33
CA GLY A 1 -12.76 19.05 -2.52
C GLY A 1 -13.42 18.42 -3.73
N SER A 2 -12.61 17.98 -4.68
CA SER A 2 -13.12 17.35 -5.89
C SER A 2 -13.56 15.91 -5.63
N SER A 3 -14.30 15.34 -6.57
CA SER A 3 -14.79 13.97 -6.44
C SER A 3 -13.68 12.97 -6.79
N GLY A 4 -13.09 12.37 -5.76
CA GLY A 4 -12.04 11.41 -5.97
C GLY A 4 -10.78 12.03 -6.57
N SER A 5 -10.50 11.70 -7.82
CA SER A 5 -9.33 12.23 -8.52
C SER A 5 -9.61 12.41 -10.00
N SER A 6 -8.95 13.39 -10.61
CA SER A 6 -9.13 13.67 -12.03
C SER A 6 -7.89 13.26 -12.82
N GLY A 7 -7.96 12.08 -13.44
CA GLY A 7 -6.84 11.59 -14.23
C GLY A 7 -6.42 10.19 -13.82
N THR A 8 -6.04 10.04 -12.56
CA THR A 8 -5.60 8.74 -12.04
C THR A 8 -6.78 7.93 -11.54
N ASP A 9 -6.95 6.73 -12.08
CA ASP A 9 -8.04 5.85 -11.69
C ASP A 9 -7.51 4.51 -11.19
N PRO A 10 -8.28 3.86 -10.29
CA PRO A 10 -7.90 2.57 -9.72
C PRO A 10 -7.98 1.44 -10.73
N GLY A 11 -7.83 0.21 -10.26
CA GLY A 11 -7.89 -0.94 -11.15
C GLY A 11 -9.31 -1.36 -11.46
N ALA A 12 -9.46 -2.27 -12.42
CA ALA A 12 -10.77 -2.76 -12.82
C ALA A 12 -11.20 -3.94 -11.97
N GLU A 13 -11.91 -3.67 -10.88
CA GLU A 13 -12.37 -4.72 -9.98
C GLU A 13 -11.29 -5.77 -9.76
N GLU A 14 -10.04 -5.33 -9.85
CA GLU A 14 -8.90 -6.23 -9.66
C GLU A 14 -8.84 -6.72 -8.21
N LEU A 15 -7.94 -7.66 -7.95
CA LEU A 15 -7.78 -8.21 -6.62
C LEU A 15 -7.69 -7.11 -5.57
N PRO A 16 -8.18 -7.40 -4.35
CA PRO A 16 -8.16 -6.44 -3.25
C PRO A 16 -6.75 -6.18 -2.73
N ALA A 17 -6.34 -4.92 -2.78
CA ALA A 17 -5.00 -4.54 -2.32
C ALA A 17 -5.10 -3.59 -1.12
N ARG A 18 -4.45 -3.98 -0.02
CA ARG A 18 -4.46 -3.18 1.19
C ARG A 18 -3.98 -1.75 0.90
N ILE A 19 -4.92 -0.82 0.83
CA ILE A 19 -4.59 0.58 0.56
C ILE A 19 -3.95 1.24 1.78
N PHE A 20 -2.64 1.44 1.72
CA PHE A 20 -1.91 2.06 2.81
C PHE A 20 -1.31 3.40 2.38
N VAL A 21 -1.39 4.39 3.27
CA VAL A 21 -0.87 5.72 2.97
C VAL A 21 0.47 5.94 3.68
N ALA A 22 1.27 6.85 3.13
CA ALA A 22 2.58 7.16 3.69
C ALA A 22 2.48 8.28 4.73
N LEU A 23 3.00 8.02 5.92
CA LEU A 23 2.97 9.00 7.00
C LEU A 23 4.21 9.89 6.97
N PHE A 24 5.27 9.39 6.35
CA PHE A 24 6.51 10.14 6.24
C PHE A 24 7.33 9.68 5.03
N ASP A 25 7.86 10.64 4.28
CA ASP A 25 8.66 10.33 3.10
C ASP A 25 9.65 9.21 3.39
N TYR A 26 9.91 8.39 2.38
CA TYR A 26 10.84 7.27 2.53
C TYR A 26 11.90 7.30 1.44
N ASP A 27 13.16 7.45 1.85
CA ASP A 27 14.27 7.49 0.91
C ASP A 27 15.25 6.36 1.18
N PRO A 28 15.09 5.24 0.46
CA PRO A 28 15.95 4.06 0.60
C PRO A 28 17.36 4.31 0.07
N LEU A 29 17.57 5.49 -0.48
CA LEU A 29 18.88 5.85 -1.03
C LEU A 29 19.73 6.57 0.03
N THR A 30 19.07 7.11 1.04
CA THR A 30 19.75 7.81 2.11
C THR A 30 19.37 7.25 3.47
N MET A 31 18.45 6.30 3.48
CA MET A 31 18.00 5.68 4.72
C MET A 31 18.61 4.29 4.88
N SER A 32 18.52 3.48 3.84
CA SER A 32 19.06 2.13 3.86
C SER A 32 20.59 2.15 3.91
N PRO A 33 21.17 1.22 4.67
CA PRO A 33 22.63 1.11 4.81
C PRO A 33 23.31 0.64 3.53
N ASN A 34 22.54 -0.05 2.69
CA ASN A 34 23.06 -0.57 1.43
C ASN A 34 22.31 0.02 0.24
N PRO A 35 23.05 0.57 -0.73
CA PRO A 35 22.48 1.17 -1.92
C PRO A 35 21.86 0.13 -2.86
N ASP A 36 22.58 -0.97 -3.07
CA ASP A 36 22.11 -2.04 -3.94
C ASP A 36 20.86 -2.69 -3.36
N ALA A 37 20.92 -3.03 -2.08
CA ALA A 37 19.79 -3.67 -1.41
C ALA A 37 18.58 -2.73 -1.37
N ALA A 38 18.84 -1.44 -1.29
CA ALA A 38 17.77 -0.44 -1.24
C ALA A 38 16.79 -0.64 -2.39
N GLU A 39 17.31 -1.03 -3.55
CA GLU A 39 16.48 -1.27 -4.73
C GLU A 39 15.23 -2.07 -4.36
N GLU A 40 15.41 -3.07 -3.51
CA GLU A 40 14.30 -3.91 -3.07
C GLU A 40 13.21 -3.08 -2.40
N GLU A 41 13.63 -2.10 -1.61
CA GLU A 41 12.70 -1.22 -0.91
C GLU A 41 11.91 -0.35 -1.89
N LEU A 42 10.69 -0.01 -1.51
CA LEU A 42 9.84 0.82 -2.36
C LEU A 42 9.72 2.23 -1.80
N PRO A 43 10.41 3.19 -2.43
CA PRO A 43 10.40 4.59 -2.00
C PRO A 43 9.05 5.26 -2.27
N PHE A 44 8.61 6.10 -1.33
CA PHE A 44 7.35 6.80 -1.47
C PHE A 44 7.35 8.10 -0.67
N LYS A 45 6.54 9.06 -1.11
CA LYS A 45 6.46 10.35 -0.44
C LYS A 45 5.28 10.40 0.53
N GLU A 46 5.31 11.34 1.46
CA GLU A 46 4.25 11.47 2.45
C GLU A 46 2.90 11.74 1.76
N GLY A 47 1.90 10.96 2.14
CA GLY A 47 0.58 11.12 1.56
C GLY A 47 0.35 10.21 0.36
N GLN A 48 1.44 9.71 -0.21
CA GLN A 48 1.36 8.82 -1.37
C GLN A 48 0.63 7.54 -1.01
N ILE A 49 -0.11 7.00 -1.98
CA ILE A 49 -0.86 5.77 -1.76
C ILE A 49 -0.07 4.55 -2.26
N ILE A 50 -0.18 3.45 -1.53
CA ILE A 50 0.51 2.23 -1.90
C ILE A 50 -0.44 1.03 -1.88
N LYS A 51 -0.37 0.21 -2.93
CA LYS A 51 -1.23 -0.97 -3.04
C LYS A 51 -0.55 -2.18 -2.42
N VAL A 52 -0.70 -2.34 -1.10
CA VAL A 52 -0.11 -3.45 -0.39
C VAL A 52 -0.78 -4.77 -0.76
N TYR A 53 0.01 -5.74 -1.21
CA TYR A 53 -0.52 -7.04 -1.60
C TYR A 53 -0.08 -8.12 -0.62
N GLY A 54 -1.01 -9.00 -0.26
CA GLY A 54 -0.71 -10.07 0.67
C GLY A 54 -0.59 -9.58 2.10
N ASP A 55 0.38 -10.13 2.82
CA ASP A 55 0.60 -9.74 4.21
C ASP A 55 2.08 -9.48 4.48
N LYS A 56 2.41 -9.19 5.73
CA LYS A 56 3.79 -8.93 6.12
C LYS A 56 4.65 -10.18 5.98
N ASP A 57 5.95 -9.98 5.82
CA ASP A 57 6.88 -11.10 5.68
C ASP A 57 7.91 -11.09 6.81
N ALA A 58 8.79 -12.08 6.80
CA ALA A 58 9.82 -12.20 7.83
C ALA A 58 10.41 -10.83 8.18
N ASP A 59 10.97 -10.17 7.18
CA ASP A 59 11.56 -8.85 7.38
C ASP A 59 10.60 -7.93 8.10
N GLY A 60 9.31 -8.08 7.83
CA GLY A 60 8.30 -7.26 8.46
C GLY A 60 7.94 -6.04 7.62
N PHE A 61 7.87 -6.24 6.31
CA PHE A 61 7.53 -5.15 5.40
C PHE A 61 6.19 -5.41 4.71
N TYR A 62 5.82 -4.53 3.80
CA TYR A 62 4.57 -4.66 3.07
C TYR A 62 4.77 -4.47 1.57
N ARG A 63 4.87 -5.59 0.85
CA ARG A 63 5.07 -5.55 -0.59
C ARG A 63 3.88 -4.88 -1.29
N GLY A 64 4.00 -3.58 -1.54
CA GLY A 64 2.93 -2.86 -2.19
C GLY A 64 3.38 -2.25 -3.52
N GLU A 65 2.41 -1.83 -4.32
CA GLU A 65 2.71 -1.23 -5.62
C GLU A 65 2.21 0.21 -5.68
N THR A 66 3.04 1.10 -6.23
CA THR A 66 2.69 2.51 -6.34
C THR A 66 3.38 3.15 -7.53
N CYS A 67 2.72 4.12 -8.14
CA CYS A 67 3.28 4.82 -9.31
C CYS A 67 3.92 3.83 -10.27
N ALA A 68 3.21 2.75 -10.55
CA ALA A 68 3.71 1.72 -11.47
C ALA A 68 5.05 1.17 -11.00
N ARG A 69 5.18 0.99 -9.69
CA ARG A 69 6.42 0.48 -9.12
C ARG A 69 6.12 -0.58 -8.05
N LEU A 70 7.07 -1.47 -7.83
CA LEU A 70 6.92 -2.54 -6.84
C LEU A 70 8.12 -2.60 -5.91
N GLY A 71 7.88 -2.97 -4.65
CA GLY A 71 8.96 -3.06 -3.69
C GLY A 71 8.46 -3.39 -2.29
N LEU A 72 9.23 -3.00 -1.28
CA LEU A 72 8.86 -3.26 0.10
C LEU A 72 8.56 -1.96 0.84
N ILE A 73 7.55 -1.99 1.71
CA ILE A 73 7.17 -0.82 2.48
C ILE A 73 7.19 -1.11 3.98
N PRO A 74 7.83 -0.20 4.73
CA PRO A 74 7.95 -0.33 6.19
C PRO A 74 6.61 -0.12 6.90
N CYS A 75 6.10 -1.20 7.50
CA CYS A 75 4.83 -1.13 8.21
C CYS A 75 4.91 -0.15 9.38
N ASN A 76 6.11 0.32 9.66
CA ASN A 76 6.33 1.26 10.76
C ASN A 76 6.02 2.69 10.32
N MET A 77 6.17 2.94 9.02
CA MET A 77 5.92 4.27 8.46
C MET A 77 4.49 4.37 7.95
N VAL A 78 4.17 3.58 6.93
CA VAL A 78 2.82 3.59 6.35
C VAL A 78 1.78 3.17 7.37
N SER A 79 0.51 3.44 7.06
CA SER A 79 -0.58 3.10 7.96
C SER A 79 -1.82 2.65 7.17
N GLU A 80 -2.60 1.76 7.77
CA GLU A 80 -3.80 1.25 7.12
C GLU A 80 -4.90 2.31 7.12
N ILE A 81 -5.62 2.40 6.00
CA ILE A 81 -6.70 3.37 5.86
C ILE A 81 -8.02 2.78 6.32
N GLN A 82 -8.91 3.65 6.79
CA GLN A 82 -10.23 3.21 7.27
C GLN A 82 -10.86 2.22 6.29
N ALA A 83 -11.55 1.23 6.84
CA ALA A 83 -12.21 0.22 6.00
C ALA A 83 -13.73 0.29 6.14
N ASP A 84 -14.42 0.19 5.02
CA ASP A 84 -15.87 0.25 5.01
C ASP A 84 -16.48 -1.12 5.31
N ASP A 85 -15.95 -2.15 4.66
CA ASP A 85 -16.43 -3.51 4.85
C ASP A 85 -16.41 -3.89 6.33
N GLU A 86 -16.94 -5.07 6.65
CA GLU A 86 -16.98 -5.54 8.03
C GLU A 86 -15.96 -6.65 8.25
N GLU A 87 -14.84 -6.29 8.87
CA GLU A 87 -13.78 -7.26 9.15
C GLU A 87 -14.24 -8.28 10.19
N MET A 88 -14.28 -9.55 9.81
CA MET A 88 -14.69 -10.61 10.72
C MET A 88 -14.08 -10.41 12.09
N MET A 89 -14.84 -10.77 13.13
CA MET A 89 -14.37 -10.63 14.50
C MET A 89 -12.90 -10.99 14.62
N ASP A 90 -12.10 -10.07 15.14
CA ASP A 90 -10.67 -10.30 15.31
C ASP A 90 -10.41 -11.40 16.32
N GLN A 91 -11.12 -11.36 17.45
CA GLN A 91 -10.96 -12.36 18.49
C GLN A 91 -11.17 -13.76 17.93
N SER A 92 -10.43 -14.73 18.47
CA SER A 92 -10.54 -16.12 18.03
C SER A 92 -11.60 -16.86 18.82
N GLY A 93 -12.18 -17.90 18.21
CA GLY A 93 -13.20 -18.68 18.87
C GLY A 93 -12.62 -19.77 19.74
N PRO A 94 -13.45 -20.78 20.07
CA PRO A 94 -13.04 -21.90 20.91
C PRO A 94 -12.07 -22.82 20.18
N SER A 95 -11.74 -22.48 18.94
CA SER A 95 -10.81 -23.28 18.15
C SER A 95 -9.37 -22.85 18.40
N SER A 96 -8.42 -23.73 18.07
CA SER A 96 -7.01 -23.43 18.26
C SER A 96 -6.35 -23.05 16.94
N GLY A 97 -6.70 -23.77 15.88
CA GLY A 97 -6.14 -23.48 14.56
C GLY A 97 -7.14 -22.83 13.64
N GLY A 1 5.11 5.19 -32.53
CA GLY A 1 5.19 6.54 -32.03
C GLY A 1 4.71 6.67 -30.59
N SER A 2 3.66 7.45 -30.39
CA SER A 2 3.11 7.66 -29.06
C SER A 2 2.20 6.50 -28.66
N SER A 3 2.76 5.51 -27.98
CA SER A 3 2.00 4.34 -27.55
C SER A 3 1.90 4.30 -26.03
N GLY A 4 0.69 4.03 -25.53
CA GLY A 4 0.48 3.96 -24.10
C GLY A 4 -0.99 3.97 -23.72
N SER A 5 -1.26 4.08 -22.43
CA SER A 5 -2.64 4.11 -21.95
C SER A 5 -2.73 4.80 -20.59
N SER A 6 -3.51 5.87 -20.53
CA SER A 6 -3.67 6.64 -19.30
C SER A 6 -5.00 6.31 -18.63
N GLY A 7 -5.25 6.92 -17.48
CA GLY A 7 -6.49 6.68 -16.75
C GLY A 7 -6.67 5.22 -16.40
N THR A 8 -7.91 4.74 -16.50
CA THR A 8 -8.22 3.35 -16.19
C THR A 8 -9.09 2.72 -17.27
N ASP A 9 -9.01 1.40 -17.39
CA ASP A 9 -9.79 0.68 -18.38
C ASP A 9 -10.67 -0.38 -17.72
N PRO A 10 -11.81 -0.68 -18.35
CA PRO A 10 -12.77 -1.68 -17.83
C PRO A 10 -12.23 -3.10 -17.95
N GLY A 11 -12.30 -3.85 -16.86
CA GLY A 11 -11.81 -5.22 -16.87
C GLY A 11 -12.77 -6.18 -16.19
N ALA A 12 -12.46 -6.55 -14.95
CA ALA A 12 -13.30 -7.46 -14.19
C ALA A 12 -12.91 -7.47 -12.71
N GLU A 13 -13.80 -7.97 -11.87
CA GLU A 13 -13.56 -8.03 -10.44
C GLU A 13 -12.09 -8.37 -10.16
N GLU A 14 -11.48 -7.61 -9.25
CA GLU A 14 -10.08 -7.83 -8.90
C GLU A 14 -9.93 -8.04 -7.39
N LEU A 15 -8.78 -8.56 -6.98
CA LEU A 15 -8.50 -8.81 -5.58
C LEU A 15 -8.30 -7.50 -4.82
N PRO A 16 -8.77 -7.46 -3.56
CA PRO A 16 -8.65 -6.28 -2.71
C PRO A 16 -7.21 -6.03 -2.28
N ALA A 17 -6.68 -4.87 -2.65
CA ALA A 17 -5.31 -4.51 -2.30
C ALA A 17 -5.29 -3.51 -1.14
N ARG A 18 -5.00 -4.02 0.05
CA ARG A 18 -4.94 -3.18 1.24
C ARG A 18 -4.22 -1.87 0.95
N ILE A 19 -4.95 -0.76 1.03
CA ILE A 19 -4.38 0.56 0.77
C ILE A 19 -3.64 1.08 1.99
N PHE A 20 -2.43 1.61 1.76
CA PHE A 20 -1.62 2.15 2.85
C PHE A 20 -1.02 3.49 2.47
N VAL A 21 -1.25 4.50 3.30
CA VAL A 21 -0.73 5.84 3.06
C VAL A 21 0.59 6.06 3.77
N ALA A 22 1.45 6.89 3.18
CA ALA A 22 2.75 7.19 3.77
C ALA A 22 2.63 8.27 4.85
N LEU A 23 3.19 7.99 6.02
CA LEU A 23 3.15 8.94 7.12
C LEU A 23 4.34 9.89 7.07
N PHE A 24 5.37 9.50 6.35
CA PHE A 24 6.57 10.32 6.21
C PHE A 24 7.39 9.89 4.99
N ASP A 25 7.78 10.87 4.18
CA ASP A 25 8.56 10.60 2.99
C ASP A 25 9.61 9.51 3.25
N TYR A 26 9.78 8.61 2.28
CA TYR A 26 10.74 7.52 2.41
C TYR A 26 11.69 7.50 1.23
N ASP A 27 12.96 7.79 1.49
CA ASP A 27 13.98 7.80 0.45
C ASP A 27 15.05 6.74 0.72
N PRO A 28 14.93 5.59 0.04
CA PRO A 28 15.87 4.48 0.19
C PRO A 28 17.24 4.80 -0.39
N LEU A 29 17.29 5.79 -1.28
CA LEU A 29 18.54 6.19 -1.91
C LEU A 29 19.42 6.97 -0.94
N THR A 30 18.78 7.74 -0.07
CA THR A 30 19.51 8.53 0.92
C THR A 30 19.47 7.87 2.29
N MET A 31 18.28 7.49 2.73
CA MET A 31 18.12 6.84 4.02
C MET A 31 18.91 5.54 4.09
N SER A 32 18.48 4.54 3.33
CA SER A 32 19.16 3.25 3.30
C SER A 32 20.66 3.42 3.10
N PRO A 33 21.45 2.61 3.81
CA PRO A 33 22.91 2.65 3.74
C PRO A 33 23.44 2.16 2.40
N ASN A 34 22.98 0.98 1.99
CA ASN A 34 23.40 0.40 0.71
C ASN A 34 22.37 0.67 -0.38
N PRO A 35 22.83 1.32 -1.46
CA PRO A 35 21.97 1.67 -2.60
C PRO A 35 21.56 0.43 -3.40
N ASP A 36 22.42 -0.58 -3.41
CA ASP A 36 22.14 -1.81 -4.13
C ASP A 36 20.91 -2.51 -3.57
N ALA A 37 20.78 -2.50 -2.25
CA ALA A 37 19.64 -3.13 -1.59
C ALA A 37 18.41 -2.24 -1.66
N ALA A 38 18.63 -0.93 -1.66
CA ALA A 38 17.53 0.03 -1.73
C ALA A 38 16.52 -0.37 -2.80
N GLU A 39 17.01 -0.95 -3.88
CA GLU A 39 16.15 -1.38 -4.97
C GLU A 39 14.96 -2.19 -4.45
N GLU A 40 15.24 -3.10 -3.52
CA GLU A 40 14.21 -3.94 -2.93
C GLU A 40 13.17 -3.09 -2.21
N GLU A 41 13.59 -1.95 -1.69
CA GLU A 41 12.69 -1.05 -0.98
C GLU A 41 11.90 -0.18 -1.95
N LEU A 42 10.63 0.04 -1.63
CA LEU A 42 9.76 0.86 -2.47
C LEU A 42 9.61 2.26 -1.90
N PRO A 43 10.22 3.24 -2.57
CA PRO A 43 10.17 4.65 -2.15
C PRO A 43 8.78 5.25 -2.34
N PHE A 44 8.40 6.14 -1.43
CA PHE A 44 7.10 6.79 -1.50
C PHE A 44 7.08 8.06 -0.66
N LYS A 45 6.41 9.10 -1.17
CA LYS A 45 6.32 10.37 -0.47
C LYS A 45 5.17 10.37 0.52
N GLU A 46 5.22 11.28 1.49
CA GLU A 46 4.17 11.38 2.50
C GLU A 46 2.81 11.61 1.86
N GLY A 47 1.81 10.88 2.34
CA GLY A 47 0.47 11.01 1.80
C GLY A 47 0.27 10.20 0.53
N GLN A 48 1.31 9.51 0.11
CA GLN A 48 1.25 8.69 -1.09
C GLN A 48 0.45 7.42 -0.85
N ILE A 49 -0.21 6.92 -1.90
CA ILE A 49 -1.02 5.72 -1.79
C ILE A 49 -0.28 4.51 -2.36
N ILE A 50 -0.07 3.50 -1.53
CA ILE A 50 0.63 2.29 -1.96
C ILE A 50 -0.32 1.09 -1.97
N LYS A 51 -0.32 0.36 -3.07
CA LYS A 51 -1.17 -0.83 -3.20
C LYS A 51 -0.48 -2.06 -2.62
N VAL A 52 -0.80 -2.37 -1.37
CA VAL A 52 -0.22 -3.52 -0.70
C VAL A 52 -0.91 -4.81 -1.12
N TYR A 53 -0.17 -5.91 -1.15
CA TYR A 53 -0.71 -7.20 -1.54
C TYR A 53 -0.27 -8.29 -0.56
N GLY A 54 -1.22 -9.12 -0.15
CA GLY A 54 -0.91 -10.20 0.78
C GLY A 54 -0.52 -9.68 2.15
N ASP A 55 0.40 -10.38 2.80
CA ASP A 55 0.87 -9.99 4.12
C ASP A 55 2.35 -9.63 4.09
N LYS A 56 2.91 -9.34 5.26
CA LYS A 56 4.31 -8.97 5.37
C LYS A 56 5.15 -10.16 5.86
N ASP A 57 6.28 -10.37 5.21
CA ASP A 57 7.17 -11.48 5.58
C ASP A 57 7.68 -11.32 7.01
N ALA A 58 8.51 -12.25 7.45
CA ALA A 58 9.06 -12.20 8.79
C ALA A 58 9.65 -10.83 9.10
N ASP A 59 10.37 -10.27 8.14
CA ASP A 59 10.98 -8.95 8.30
C ASP A 59 9.95 -7.92 8.72
N GLY A 60 8.76 -8.01 8.13
CA GLY A 60 7.70 -7.07 8.46
C GLY A 60 7.53 -6.00 7.41
N PHE A 61 7.68 -6.38 6.14
CA PHE A 61 7.54 -5.44 5.03
C PHE A 61 6.29 -5.74 4.23
N TYR A 62 5.57 -4.68 3.84
CA TYR A 62 4.35 -4.82 3.06
C TYR A 62 4.62 -4.57 1.58
N ARG A 63 4.88 -5.65 0.85
CA ARG A 63 5.15 -5.55 -0.59
C ARG A 63 3.99 -4.89 -1.31
N GLY A 64 4.12 -3.59 -1.57
CA GLY A 64 3.08 -2.85 -2.25
C GLY A 64 3.53 -2.31 -3.60
N GLU A 65 2.59 -1.78 -4.37
CA GLU A 65 2.91 -1.23 -5.68
C GLU A 65 2.38 0.20 -5.81
N THR A 66 3.29 1.14 -6.08
CA THR A 66 2.92 2.53 -6.22
C THR A 66 3.70 3.19 -7.36
N CYS A 67 3.09 4.20 -7.98
CA CYS A 67 3.72 4.91 -9.08
C CYS A 67 4.25 3.93 -10.13
N ALA A 68 3.53 2.83 -10.31
CA ALA A 68 3.92 1.81 -11.28
C ALA A 68 5.25 1.17 -10.89
N ARG A 69 5.50 1.07 -9.58
CA ARG A 69 6.73 0.48 -9.09
C ARG A 69 6.43 -0.63 -8.08
N LEU A 70 7.35 -1.59 -7.96
CA LEU A 70 7.19 -2.69 -7.03
C LEU A 70 8.38 -2.80 -6.08
N GLY A 71 8.08 -2.84 -4.78
CA GLY A 71 9.14 -2.94 -3.79
C GLY A 71 8.60 -3.31 -2.41
N LEU A 72 9.33 -2.93 -1.37
CA LEU A 72 8.93 -3.21 -0.01
C LEU A 72 8.57 -1.94 0.74
N ILE A 73 7.58 -2.04 1.64
CA ILE A 73 7.14 -0.90 2.42
C ILE A 73 7.20 -1.19 3.91
N PRO A 74 7.85 -0.28 4.67
CA PRO A 74 7.99 -0.42 6.12
C PRO A 74 6.67 -0.24 6.85
N CYS A 75 6.16 -1.34 7.42
CA CYS A 75 4.90 -1.31 8.15
C CYS A 75 4.96 -0.32 9.31
N ASN A 76 6.18 0.15 9.61
CA ASN A 76 6.37 1.10 10.70
C ASN A 76 6.00 2.51 10.26
N MET A 77 6.42 2.88 9.05
CA MET A 77 6.12 4.20 8.51
C MET A 77 4.67 4.29 8.06
N VAL A 78 4.36 3.66 6.93
CA VAL A 78 3.01 3.67 6.39
C VAL A 78 1.98 3.35 7.47
N SER A 79 0.71 3.45 7.11
CA SER A 79 -0.37 3.16 8.06
C SER A 79 -1.60 2.62 7.33
N GLU A 80 -2.45 1.93 8.07
CA GLU A 80 -3.66 1.35 7.49
C GLU A 80 -4.80 2.38 7.48
N ILE A 81 -5.45 2.50 6.34
CA ILE A 81 -6.55 3.45 6.19
C ILE A 81 -7.88 2.81 6.59
N GLN A 82 -8.70 3.57 7.30
CA GLN A 82 -10.01 3.08 7.75
C GLN A 82 -10.86 2.65 6.55
N ALA A 83 -11.95 1.96 6.83
CA ALA A 83 -12.85 1.49 5.79
C ALA A 83 -13.33 2.65 4.92
N ASP A 84 -13.32 2.45 3.61
CA ASP A 84 -13.76 3.48 2.68
C ASP A 84 -15.26 3.38 2.42
N ASP A 85 -16.00 2.89 3.41
CA ASP A 85 -17.45 2.76 3.30
C ASP A 85 -18.05 3.93 2.53
N GLU A 86 -18.92 3.62 1.58
CA GLU A 86 -19.56 4.64 0.77
C GLU A 86 -20.55 5.46 1.61
N GLU A 87 -21.09 6.52 1.01
CA GLU A 87 -22.04 7.37 1.71
C GLU A 87 -23.08 7.93 0.73
N MET A 88 -24.23 8.33 1.27
CA MET A 88 -25.31 8.87 0.45
C MET A 88 -25.50 10.36 0.73
N MET A 89 -25.84 11.11 -0.31
CA MET A 89 -26.05 12.55 -0.17
C MET A 89 -27.54 12.89 -0.28
N ASP A 90 -28.03 13.70 0.66
CA ASP A 90 -29.43 14.10 0.66
C ASP A 90 -29.71 15.10 -0.44
N GLN A 91 -30.96 15.12 -0.92
CA GLN A 91 -31.36 16.02 -1.98
C GLN A 91 -31.04 17.47 -1.61
N SER A 92 -30.56 18.24 -2.59
CA SER A 92 -30.21 19.63 -2.36
C SER A 92 -30.21 20.41 -3.67
N GLY A 93 -30.28 21.73 -3.56
CA GLY A 93 -30.28 22.57 -4.76
C GLY A 93 -29.67 23.94 -4.51
N PRO A 94 -28.33 23.99 -4.48
CA PRO A 94 -27.59 25.24 -4.25
C PRO A 94 -27.72 26.21 -5.43
N SER A 95 -27.89 27.49 -5.11
CA SER A 95 -28.02 28.52 -6.14
C SER A 95 -26.78 29.41 -6.17
N SER A 96 -26.41 29.85 -7.37
CA SER A 96 -25.24 30.70 -7.55
C SER A 96 -25.33 31.92 -6.64
N GLY A 97 -24.18 32.55 -6.38
CA GLY A 97 -24.15 33.72 -5.53
C GLY A 97 -22.84 33.87 -4.80
N GLY A 1 -7.40 23.16 3.55
CA GLY A 1 -7.70 23.59 2.21
C GLY A 1 -8.17 22.44 1.33
N SER A 2 -9.38 22.56 0.79
CA SER A 2 -9.94 21.52 -0.07
C SER A 2 -8.89 20.99 -1.03
N SER A 3 -8.83 19.67 -1.15
CA SER A 3 -7.87 19.03 -2.04
C SER A 3 -8.36 19.07 -3.49
N GLY A 4 -9.56 18.56 -3.73
CA GLY A 4 -10.12 18.55 -5.06
C GLY A 4 -10.98 17.33 -5.32
N SER A 5 -11.42 17.17 -6.57
CA SER A 5 -12.26 16.05 -6.95
C SER A 5 -11.48 14.74 -6.86
N SER A 6 -12.21 13.62 -6.81
CA SER A 6 -11.59 12.31 -6.73
C SER A 6 -11.90 11.47 -7.96
N GLY A 7 -13.19 11.18 -8.16
CA GLY A 7 -13.60 10.39 -9.30
C GLY A 7 -13.79 8.94 -8.96
N THR A 8 -15.03 8.57 -8.60
CA THR A 8 -15.34 7.19 -8.25
C THR A 8 -16.09 6.49 -9.37
N ASP A 9 -15.35 5.87 -10.28
CA ASP A 9 -15.94 5.16 -11.40
C ASP A 9 -15.71 3.65 -11.29
N PRO A 10 -16.62 2.86 -11.86
CA PRO A 10 -16.52 1.40 -11.83
C PRO A 10 -15.39 0.87 -12.70
N GLY A 11 -15.13 -0.43 -12.61
CA GLY A 11 -14.07 -1.04 -13.40
C GLY A 11 -14.18 -2.54 -13.46
N ALA A 12 -13.11 -3.23 -13.05
CA ALA A 12 -13.10 -4.68 -13.06
C ALA A 12 -12.86 -5.25 -11.66
N GLU A 13 -13.06 -6.55 -11.51
CA GLU A 13 -12.86 -7.21 -10.22
C GLU A 13 -11.43 -7.69 -10.08
N GLU A 14 -10.81 -7.37 -8.95
CA GLU A 14 -9.43 -7.78 -8.67
C GLU A 14 -9.21 -8.01 -7.19
N LEU A 15 -8.21 -8.82 -6.87
CA LEU A 15 -7.90 -9.14 -5.48
C LEU A 15 -7.88 -7.87 -4.62
N PRO A 16 -8.35 -8.00 -3.36
CA PRO A 16 -8.39 -6.88 -2.42
C PRO A 16 -7.00 -6.43 -1.98
N ALA A 17 -6.66 -5.19 -2.30
CA ALA A 17 -5.36 -4.64 -1.93
C ALA A 17 -5.50 -3.62 -0.81
N ARG A 18 -4.83 -3.88 0.32
CA ARG A 18 -4.88 -2.98 1.46
C ARG A 18 -4.24 -1.65 1.14
N ILE A 19 -5.04 -0.58 1.15
CA ILE A 19 -4.54 0.75 0.85
C ILE A 19 -3.85 1.36 2.07
N PHE A 20 -2.55 1.60 1.94
CA PHE A 20 -1.77 2.19 3.04
C PHE A 20 -1.16 3.53 2.61
N VAL A 21 -1.37 4.54 3.44
CA VAL A 21 -0.85 5.87 3.16
C VAL A 21 0.48 6.10 3.87
N ALA A 22 1.37 6.85 3.22
CA ALA A 22 2.68 7.15 3.79
C ALA A 22 2.59 8.31 4.78
N LEU A 23 2.84 8.00 6.05
CA LEU A 23 2.80 9.01 7.10
C LEU A 23 3.96 9.98 6.98
N PHE A 24 5.08 9.48 6.46
CA PHE A 24 6.28 10.30 6.29
C PHE A 24 7.13 9.78 5.13
N ASP A 25 7.61 10.71 4.30
CA ASP A 25 8.45 10.35 3.16
C ASP A 25 9.44 9.24 3.53
N TYR A 26 9.73 8.37 2.58
CA TYR A 26 10.65 7.27 2.81
C TYR A 26 11.70 7.19 1.69
N ASP A 27 12.96 7.34 2.06
CA ASP A 27 14.05 7.28 1.09
C ASP A 27 14.95 6.08 1.35
N PRO A 28 14.75 5.02 0.55
CA PRO A 28 15.54 3.78 0.67
C PRO A 28 16.99 3.98 0.25
N LEU A 29 17.25 5.07 -0.46
CA LEU A 29 18.61 5.37 -0.93
C LEU A 29 19.47 5.93 0.20
N THR A 30 18.85 6.72 1.08
CA THR A 30 19.56 7.30 2.21
C THR A 30 19.30 6.52 3.49
N MET A 31 18.03 6.27 3.78
CA MET A 31 17.64 5.53 4.97
C MET A 31 18.34 4.18 5.02
N SER A 32 18.06 3.33 4.03
CA SER A 32 18.66 2.01 3.96
C SER A 32 20.19 2.10 3.96
N PRO A 33 20.83 1.24 4.77
CA PRO A 33 22.29 1.20 4.87
C PRO A 33 22.95 0.66 3.60
N ASN A 34 22.18 -0.08 2.81
CA ASN A 34 22.70 -0.64 1.57
C ASN A 34 22.04 0.01 0.35
N PRO A 35 22.88 0.56 -0.54
CA PRO A 35 22.40 1.23 -1.75
C PRO A 35 21.81 0.24 -2.76
N ASP A 36 22.48 -0.88 -2.95
CA ASP A 36 22.03 -1.91 -3.89
C ASP A 36 20.73 -2.54 -3.40
N ALA A 37 20.70 -2.92 -2.12
CA ALA A 37 19.52 -3.54 -1.53
C ALA A 37 18.31 -2.62 -1.65
N ALA A 38 18.54 -1.32 -1.50
CA ALA A 38 17.47 -0.34 -1.60
C ALA A 38 16.44 -0.74 -2.64
N GLU A 39 16.93 -1.11 -3.83
CA GLU A 39 16.05 -1.52 -4.92
C GLU A 39 14.87 -2.33 -4.40
N GLU A 40 15.17 -3.33 -3.56
CA GLU A 40 14.12 -4.18 -3.00
C GLU A 40 13.02 -3.33 -2.35
N GLU A 41 13.43 -2.27 -1.67
CA GLU A 41 12.47 -1.39 -1.00
C GLU A 41 11.69 -0.57 -2.03
N LEU A 42 10.63 0.08 -1.56
CA LEU A 42 9.80 0.91 -2.43
C LEU A 42 9.67 2.33 -1.89
N PRO A 43 10.37 3.27 -2.54
CA PRO A 43 10.35 4.68 -2.13
C PRO A 43 9.00 5.35 -2.41
N PHE A 44 8.55 6.17 -1.46
CA PHE A 44 7.28 6.86 -1.62
C PHE A 44 7.26 8.14 -0.77
N LYS A 45 6.54 9.14 -1.26
CA LYS A 45 6.44 10.41 -0.55
C LYS A 45 5.25 10.42 0.40
N GLU A 46 5.24 11.37 1.32
CA GLU A 46 4.15 11.48 2.29
C GLU A 46 2.82 11.71 1.58
N GLY A 47 1.80 10.97 2.01
CA GLY A 47 0.48 11.10 1.41
C GLY A 47 0.28 10.15 0.24
N GLN A 48 1.38 9.70 -0.34
CA GLN A 48 1.33 8.78 -1.47
C GLN A 48 0.64 7.47 -1.09
N ILE A 49 -0.07 6.88 -2.04
CA ILE A 49 -0.78 5.64 -1.81
C ILE A 49 0.06 4.44 -2.23
N ILE A 50 -0.11 3.32 -1.52
CA ILE A 50 0.64 2.10 -1.83
C ILE A 50 -0.26 0.87 -1.71
N LYS A 51 -0.47 0.19 -2.83
CA LYS A 51 -1.30 -1.01 -2.85
C LYS A 51 -0.56 -2.20 -2.26
N VAL A 52 -0.63 -2.35 -0.94
CA VAL A 52 0.03 -3.45 -0.25
C VAL A 52 -0.61 -4.78 -0.60
N TYR A 53 0.23 -5.78 -0.85
CA TYR A 53 -0.25 -7.11 -1.19
C TYR A 53 0.23 -8.15 -0.20
N GLY A 54 -0.49 -9.27 -0.10
CA GLY A 54 -0.11 -10.32 0.82
C GLY A 54 -0.05 -9.84 2.26
N ASP A 55 0.82 -10.46 3.05
CA ASP A 55 0.98 -10.09 4.45
C ASP A 55 2.41 -9.71 4.76
N LYS A 56 2.64 -9.22 5.97
CA LYS A 56 3.97 -8.80 6.39
C LYS A 56 4.95 -9.98 6.33
N ASP A 57 5.85 -9.94 5.36
CA ASP A 57 6.85 -11.00 5.19
C ASP A 57 7.71 -11.14 6.44
N ALA A 58 8.59 -12.13 6.45
CA ALA A 58 9.47 -12.37 7.58
C ALA A 58 10.19 -11.10 8.00
N ASP A 59 10.75 -10.39 7.02
CA ASP A 59 11.47 -9.15 7.28
C ASP A 59 10.61 -8.19 8.08
N GLY A 60 9.34 -8.07 7.69
CA GLY A 60 8.42 -7.17 8.38
C GLY A 60 8.05 -5.97 7.54
N PHE A 61 7.91 -6.17 6.23
CA PHE A 61 7.56 -5.09 5.32
C PHE A 61 6.23 -5.37 4.64
N TYR A 62 5.83 -4.48 3.73
CA TYR A 62 4.58 -4.62 3.00
C TYR A 62 4.79 -4.42 1.51
N ARG A 63 4.94 -5.51 0.78
CA ARG A 63 5.15 -5.44 -0.67
C ARG A 63 3.97 -4.75 -1.36
N GLY A 64 4.10 -3.44 -1.55
CA GLY A 64 3.04 -2.69 -2.20
C GLY A 64 3.45 -2.17 -3.56
N GLU A 65 2.47 -1.71 -4.33
CA GLU A 65 2.74 -1.19 -5.67
C GLU A 65 2.31 0.27 -5.77
N THR A 66 3.18 1.11 -6.33
CA THR A 66 2.90 2.53 -6.49
C THR A 66 3.71 3.13 -7.62
N CYS A 67 3.18 4.17 -8.24
CA CYS A 67 3.86 4.84 -9.35
C CYS A 67 4.49 3.82 -10.29
N ALA A 68 3.67 2.89 -10.78
CA ALA A 68 4.14 1.86 -11.70
C ALA A 68 5.41 1.19 -11.16
N ARG A 69 5.51 1.11 -9.84
CA ARG A 69 6.67 0.49 -9.20
C ARG A 69 6.25 -0.69 -8.33
N LEU A 70 7.23 -1.45 -7.87
CA LEU A 70 6.96 -2.61 -7.02
C LEU A 70 8.11 -2.87 -6.07
N GLY A 71 7.86 -2.67 -4.77
CA GLY A 71 8.89 -2.88 -3.77
C GLY A 71 8.31 -3.18 -2.40
N LEU A 72 9.09 -2.92 -1.36
CA LEU A 72 8.65 -3.17 0.02
C LEU A 72 8.36 -1.85 0.74
N ILE A 73 7.46 -1.91 1.71
CA ILE A 73 7.09 -0.73 2.48
C ILE A 73 7.13 -1.02 3.98
N PRO A 74 7.81 -0.13 4.73
CA PRO A 74 7.93 -0.27 6.18
C PRO A 74 6.61 -0.03 6.91
N CYS A 75 5.93 -1.11 7.27
CA CYS A 75 4.66 -1.01 7.96
C CYS A 75 4.71 0.04 9.06
N ASN A 76 5.89 0.21 9.64
CA ASN A 76 6.08 1.19 10.71
C ASN A 76 5.75 2.60 10.23
N MET A 77 6.30 2.97 9.08
CA MET A 77 6.05 4.29 8.51
C MET A 77 4.62 4.41 8.02
N VAL A 78 4.28 3.63 6.99
CA VAL A 78 2.94 3.65 6.42
C VAL A 78 1.90 3.30 7.47
N SER A 79 0.63 3.36 7.08
CA SER A 79 -0.47 3.05 7.99
C SER A 79 -1.73 2.71 7.21
N GLU A 80 -2.59 1.88 7.81
CA GLU A 80 -3.83 1.47 7.17
C GLU A 80 -4.80 2.65 7.05
N ILE A 81 -5.61 2.64 6.01
CA ILE A 81 -6.58 3.70 5.78
C ILE A 81 -7.99 3.24 6.11
N GLN A 82 -8.80 4.15 6.64
CA GLN A 82 -10.17 3.82 7.00
C GLN A 82 -10.99 3.47 5.77
N ALA A 83 -12.02 2.64 5.95
CA ALA A 83 -12.87 2.22 4.85
C ALA A 83 -14.32 2.60 5.12
N ASP A 84 -15.11 2.71 4.06
CA ASP A 84 -16.52 3.06 4.18
C ASP A 84 -17.37 1.82 4.45
N ASP A 85 -17.09 0.74 3.73
CA ASP A 85 -17.82 -0.51 3.89
C ASP A 85 -16.98 -1.53 4.66
N GLU A 86 -17.63 -2.28 5.54
CA GLU A 86 -16.95 -3.30 6.34
C GLU A 86 -17.46 -4.68 6.00
N GLU A 87 -16.60 -5.68 6.12
CA GLU A 87 -16.98 -7.06 5.84
C GLU A 87 -16.70 -7.96 7.03
N MET A 88 -17.72 -8.69 7.47
CA MET A 88 -17.59 -9.60 8.61
C MET A 88 -16.75 -10.81 8.23
N MET A 89 -16.15 -11.44 9.24
CA MET A 89 -15.32 -12.62 9.02
C MET A 89 -16.06 -13.88 9.46
N ASP A 90 -15.69 -15.02 8.86
CA ASP A 90 -16.30 -16.29 9.19
C ASP A 90 -15.77 -16.83 10.51
N GLN A 91 -16.63 -17.51 11.27
CA GLN A 91 -16.24 -18.08 12.55
C GLN A 91 -15.80 -19.54 12.39
N SER A 92 -14.52 -19.80 12.59
CA SER A 92 -13.99 -21.14 12.46
C SER A 92 -12.59 -21.24 13.07
N GLY A 93 -12.30 -22.37 13.70
CA GLY A 93 -11.00 -22.56 14.32
C GLY A 93 -11.03 -23.61 15.42
N PRO A 94 -11.34 -24.86 15.04
CA PRO A 94 -11.41 -25.97 15.99
C PRO A 94 -10.03 -26.38 16.50
N SER A 95 -9.57 -25.68 17.54
CA SER A 95 -8.26 -25.96 18.12
C SER A 95 -7.16 -25.86 17.08
N SER A 96 -7.12 -24.73 16.38
CA SER A 96 -6.11 -24.51 15.34
C SER A 96 -6.09 -23.05 14.91
N GLY A 97 -4.97 -22.63 14.33
CA GLY A 97 -4.85 -21.25 13.88
C GLY A 97 -3.61 -20.58 14.42
N GLY A 1 -4.02 17.68 8.11
CA GLY A 1 -4.39 18.37 6.89
C GLY A 1 -5.83 18.08 6.48
N SER A 2 -6.09 18.15 5.18
CA SER A 2 -7.43 17.90 4.66
C SER A 2 -7.58 16.45 4.21
N SER A 3 -8.79 16.08 3.80
CA SER A 3 -9.07 14.73 3.34
C SER A 3 -10.02 14.73 2.16
N GLY A 4 -9.50 14.38 0.98
CA GLY A 4 -10.32 14.35 -0.21
C GLY A 4 -9.58 13.76 -1.40
N SER A 5 -9.08 12.54 -1.23
CA SER A 5 -8.34 11.87 -2.30
C SER A 5 -9.09 10.63 -2.79
N SER A 6 -9.99 10.83 -3.75
CA SER A 6 -10.78 9.74 -4.30
C SER A 6 -10.17 9.23 -5.60
N GLY A 7 -9.52 8.08 -5.53
CA GLY A 7 -8.90 7.51 -6.71
C GLY A 7 -9.92 6.88 -7.65
N THR A 8 -10.14 5.58 -7.48
CA THR A 8 -11.10 4.86 -8.32
C THR A 8 -12.00 3.97 -7.48
N ASP A 9 -13.29 4.00 -7.78
CA ASP A 9 -14.26 3.18 -7.05
C ASP A 9 -14.25 1.74 -7.54
N PRO A 10 -14.56 0.80 -6.64
CA PRO A 10 -14.60 -0.63 -6.96
C PRO A 10 -15.75 -0.99 -7.89
N GLY A 11 -15.53 -1.99 -8.75
CA GLY A 11 -16.57 -2.42 -9.67
C GLY A 11 -16.02 -3.31 -10.77
N ALA A 12 -15.21 -4.29 -10.39
CA ALA A 12 -14.63 -5.22 -11.35
C ALA A 12 -14.07 -6.45 -10.65
N GLU A 13 -13.69 -7.45 -11.45
CA GLU A 13 -13.14 -8.69 -10.90
C GLU A 13 -11.68 -8.52 -10.50
N GLU A 14 -11.42 -7.51 -9.67
CA GLU A 14 -10.06 -7.23 -9.21
C GLU A 14 -9.82 -7.80 -7.82
N LEU A 15 -8.56 -7.97 -7.46
CA LEU A 15 -8.21 -8.51 -6.15
C LEU A 15 -8.15 -7.40 -5.10
N PRO A 16 -8.37 -7.77 -3.83
CA PRO A 16 -8.35 -6.83 -2.71
C PRO A 16 -6.94 -6.31 -2.42
N ALA A 17 -6.76 -5.00 -2.55
CA ALA A 17 -5.47 -4.38 -2.30
C ALA A 17 -5.55 -3.38 -1.16
N ARG A 18 -5.11 -3.79 0.03
CA ARG A 18 -5.14 -2.92 1.20
C ARG A 18 -4.46 -1.58 0.90
N ILE A 19 -5.25 -0.51 0.98
CA ILE A 19 -4.72 0.83 0.73
C ILE A 19 -3.97 1.37 1.94
N PHE A 20 -2.72 1.75 1.73
CA PHE A 20 -1.88 2.29 2.80
C PHE A 20 -1.25 3.61 2.39
N VAL A 21 -1.46 4.64 3.21
CA VAL A 21 -0.92 5.96 2.94
C VAL A 21 0.41 6.17 3.66
N ALA A 22 1.28 6.99 3.07
CA ALA A 22 2.58 7.27 3.67
C ALA A 22 2.48 8.37 4.72
N LEU A 23 3.02 8.10 5.90
CA LEU A 23 2.99 9.07 7.00
C LEU A 23 4.19 10.00 6.93
N PHE A 24 5.21 9.59 6.18
CA PHE A 24 6.42 10.39 6.03
C PHE A 24 7.23 9.93 4.82
N ASP A 25 7.99 10.86 4.25
CA ASP A 25 8.81 10.56 3.08
C ASP A 25 9.71 9.36 3.35
N TYR A 26 9.76 8.44 2.38
CA TYR A 26 10.58 7.25 2.51
C TYR A 26 11.73 7.25 1.50
N ASP A 27 12.94 7.31 2.02
CA ASP A 27 14.14 7.33 1.17
C ASP A 27 15.04 6.13 1.47
N PRO A 28 14.88 5.06 0.68
CA PRO A 28 15.66 3.84 0.85
C PRO A 28 17.13 4.03 0.44
N LEU A 29 17.40 5.14 -0.22
CA LEU A 29 18.77 5.44 -0.66
C LEU A 29 19.55 6.16 0.44
N THR A 30 18.84 6.94 1.26
CA THR A 30 19.46 7.67 2.35
C THR A 30 19.21 6.98 3.69
N MET A 31 17.96 6.63 3.95
CA MET A 31 17.58 5.96 5.19
C MET A 31 18.33 4.64 5.33
N SER A 32 17.99 3.68 4.48
CA SER A 32 18.61 2.37 4.51
C SER A 32 20.13 2.48 4.43
N PRO A 33 20.82 1.65 5.21
CA PRO A 33 22.29 1.64 5.26
C PRO A 33 22.91 1.10 3.97
N ASN A 34 22.37 -0.02 3.49
CA ASN A 34 22.86 -0.64 2.25
C ASN A 34 22.06 -0.17 1.05
N PRO A 35 22.75 0.43 0.07
CA PRO A 35 22.11 0.93 -1.15
C PRO A 35 21.63 -0.20 -2.06
N ASP A 36 22.51 -1.15 -2.33
CA ASP A 36 22.16 -2.29 -3.18
C ASP A 36 20.79 -2.84 -2.82
N ALA A 37 20.59 -3.15 -1.55
CA ALA A 37 19.33 -3.69 -1.07
C ALA A 37 18.21 -2.66 -1.24
N ALA A 38 18.55 -1.39 -1.06
CA ALA A 38 17.57 -0.32 -1.19
C ALA A 38 16.64 -0.55 -2.37
N GLU A 39 17.20 -0.98 -3.49
CA GLU A 39 16.42 -1.25 -4.69
C GLU A 39 15.17 -2.09 -4.35
N GLU A 40 15.35 -3.06 -3.47
CA GLU A 40 14.24 -3.93 -3.07
C GLU A 40 13.15 -3.11 -2.37
N GLU A 41 13.56 -2.05 -1.69
CA GLU A 41 12.61 -1.20 -0.99
C GLU A 41 11.89 -0.25 -1.96
N LEU A 42 10.59 -0.08 -1.74
CA LEU A 42 9.79 0.80 -2.61
C LEU A 42 9.67 2.19 -2.00
N PRO A 43 10.41 3.16 -2.56
CA PRO A 43 10.39 4.55 -2.10
C PRO A 43 9.07 5.25 -2.39
N PHE A 44 8.63 6.08 -1.46
CA PHE A 44 7.38 6.82 -1.63
C PHE A 44 7.37 8.07 -0.76
N LYS A 45 6.58 9.06 -1.16
CA LYS A 45 6.47 10.31 -0.42
C LYS A 45 5.33 10.26 0.58
N GLU A 46 5.16 11.34 1.34
CA GLU A 46 4.10 11.41 2.34
C GLU A 46 2.75 11.67 1.68
N GLY A 47 1.72 10.98 2.16
CA GLY A 47 0.39 11.14 1.60
C GLY A 47 0.18 10.33 0.33
N GLN A 48 1.25 9.67 -0.12
CA GLN A 48 1.19 8.85 -1.33
C GLN A 48 0.44 7.55 -1.06
N ILE A 49 -0.24 7.04 -2.08
CA ILE A 49 -0.99 5.80 -1.96
C ILE A 49 -0.15 4.61 -2.39
N ILE A 50 -0.28 3.50 -1.65
CA ILE A 50 0.47 2.29 -1.96
C ILE A 50 -0.41 1.05 -1.79
N LYS A 51 -0.62 0.33 -2.88
CA LYS A 51 -1.43 -0.89 -2.86
C LYS A 51 -0.64 -2.06 -2.29
N VAL A 52 -0.95 -2.43 -1.05
CA VAL A 52 -0.28 -3.54 -0.39
C VAL A 52 -0.86 -4.88 -0.82
N TYR A 53 0.01 -5.86 -1.03
CA TYR A 53 -0.42 -7.19 -1.45
C TYR A 53 0.22 -8.27 -0.58
N GLY A 54 -0.61 -9.15 -0.03
CA GLY A 54 -0.10 -10.22 0.81
C GLY A 54 -0.05 -9.83 2.28
N ASP A 55 0.91 -10.40 3.00
CA ASP A 55 1.05 -10.10 4.43
C ASP A 55 2.51 -9.80 4.77
N LYS A 56 2.74 -9.35 6.00
CA LYS A 56 4.09 -9.01 6.45
C LYS A 56 4.97 -10.26 6.52
N ASP A 57 6.06 -10.24 5.76
CA ASP A 57 6.98 -11.37 5.73
C ASP A 57 7.89 -11.37 6.96
N ALA A 58 8.80 -12.32 7.03
CA ALA A 58 9.73 -12.42 8.16
C ALA A 58 10.45 -11.10 8.38
N ASP A 59 10.80 -10.43 7.30
CA ASP A 59 11.51 -9.15 7.38
C ASP A 59 10.62 -8.08 8.04
N GLY A 60 9.32 -8.21 7.85
CA GLY A 60 8.39 -7.26 8.43
C GLY A 60 8.11 -6.08 7.51
N PHE A 61 7.83 -6.38 6.24
CA PHE A 61 7.55 -5.35 5.26
C PHE A 61 6.20 -5.59 4.59
N TYR A 62 5.82 -4.68 3.69
CA TYR A 62 4.55 -4.79 2.98
C TYR A 62 4.75 -4.60 1.48
N ARG A 63 4.91 -5.70 0.77
CA ARG A 63 5.10 -5.67 -0.68
C ARG A 63 3.93 -4.98 -1.36
N GLY A 64 4.01 -3.65 -1.48
CA GLY A 64 2.95 -2.90 -2.11
C GLY A 64 3.38 -2.32 -3.44
N GLU A 65 2.42 -1.72 -4.16
CA GLU A 65 2.71 -1.12 -5.47
C GLU A 65 2.26 0.34 -5.49
N THR A 66 3.05 1.17 -6.18
CA THR A 66 2.74 2.59 -6.29
C THR A 66 3.54 3.24 -7.42
N CYS A 67 3.06 4.39 -7.90
CA CYS A 67 3.73 5.10 -8.97
C CYS A 67 4.37 4.13 -9.97
N ALA A 68 3.56 3.20 -10.47
CA ALA A 68 4.04 2.22 -11.43
C ALA A 68 5.34 1.58 -10.95
N ARG A 69 5.40 1.25 -9.67
CA ARG A 69 6.58 0.63 -9.10
C ARG A 69 6.20 -0.53 -8.17
N LEU A 70 7.18 -1.35 -7.83
CA LEU A 70 6.94 -2.50 -6.95
C LEU A 70 8.14 -2.73 -6.03
N GLY A 71 7.86 -2.91 -4.74
CA GLY A 71 8.91 -3.14 -3.77
C GLY A 71 8.37 -3.45 -2.39
N LEU A 72 9.18 -3.19 -1.37
CA LEU A 72 8.78 -3.44 0.01
C LEU A 72 8.52 -2.14 0.75
N ILE A 73 7.48 -2.13 1.59
CA ILE A 73 7.13 -0.95 2.36
C ILE A 73 7.13 -1.25 3.86
N PRO A 74 7.80 -0.38 4.63
CA PRO A 74 7.89 -0.53 6.09
C PRO A 74 6.57 -0.27 6.79
N CYS A 75 5.99 -1.31 7.37
CA CYS A 75 4.71 -1.18 8.07
C CYS A 75 4.78 -0.09 9.13
N ASN A 76 5.99 0.31 9.48
CA ASN A 76 6.19 1.36 10.49
C ASN A 76 5.87 2.73 9.92
N MET A 77 6.37 3.00 8.73
CA MET A 77 6.12 4.28 8.07
C MET A 77 4.66 4.43 7.67
N VAL A 78 4.27 3.71 6.60
CA VAL A 78 2.90 3.76 6.11
C VAL A 78 1.91 3.43 7.22
N SER A 79 0.63 3.44 6.88
CA SER A 79 -0.43 3.16 7.86
C SER A 79 -1.68 2.62 7.17
N GLU A 80 -2.48 1.86 7.90
CA GLU A 80 -3.71 1.30 7.35
C GLU A 80 -4.85 2.31 7.43
N ILE A 81 -5.59 2.42 6.32
CA ILE A 81 -6.71 3.36 6.26
C ILE A 81 -8.02 2.68 6.67
N GLN A 82 -8.89 3.43 7.33
CA GLN A 82 -10.17 2.91 7.78
C GLN A 82 -11.09 2.61 6.60
N ALA A 83 -11.89 1.56 6.73
CA ALA A 83 -12.82 1.18 5.67
C ALA A 83 -14.25 1.51 6.04
N ASP A 84 -14.99 2.06 5.08
CA ASP A 84 -16.39 2.43 5.32
C ASP A 84 -17.28 1.92 4.19
N ASP A 85 -17.00 0.71 3.72
CA ASP A 85 -17.78 0.11 2.64
C ASP A 85 -18.98 -0.66 3.20
N GLU A 86 -19.90 -1.01 2.31
CA GLU A 86 -21.10 -1.74 2.72
C GLU A 86 -20.74 -3.15 3.18
N GLU A 87 -21.10 -3.48 4.42
CA GLU A 87 -20.81 -4.78 4.98
C GLU A 87 -21.52 -5.88 4.19
N MET A 88 -21.25 -7.14 4.55
CA MET A 88 -21.86 -8.27 3.87
C MET A 88 -23.37 -8.27 4.04
N MET A 89 -24.08 -8.01 2.95
CA MET A 89 -25.54 -7.97 2.97
C MET A 89 -26.13 -9.35 2.70
N ASP A 90 -27.45 -9.46 2.78
CA ASP A 90 -28.13 -10.72 2.54
C ASP A 90 -28.72 -10.77 1.14
N GLN A 91 -27.89 -11.12 0.16
CA GLN A 91 -28.32 -11.21 -1.23
C GLN A 91 -27.83 -12.49 -1.88
N SER A 92 -28.67 -13.52 -1.85
CA SER A 92 -28.31 -14.81 -2.44
C SER A 92 -29.31 -15.21 -3.53
N GLY A 93 -28.85 -16.02 -4.47
CA GLY A 93 -29.71 -16.45 -5.55
C GLY A 93 -29.04 -17.46 -6.46
N PRO A 94 -27.93 -17.04 -7.11
CA PRO A 94 -27.17 -17.90 -8.03
C PRO A 94 -26.43 -19.01 -7.28
N SER A 95 -26.53 -19.01 -5.96
CA SER A 95 -25.87 -20.02 -5.14
C SER A 95 -26.41 -21.41 -5.45
N SER A 96 -25.57 -22.23 -6.07
CA SER A 96 -25.96 -23.59 -6.43
C SER A 96 -25.60 -24.57 -5.32
N GLY A 97 -26.49 -25.53 -5.06
CA GLY A 97 -26.25 -26.51 -4.03
C GLY A 97 -26.94 -26.16 -2.73
N GLY A 1 8.28 -2.81 -13.31
CA GLY A 1 6.88 -3.11 -13.56
C GLY A 1 6.63 -3.60 -14.98
N SER A 2 5.65 -4.49 -15.13
CA SER A 2 5.31 -5.05 -16.43
C SER A 2 3.83 -5.37 -16.53
N SER A 3 3.35 -5.58 -17.75
CA SER A 3 1.94 -5.88 -17.97
C SER A 3 1.80 -7.07 -18.92
N GLY A 4 0.63 -7.72 -18.88
CA GLY A 4 0.39 -8.86 -19.76
C GLY A 4 0.18 -8.45 -21.20
N SER A 5 1.28 -8.23 -21.91
CA SER A 5 1.21 -7.83 -23.31
C SER A 5 0.37 -8.81 -24.11
N SER A 6 -0.59 -8.27 -24.88
CA SER A 6 -1.47 -9.10 -25.69
C SER A 6 -1.95 -10.32 -24.91
N GLY A 7 -2.30 -10.11 -23.65
CA GLY A 7 -2.76 -11.19 -22.81
C GLY A 7 -4.08 -10.88 -22.12
N THR A 8 -4.62 -11.87 -21.42
CA THR A 8 -5.89 -11.69 -20.71
C THR A 8 -6.02 -12.69 -19.57
N ASP A 9 -6.65 -12.25 -18.49
CA ASP A 9 -6.85 -13.10 -17.32
C ASP A 9 -8.33 -13.25 -17.00
N PRO A 10 -8.70 -14.42 -16.42
CA PRO A 10 -10.08 -14.72 -16.06
C PRO A 10 -10.57 -13.86 -14.90
N GLY A 11 -11.83 -13.43 -14.96
CA GLY A 11 -12.40 -12.61 -13.91
C GLY A 11 -12.30 -11.14 -14.21
N ALA A 12 -13.41 -10.43 -14.03
CA ALA A 12 -13.46 -8.99 -14.27
C ALA A 12 -13.24 -8.20 -12.99
N GLU A 13 -12.33 -8.68 -12.15
CA GLU A 13 -12.04 -8.03 -10.88
C GLU A 13 -10.60 -8.28 -10.45
N GLU A 14 -10.18 -7.67 -9.35
CA GLU A 14 -8.84 -7.83 -8.84
C GLU A 14 -8.84 -8.09 -7.33
N LEU A 15 -7.85 -8.82 -6.86
CA LEU A 15 -7.74 -9.14 -5.45
C LEU A 15 -7.70 -7.87 -4.60
N PRO A 16 -8.14 -7.98 -3.34
CA PRO A 16 -8.15 -6.85 -2.41
C PRO A 16 -6.75 -6.43 -1.98
N ALA A 17 -6.39 -5.19 -2.29
CA ALA A 17 -5.07 -4.67 -1.94
C ALA A 17 -5.18 -3.60 -0.86
N ARG A 18 -4.80 -3.96 0.36
CA ARG A 18 -4.85 -3.03 1.49
C ARG A 18 -4.23 -1.70 1.12
N ILE A 19 -5.07 -0.66 1.05
CA ILE A 19 -4.60 0.68 0.71
C ILE A 19 -3.91 1.33 1.89
N PHE A 20 -2.58 1.46 1.81
CA PHE A 20 -1.79 2.06 2.88
C PHE A 20 -1.22 3.40 2.43
N VAL A 21 -1.38 4.43 3.26
CA VAL A 21 -0.87 5.76 2.95
C VAL A 21 0.42 6.04 3.71
N ALA A 22 1.35 6.73 3.06
CA ALA A 22 2.63 7.08 3.67
C ALA A 22 2.46 8.23 4.65
N LEU A 23 2.97 8.04 5.86
CA LEU A 23 2.88 9.07 6.90
C LEU A 23 4.09 10.01 6.84
N PHE A 24 5.19 9.51 6.28
CA PHE A 24 6.41 10.31 6.16
C PHE A 24 7.25 9.83 4.98
N ASP A 25 7.77 10.78 4.21
CA ASP A 25 8.60 10.46 3.05
C ASP A 25 9.52 9.28 3.36
N TYR A 26 9.91 8.56 2.32
CA TYR A 26 10.80 7.42 2.47
C TYR A 26 11.83 7.35 1.34
N ASP A 27 13.09 7.53 1.69
CA ASP A 27 14.16 7.50 0.71
C ASP A 27 15.17 6.41 1.04
N PRO A 28 15.04 5.25 0.36
CA PRO A 28 15.94 4.11 0.56
C PRO A 28 17.35 4.38 0.05
N LEU A 29 17.54 5.53 -0.56
CA LEU A 29 18.85 5.91 -1.09
C LEU A 29 19.67 6.65 -0.05
N THR A 30 18.99 7.33 0.87
CA THR A 30 19.66 8.07 1.93
C THR A 30 19.43 7.44 3.29
N MET A 31 18.28 6.78 3.44
CA MET A 31 17.95 6.11 4.69
C MET A 31 18.69 4.80 4.83
N SER A 32 18.41 3.85 3.93
CA SER A 32 19.07 2.54 3.97
C SER A 32 20.55 2.67 3.64
N PRO A 33 21.37 1.90 4.35
CA PRO A 33 22.83 1.90 4.15
C PRO A 33 23.23 1.27 2.83
N ASN A 34 22.72 0.08 2.56
CA ASN A 34 23.03 -0.63 1.32
C ASN A 34 22.27 -0.03 0.15
N PRO A 35 23.00 0.46 -0.86
CA PRO A 35 22.41 1.06 -2.06
C PRO A 35 21.71 0.03 -2.94
N ASP A 36 22.28 -1.17 -3.00
CA ASP A 36 21.71 -2.23 -3.82
C ASP A 36 20.47 -2.82 -3.15
N ALA A 37 20.55 -3.02 -1.84
CA ALA A 37 19.43 -3.57 -1.08
C ALA A 37 18.20 -2.69 -1.19
N ALA A 38 18.41 -1.37 -1.19
CA ALA A 38 17.32 -0.42 -1.30
C ALA A 38 16.38 -0.78 -2.45
N GLU A 39 16.96 -1.21 -3.57
CA GLU A 39 16.18 -1.59 -4.74
C GLU A 39 14.91 -2.33 -4.32
N GLU A 40 15.08 -3.32 -3.44
CA GLU A 40 13.96 -4.12 -2.97
C GLU A 40 12.91 -3.24 -2.30
N GLU A 41 13.37 -2.21 -1.59
CA GLU A 41 12.47 -1.30 -0.90
C GLU A 41 11.78 -0.37 -1.89
N LEU A 42 10.50 -0.10 -1.64
CA LEU A 42 9.72 0.78 -2.50
C LEU A 42 9.62 2.19 -1.92
N PRO A 43 10.34 3.14 -2.54
CA PRO A 43 10.36 4.53 -2.11
C PRO A 43 9.02 5.23 -2.37
N PHE A 44 8.70 6.20 -1.52
CA PHE A 44 7.45 6.95 -1.65
C PHE A 44 7.46 8.18 -0.75
N LYS A 45 6.58 9.12 -1.05
CA LYS A 45 6.48 10.35 -0.28
C LYS A 45 5.24 10.33 0.62
N GLU A 46 5.16 11.30 1.53
CA GLU A 46 4.02 11.40 2.45
C GLU A 46 2.72 11.61 1.68
N GLY A 47 1.62 11.16 2.26
CA GLY A 47 0.33 11.32 1.62
C GLY A 47 0.24 10.58 0.30
N GLN A 48 1.17 9.65 0.08
CA GLN A 48 1.20 8.87 -1.15
C GLN A 48 0.47 7.54 -0.97
N ILE A 49 -0.34 7.17 -1.96
CA ILE A 49 -1.09 5.92 -1.91
C ILE A 49 -0.22 4.75 -2.36
N ILE A 50 -0.39 3.61 -1.70
CA ILE A 50 0.37 2.41 -2.02
C ILE A 50 -0.49 1.16 -1.89
N LYS A 51 -0.62 0.41 -2.98
CA LYS A 51 -1.40 -0.81 -2.99
C LYS A 51 -0.62 -1.97 -2.37
N VAL A 52 -0.82 -2.18 -1.07
CA VAL A 52 -0.14 -3.25 -0.36
C VAL A 52 -0.60 -4.62 -0.84
N TYR A 53 0.33 -5.56 -0.95
CA TYR A 53 0.01 -6.90 -1.40
C TYR A 53 0.62 -7.95 -0.47
N GLY A 54 -0.19 -8.93 -0.08
CA GLY A 54 0.28 -9.97 0.81
C GLY A 54 0.46 -9.49 2.23
N ASP A 55 0.78 -10.41 3.13
CA ASP A 55 0.98 -10.08 4.53
C ASP A 55 2.44 -9.75 4.82
N LYS A 56 2.72 -9.31 6.04
CA LYS A 56 4.08 -8.97 6.44
C LYS A 56 4.96 -10.21 6.49
N ASP A 57 5.99 -10.23 5.65
CA ASP A 57 6.91 -11.36 5.60
C ASP A 57 7.80 -11.39 6.84
N ALA A 58 8.67 -12.39 6.93
CA ALA A 58 9.58 -12.53 8.06
C ALA A 58 10.24 -11.21 8.39
N ASP A 59 10.71 -10.51 7.36
CA ASP A 59 11.37 -9.22 7.55
C ASP A 59 10.46 -8.23 8.25
N GLY A 60 9.18 -8.22 7.84
CA GLY A 60 8.23 -7.31 8.44
C GLY A 60 7.94 -6.11 7.57
N PHE A 61 7.74 -6.35 6.28
CA PHE A 61 7.45 -5.28 5.34
C PHE A 61 6.12 -5.52 4.62
N TYR A 62 5.70 -4.55 3.82
CA TYR A 62 4.45 -4.65 3.08
C TYR A 62 4.69 -4.42 1.59
N ARG A 63 4.88 -5.51 0.86
CA ARG A 63 5.11 -5.43 -0.58
C ARG A 63 3.94 -4.74 -1.29
N GLY A 64 4.08 -3.44 -1.52
CA GLY A 64 3.02 -2.70 -2.18
C GLY A 64 3.45 -2.17 -3.54
N GLU A 65 2.47 -1.77 -4.34
CA GLU A 65 2.75 -1.24 -5.67
C GLU A 65 2.27 0.20 -5.80
N THR A 66 3.13 1.05 -6.37
CA THR A 66 2.80 2.46 -6.56
C THR A 66 3.67 3.10 -7.63
N CYS A 67 3.16 4.16 -8.25
CA CYS A 67 3.90 4.85 -9.30
C CYS A 67 4.48 3.87 -10.30
N ALA A 68 3.65 2.96 -10.78
CA ALA A 68 4.09 1.96 -11.75
C ALA A 68 5.36 1.25 -11.28
N ARG A 69 5.55 1.21 -9.96
CA ARG A 69 6.72 0.57 -9.37
C ARG A 69 6.31 -0.62 -8.50
N LEU A 70 7.30 -1.30 -7.94
CA LEU A 70 7.04 -2.46 -7.08
C LEU A 70 8.20 -2.67 -6.11
N GLY A 71 7.86 -2.81 -4.82
CA GLY A 71 8.87 -3.02 -3.81
C GLY A 71 8.27 -3.35 -2.46
N LEU A 72 8.98 -2.98 -1.39
CA LEU A 72 8.51 -3.24 -0.04
C LEU A 72 8.26 -1.93 0.72
N ILE A 73 7.33 -1.98 1.67
CA ILE A 73 7.00 -0.80 2.46
C ILE A 73 7.05 -1.12 3.95
N PRO A 74 7.75 -0.27 4.71
CA PRO A 74 7.89 -0.42 6.16
C PRO A 74 6.60 -0.15 6.90
N CYS A 75 5.91 -1.22 7.30
CA CYS A 75 4.65 -1.10 8.03
C CYS A 75 4.75 -0.04 9.12
N ASN A 76 5.94 0.10 9.69
CA ASN A 76 6.17 1.08 10.75
C ASN A 76 5.87 2.50 10.25
N MET A 77 6.30 2.80 9.03
CA MET A 77 6.08 4.12 8.46
C MET A 77 4.64 4.27 7.99
N VAL A 78 4.27 3.53 6.94
CA VAL A 78 2.92 3.59 6.40
C VAL A 78 1.89 3.26 7.48
N SER A 79 0.61 3.36 7.10
CA SER A 79 -0.47 3.07 8.04
C SER A 79 -1.68 2.51 7.31
N GLU A 80 -2.53 1.79 8.04
CA GLU A 80 -3.72 1.19 7.46
C GLU A 80 -4.87 2.20 7.44
N ILE A 81 -5.50 2.35 6.28
CA ILE A 81 -6.62 3.28 6.14
C ILE A 81 -7.94 2.61 6.50
N GLN A 82 -8.84 3.38 7.10
CA GLN A 82 -10.14 2.85 7.51
C GLN A 82 -10.95 2.42 6.29
N ALA A 83 -11.93 1.55 6.52
CA ALA A 83 -12.77 1.05 5.45
C ALA A 83 -11.97 0.25 4.44
N ASP A 84 -11.18 -0.70 4.93
CA ASP A 84 -10.35 -1.53 4.06
C ASP A 84 -11.12 -2.77 3.62
N ASP A 85 -11.68 -3.48 4.59
CA ASP A 85 -12.44 -4.70 4.30
C ASP A 85 -13.92 -4.37 4.07
N GLU A 86 -14.67 -5.36 3.59
CA GLU A 86 -16.08 -5.18 3.32
C GLU A 86 -16.84 -6.50 3.45
N GLU A 87 -18.16 -6.43 3.34
CA GLU A 87 -19.00 -7.63 3.46
C GLU A 87 -18.52 -8.72 2.50
N MET A 88 -19.17 -9.87 2.56
CA MET A 88 -18.81 -11.00 1.70
C MET A 88 -19.80 -11.13 0.54
N MET A 89 -19.59 -12.14 -0.29
CA MET A 89 -20.45 -12.39 -1.43
C MET A 89 -21.86 -12.76 -0.98
N ASP A 90 -22.80 -11.84 -1.18
CA ASP A 90 -24.19 -12.07 -0.80
C ASP A 90 -25.01 -12.56 -1.99
N GLN A 91 -24.39 -13.38 -2.83
CA GLN A 91 -25.07 -13.92 -4.00
C GLN A 91 -24.73 -15.39 -4.20
N SER A 92 -25.69 -16.27 -3.93
CA SER A 92 -25.49 -17.70 -4.07
C SER A 92 -26.07 -18.21 -5.39
N GLY A 93 -25.59 -19.35 -5.86
CA GLY A 93 -26.06 -19.92 -7.10
C GLY A 93 -26.57 -21.33 -6.94
N PRO A 94 -26.61 -22.08 -8.04
CA PRO A 94 -27.08 -23.47 -8.04
C PRO A 94 -26.12 -24.41 -7.31
N SER A 95 -26.53 -24.87 -6.13
CA SER A 95 -25.70 -25.76 -5.33
C SER A 95 -25.48 -27.09 -6.06
N SER A 96 -24.69 -27.97 -5.44
CA SER A 96 -24.39 -29.26 -6.04
C SER A 96 -25.54 -30.24 -5.83
N GLY A 97 -25.85 -31.02 -6.86
CA GLY A 97 -26.92 -31.98 -6.77
C GLY A 97 -26.45 -33.34 -6.26
N GLY A 1 9.71 14.10 -19.22
CA GLY A 1 8.68 14.01 -20.23
C GLY A 1 8.21 12.59 -20.47
N SER A 2 6.89 12.39 -20.45
CA SER A 2 6.32 11.07 -20.66
C SER A 2 4.85 11.18 -21.07
N SER A 3 4.45 10.34 -22.02
CA SER A 3 3.08 10.33 -22.52
C SER A 3 2.28 9.19 -21.90
N GLY A 4 1.00 9.12 -22.24
CA GLY A 4 0.15 8.07 -21.72
C GLY A 4 -1.23 8.58 -21.35
N SER A 5 -2.24 8.19 -22.14
CA SER A 5 -3.61 8.62 -21.90
C SER A 5 -4.01 8.36 -20.46
N SER A 6 -4.85 9.24 -19.91
CA SER A 6 -5.31 9.10 -18.53
C SER A 6 -6.58 8.27 -18.46
N GLY A 7 -6.72 7.48 -17.40
CA GLY A 7 -7.89 6.66 -17.23
C GLY A 7 -7.53 5.20 -16.98
N THR A 8 -8.42 4.49 -16.27
CA THR A 8 -8.20 3.09 -15.96
C THR A 8 -8.31 2.22 -17.21
N ASP A 9 -7.75 1.02 -17.14
CA ASP A 9 -7.80 0.09 -18.26
C ASP A 9 -8.83 -1.01 -18.03
N PRO A 10 -9.48 -1.45 -19.11
CA PRO A 10 -10.50 -2.50 -19.05
C PRO A 10 -9.91 -3.86 -18.73
N GLY A 11 -10.78 -4.83 -18.45
CA GLY A 11 -10.32 -6.17 -18.13
C GLY A 11 -11.34 -6.95 -17.33
N ALA A 12 -11.11 -7.06 -16.02
CA ALA A 12 -12.01 -7.78 -15.14
C ALA A 12 -11.75 -7.43 -13.68
N GLU A 13 -12.62 -7.90 -12.80
CA GLU A 13 -12.48 -7.65 -11.37
C GLU A 13 -11.08 -8.00 -10.89
N GLU A 14 -10.67 -7.42 -9.76
CA GLU A 14 -9.35 -7.67 -9.20
C GLU A 14 -9.45 -8.00 -7.71
N LEU A 15 -8.39 -8.58 -7.17
CA LEU A 15 -8.34 -8.95 -5.76
C LEU A 15 -8.24 -7.70 -4.88
N PRO A 16 -8.66 -7.84 -3.61
CA PRO A 16 -8.62 -6.74 -2.64
C PRO A 16 -7.19 -6.38 -2.23
N ALA A 17 -6.81 -5.13 -2.50
CA ALA A 17 -5.47 -4.67 -2.15
C ALA A 17 -5.52 -3.63 -1.04
N ARG A 18 -5.16 -4.05 0.18
CA ARG A 18 -5.17 -3.15 1.33
C ARG A 18 -4.46 -1.84 1.01
N ILE A 19 -5.21 -0.74 1.06
CA ILE A 19 -4.66 0.57 0.78
C ILE A 19 -3.93 1.14 1.99
N PHE A 20 -2.72 1.63 1.77
CA PHE A 20 -1.91 2.20 2.85
C PHE A 20 -1.42 3.59 2.48
N VAL A 21 -1.40 4.49 3.45
CA VAL A 21 -0.95 5.85 3.23
C VAL A 21 0.37 6.13 3.96
N ALA A 22 1.27 6.84 3.29
CA ALA A 22 2.57 7.18 3.87
C ALA A 22 2.44 8.29 4.89
N LEU A 23 3.07 8.10 6.05
CA LEU A 23 3.03 9.09 7.12
C LEU A 23 4.26 9.99 7.07
N PHE A 24 5.32 9.51 6.43
CA PHE A 24 6.56 10.27 6.31
C PHE A 24 7.39 9.79 5.13
N ASP A 25 7.84 10.73 4.31
CA ASP A 25 8.65 10.40 3.14
C ASP A 25 9.58 9.24 3.44
N TYR A 26 10.00 8.52 2.39
CA TYR A 26 10.89 7.38 2.55
C TYR A 26 11.87 7.29 1.38
N ASP A 27 13.16 7.46 1.69
CA ASP A 27 14.19 7.40 0.67
C ASP A 27 15.19 6.27 0.96
N PRO A 28 15.02 5.15 0.26
CA PRO A 28 15.89 3.98 0.44
C PRO A 28 17.30 4.22 -0.10
N LEU A 29 17.51 5.39 -0.71
CA LEU A 29 18.81 5.75 -1.26
C LEU A 29 19.57 6.66 -0.31
N THR A 30 18.85 7.29 0.61
CA THR A 30 19.45 8.20 1.57
C THR A 30 19.09 7.81 3.00
N MET A 31 18.60 6.58 3.16
CA MET A 31 18.22 6.09 4.48
C MET A 31 18.84 4.73 4.75
N SER A 32 18.74 3.83 3.77
CA SER A 32 19.30 2.48 3.91
C SER A 32 20.81 2.51 3.75
N PRO A 33 21.51 1.72 4.58
CA PRO A 33 22.97 1.63 4.55
C PRO A 33 23.49 0.92 3.30
N ASN A 34 22.64 0.10 2.70
CA ASN A 34 23.01 -0.63 1.50
C ASN A 34 22.24 -0.11 0.28
N PRO A 35 22.86 0.83 -0.45
CA PRO A 35 22.25 1.42 -1.64
C PRO A 35 22.16 0.44 -2.81
N ASP A 36 22.81 -0.72 -2.65
CA ASP A 36 22.79 -1.74 -3.68
C ASP A 36 21.58 -2.65 -3.53
N ALA A 37 21.16 -2.87 -2.29
CA ALA A 37 20.01 -3.73 -2.00
C ALA A 37 18.73 -2.90 -1.89
N ALA A 38 18.87 -1.65 -1.48
CA ALA A 38 17.73 -0.76 -1.34
C ALA A 38 16.83 -0.82 -2.57
N GLU A 39 17.40 -1.22 -3.70
CA GLU A 39 16.65 -1.32 -4.95
C GLU A 39 15.40 -2.18 -4.75
N GLU A 40 15.38 -2.96 -3.67
CA GLU A 40 14.24 -3.83 -3.39
C GLU A 40 13.15 -3.07 -2.64
N GLU A 41 13.55 -2.01 -1.94
CA GLU A 41 12.61 -1.20 -1.18
C GLU A 41 11.81 -0.29 -2.10
N LEU A 42 10.54 -0.08 -1.77
CA LEU A 42 9.67 0.77 -2.56
C LEU A 42 9.57 2.17 -1.96
N PRO A 43 10.28 3.13 -2.58
CA PRO A 43 10.28 4.53 -2.12
C PRO A 43 8.94 5.22 -2.35
N PHE A 44 8.61 6.15 -1.46
CA PHE A 44 7.35 6.89 -1.57
C PHE A 44 7.41 8.17 -0.74
N LYS A 45 6.44 9.05 -0.98
CA LYS A 45 6.37 10.32 -0.25
C LYS A 45 5.16 10.34 0.69
N GLU A 46 5.22 11.22 1.68
CA GLU A 46 4.13 11.35 2.64
C GLU A 46 2.80 11.58 1.94
N GLY A 47 1.81 10.77 2.27
CA GLY A 47 0.50 10.91 1.66
C GLY A 47 0.33 10.01 0.44
N GLN A 48 1.45 9.54 -0.10
CA GLN A 48 1.43 8.67 -1.28
C GLN A 48 0.68 7.38 -0.98
N ILE A 49 -0.13 6.93 -1.94
CA ILE A 49 -0.89 5.70 -1.78
C ILE A 49 -0.13 4.50 -2.32
N ILE A 50 -0.23 3.38 -1.61
CA ILE A 50 0.46 2.16 -2.02
C ILE A 50 -0.49 0.96 -2.00
N LYS A 51 -0.56 0.24 -3.11
CA LYS A 51 -1.42 -0.93 -3.21
C LYS A 51 -0.75 -2.17 -2.62
N VAL A 52 -0.94 -2.38 -1.33
CA VAL A 52 -0.35 -3.52 -0.63
C VAL A 52 -1.00 -4.83 -1.08
N TYR A 53 -0.20 -5.88 -1.20
CA TYR A 53 -0.70 -7.18 -1.61
C TYR A 53 -0.13 -8.28 -0.73
N GLY A 54 -1.03 -9.03 -0.08
CA GLY A 54 -0.60 -10.11 0.79
C GLY A 54 -0.10 -9.61 2.13
N ASP A 55 0.33 -10.54 2.98
CA ASP A 55 0.84 -10.19 4.30
C ASP A 55 2.29 -9.72 4.22
N LYS A 56 2.87 -9.40 5.38
CA LYS A 56 4.25 -8.94 5.43
C LYS A 56 5.19 -10.09 5.77
N ASP A 57 6.47 -9.90 5.45
CA ASP A 57 7.48 -10.93 5.71
C ASP A 57 7.98 -10.83 7.15
N ALA A 58 8.86 -11.76 7.51
CA ALA A 58 9.43 -11.78 8.86
C ALA A 58 9.91 -10.39 9.28
N ASP A 59 10.62 -9.72 8.37
CA ASP A 59 11.14 -8.38 8.65
C ASP A 59 10.00 -7.43 9.01
N GLY A 60 8.84 -7.63 8.40
CA GLY A 60 7.69 -6.78 8.67
C GLY A 60 7.45 -5.78 7.57
N PHE A 61 7.81 -6.15 6.34
CA PHE A 61 7.62 -5.28 5.18
C PHE A 61 6.37 -5.67 4.41
N TYR A 62 5.89 -4.77 3.56
CA TYR A 62 4.70 -5.01 2.76
C TYR A 62 4.98 -4.80 1.28
N ARG A 63 4.75 -5.84 0.48
CA ARG A 63 4.98 -5.77 -0.95
C ARG A 63 3.80 -5.11 -1.67
N GLY A 64 3.88 -3.79 -1.83
CA GLY A 64 2.81 -3.06 -2.48
C GLY A 64 3.27 -2.39 -3.76
N GLU A 65 2.32 -2.01 -4.60
CA GLU A 65 2.63 -1.35 -5.87
C GLU A 65 2.19 0.12 -5.85
N THR A 66 3.06 0.99 -6.33
CA THR A 66 2.78 2.42 -6.37
C THR A 66 3.68 3.14 -7.38
N CYS A 67 3.18 4.24 -7.93
CA CYS A 67 3.94 5.02 -8.89
C CYS A 67 4.56 4.11 -9.95
N ALA A 68 3.73 3.26 -10.56
CA ALA A 68 4.20 2.34 -11.58
C ALA A 68 5.41 1.56 -11.10
N ARG A 69 5.53 1.40 -9.79
CA ARG A 69 6.65 0.67 -9.21
C ARG A 69 6.15 -0.51 -8.36
N LEU A 70 7.08 -1.20 -7.72
CA LEU A 70 6.73 -2.35 -6.89
C LEU A 70 7.92 -2.78 -6.04
N GLY A 71 7.79 -2.64 -4.72
CA GLY A 71 8.87 -3.03 -3.82
C GLY A 71 8.36 -3.38 -2.44
N LEU A 72 9.16 -3.07 -1.42
CA LEU A 72 8.79 -3.36 -0.04
C LEU A 72 8.53 -2.07 0.74
N ILE A 73 7.47 -2.07 1.54
CA ILE A 73 7.13 -0.90 2.35
C ILE A 73 7.19 -1.22 3.83
N PRO A 74 7.84 -0.34 4.60
CA PRO A 74 7.99 -0.51 6.05
C PRO A 74 6.67 -0.31 6.78
N CYS A 75 6.29 -1.31 7.56
CA CYS A 75 5.03 -1.25 8.33
C CYS A 75 5.16 -0.28 9.50
N ASN A 76 6.39 0.16 9.77
CA ASN A 76 6.65 1.09 10.86
C ASN A 76 6.42 2.53 10.43
N MET A 77 6.29 2.73 9.12
CA MET A 77 6.07 4.06 8.56
C MET A 77 4.63 4.20 8.08
N VAL A 78 4.31 3.57 6.96
CA VAL A 78 2.97 3.63 6.39
C VAL A 78 1.93 3.18 7.41
N SER A 79 0.65 3.39 7.07
CA SER A 79 -0.44 3.01 7.96
C SER A 79 -1.68 2.63 7.16
N GLU A 80 -2.57 1.88 7.79
CA GLU A 80 -3.80 1.44 7.14
C GLU A 80 -4.85 2.56 7.14
N ILE A 81 -5.67 2.59 6.10
CA ILE A 81 -6.72 3.60 5.99
C ILE A 81 -8.09 3.01 6.29
N GLN A 82 -8.97 3.83 6.86
CA GLN A 82 -10.32 3.39 7.21
C GLN A 82 -11.13 3.11 5.96
N ALA A 83 -12.17 2.29 6.10
CA ALA A 83 -13.03 1.93 4.98
C ALA A 83 -14.50 2.13 5.33
N ASP A 84 -15.37 1.88 4.36
CA ASP A 84 -16.81 2.03 4.57
C ASP A 84 -17.41 0.76 5.16
N ASP A 85 -16.73 0.21 6.16
CA ASP A 85 -17.21 -1.02 6.81
C ASP A 85 -17.67 -0.73 8.23
N GLU A 86 -18.60 -1.54 8.72
CA GLU A 86 -19.14 -1.37 10.06
C GLU A 86 -18.01 -1.10 11.06
N GLU A 87 -17.88 0.16 11.45
CA GLU A 87 -16.85 0.56 12.40
C GLU A 87 -17.41 1.51 13.45
N MET A 88 -17.07 1.26 14.71
CA MET A 88 -17.54 2.10 15.81
C MET A 88 -16.94 3.49 15.72
N MET A 89 -17.69 4.49 16.19
CA MET A 89 -17.23 5.87 16.16
C MET A 89 -17.50 6.56 17.51
N ASP A 90 -16.74 7.62 17.79
CA ASP A 90 -16.90 8.35 19.03
C ASP A 90 -17.63 9.68 18.79
N GLN A 91 -18.86 9.75 19.27
CA GLN A 91 -19.67 10.96 19.11
C GLN A 91 -19.59 11.84 20.36
N SER A 92 -18.40 11.94 20.93
CA SER A 92 -18.18 12.75 22.12
C SER A 92 -16.82 13.42 22.09
N GLY A 93 -16.56 14.28 23.08
CA GLY A 93 -15.29 14.98 23.14
C GLY A 93 -15.00 15.52 24.53
N PRO A 94 -14.01 16.42 24.61
CA PRO A 94 -13.61 17.04 25.89
C PRO A 94 -14.65 18.01 26.41
N SER A 95 -14.65 18.23 27.72
CA SER A 95 -15.61 19.14 28.35
C SER A 95 -14.89 20.13 29.26
N SER A 96 -15.61 21.16 29.69
CA SER A 96 -15.06 22.18 30.57
C SER A 96 -14.55 21.56 31.86
N GLY A 97 -13.22 21.61 32.06
CA GLY A 97 -12.64 21.05 33.26
C GLY A 97 -12.84 21.93 34.48
N GLY A 1 -23.19 -6.82 -32.27
CA GLY A 1 -21.78 -6.85 -32.61
C GLY A 1 -21.10 -8.13 -32.15
N SER A 2 -20.45 -8.07 -31.00
CA SER A 2 -19.75 -9.23 -30.46
C SER A 2 -20.66 -10.45 -30.43
N SER A 3 -20.38 -11.42 -31.30
CA SER A 3 -21.18 -12.64 -31.38
C SER A 3 -20.30 -13.87 -31.21
N GLY A 4 -20.25 -14.39 -29.99
CA GLY A 4 -19.44 -15.57 -29.71
C GLY A 4 -19.69 -16.13 -28.33
N SER A 5 -18.61 -16.48 -27.64
CA SER A 5 -18.71 -17.03 -26.29
C SER A 5 -17.82 -16.27 -25.32
N SER A 6 -18.26 -16.18 -24.07
CA SER A 6 -17.50 -15.47 -23.04
C SER A 6 -16.19 -16.19 -22.73
N GLY A 7 -15.31 -15.53 -22.00
CA GLY A 7 -14.02 -16.11 -21.66
C GLY A 7 -13.52 -15.64 -20.30
N THR A 8 -13.43 -14.33 -20.13
CA THR A 8 -12.95 -13.75 -18.88
C THR A 8 -14.03 -13.83 -17.80
N ASP A 9 -13.60 -13.79 -16.54
CA ASP A 9 -14.52 -13.87 -15.41
C ASP A 9 -14.26 -12.72 -14.43
N PRO A 10 -15.31 -12.31 -13.71
CA PRO A 10 -15.23 -11.22 -12.73
C PRO A 10 -14.41 -11.62 -11.50
N GLY A 11 -13.24 -11.01 -11.35
CA GLY A 11 -12.39 -11.30 -10.21
C GLY A 11 -12.28 -12.79 -9.95
N ALA A 12 -11.34 -13.44 -10.65
CA ALA A 12 -11.13 -14.87 -10.48
C ALA A 12 -10.18 -15.16 -9.33
N GLU A 13 -10.75 -15.43 -8.15
CA GLU A 13 -9.95 -15.72 -6.96
C GLU A 13 -8.80 -14.72 -6.82
N GLU A 14 -9.08 -13.46 -7.16
CA GLU A 14 -8.05 -12.42 -7.06
C GLU A 14 -8.02 -11.81 -5.67
N LEU A 15 -6.83 -11.77 -5.07
CA LEU A 15 -6.66 -11.21 -3.74
C LEU A 15 -6.77 -9.68 -3.77
N PRO A 16 -7.37 -9.12 -2.70
CA PRO A 16 -7.54 -7.66 -2.59
C PRO A 16 -6.22 -6.94 -2.36
N ALA A 17 -6.24 -5.63 -2.56
CA ALA A 17 -5.04 -4.82 -2.37
C ALA A 17 -5.22 -3.81 -1.24
N ARG A 18 -4.67 -4.13 -0.08
CA ARG A 18 -4.77 -3.26 1.09
C ARG A 18 -4.14 -1.90 0.81
N ILE A 19 -4.91 -0.85 1.00
CA ILE A 19 -4.42 0.51 0.77
C ILE A 19 -3.71 1.05 2.00
N PHE A 20 -2.55 1.67 1.79
CA PHE A 20 -1.77 2.23 2.87
C PHE A 20 -1.23 3.61 2.50
N VAL A 21 -1.33 4.54 3.45
CA VAL A 21 -0.85 5.90 3.23
C VAL A 21 0.47 6.15 3.94
N ALA A 22 1.41 6.78 3.25
CA ALA A 22 2.72 7.07 3.82
C ALA A 22 2.63 8.21 4.84
N LEU A 23 3.13 7.97 6.04
CA LEU A 23 3.10 8.98 7.09
C LEU A 23 4.28 9.92 6.99
N PHE A 24 5.31 9.49 6.26
CA PHE A 24 6.51 10.30 6.06
C PHE A 24 7.23 9.90 4.78
N ASP A 25 8.12 10.77 4.33
CA ASP A 25 8.89 10.52 3.11
C ASP A 25 9.92 9.42 3.34
N TYR A 26 10.03 8.51 2.37
CA TYR A 26 10.97 7.40 2.48
C TYR A 26 11.91 7.38 1.27
N ASP A 27 13.18 7.67 1.51
CA ASP A 27 14.18 7.67 0.45
C ASP A 27 15.23 6.58 0.67
N PRO A 28 15.05 5.45 -0.03
CA PRO A 28 15.97 4.32 0.07
C PRO A 28 17.34 4.62 -0.54
N LEU A 29 17.41 5.68 -1.31
CA LEU A 29 18.65 6.07 -1.96
C LEU A 29 19.49 6.97 -1.05
N THR A 30 18.80 7.74 -0.21
CA THR A 30 19.47 8.64 0.72
C THR A 30 19.59 8.02 2.11
N MET A 31 18.47 7.49 2.61
CA MET A 31 18.46 6.88 3.93
C MET A 31 19.33 5.62 3.95
N SER A 32 18.88 4.58 3.24
CA SER A 32 19.62 3.33 3.18
C SER A 32 21.03 3.55 2.67
N PRO A 33 22.01 2.89 3.33
CA PRO A 33 23.43 3.01 2.95
C PRO A 33 23.73 2.33 1.62
N ASN A 34 23.21 1.13 1.44
CA ASN A 34 23.43 0.38 0.20
C ASN A 34 22.42 0.79 -0.86
N PRO A 35 22.94 1.29 -2.00
CA PRO A 35 22.11 1.73 -3.12
C PRO A 35 21.42 0.56 -3.82
N ASP A 36 22.12 -0.56 -3.92
CA ASP A 36 21.58 -1.76 -4.57
C ASP A 36 20.42 -2.33 -3.76
N ALA A 37 20.63 -2.46 -2.46
CA ALA A 37 19.60 -3.00 -1.57
C ALA A 37 18.32 -2.16 -1.65
N ALA A 38 18.49 -0.87 -1.89
CA ALA A 38 17.35 0.04 -1.97
C ALA A 38 16.36 -0.43 -3.04
N GLU A 39 16.88 -1.09 -4.08
CA GLU A 39 16.05 -1.58 -5.17
C GLU A 39 14.85 -2.35 -4.62
N GLU A 40 15.11 -3.26 -3.68
CA GLU A 40 14.05 -4.06 -3.08
C GLU A 40 13.04 -3.17 -2.36
N GLU A 41 13.53 -2.09 -1.76
CA GLU A 41 12.65 -1.17 -1.04
C GLU A 41 11.89 -0.27 -2.00
N LEU A 42 10.63 0.02 -1.68
CA LEU A 42 9.79 0.86 -2.52
C LEU A 42 9.67 2.25 -1.92
N PRO A 43 10.27 3.24 -2.59
CA PRO A 43 10.23 4.64 -2.14
C PRO A 43 8.85 5.26 -2.29
N PHE A 44 8.55 6.25 -1.46
CA PHE A 44 7.26 6.93 -1.51
C PHE A 44 7.27 8.18 -0.63
N LYS A 45 6.39 9.12 -0.95
CA LYS A 45 6.30 10.36 -0.19
C LYS A 45 5.07 10.37 0.70
N GLU A 46 5.12 11.14 1.78
CA GLU A 46 4.00 11.23 2.71
C GLU A 46 2.71 11.61 1.98
N GLY A 47 1.62 10.98 2.39
CA GLY A 47 0.33 11.25 1.77
C GLY A 47 0.11 10.42 0.52
N GLN A 48 1.12 9.66 0.13
CA GLN A 48 1.02 8.82 -1.06
C GLN A 48 0.25 7.53 -0.76
N ILE A 49 -0.29 6.93 -1.80
CA ILE A 49 -1.06 5.69 -1.65
C ILE A 49 -0.29 4.50 -2.21
N ILE A 50 -0.16 3.45 -1.40
CA ILE A 50 0.55 2.24 -1.81
C ILE A 50 -0.37 1.04 -1.82
N LYS A 51 -0.31 0.25 -2.88
CA LYS A 51 -1.13 -0.94 -3.00
C LYS A 51 -0.44 -2.15 -2.38
N VAL A 52 -0.83 -2.47 -1.15
CA VAL A 52 -0.25 -3.61 -0.44
C VAL A 52 -0.87 -4.92 -0.89
N TYR A 53 -0.03 -5.92 -1.11
CA TYR A 53 -0.51 -7.24 -1.56
C TYR A 53 -0.13 -8.32 -0.56
N GLY A 54 -1.11 -9.14 -0.18
CA GLY A 54 -0.86 -10.20 0.77
C GLY A 54 -0.30 -9.69 2.08
N ASP A 55 0.13 -10.61 2.93
CA ASP A 55 0.69 -10.25 4.23
C ASP A 55 2.15 -9.83 4.10
N LYS A 56 2.77 -9.51 5.23
CA LYS A 56 4.17 -9.09 5.24
C LYS A 56 5.08 -10.24 5.67
N ASP A 57 6.32 -10.22 5.19
CA ASP A 57 7.28 -11.26 5.54
C ASP A 57 7.73 -11.12 6.99
N ALA A 58 8.66 -11.98 7.39
CA ALA A 58 9.18 -11.96 8.76
C ALA A 58 9.68 -10.57 9.14
N ASP A 59 10.50 -9.98 8.26
CA ASP A 59 11.04 -8.65 8.49
C ASP A 59 9.93 -7.66 8.85
N GLY A 60 8.78 -7.81 8.20
CA GLY A 60 7.66 -6.93 8.46
C GLY A 60 7.50 -5.88 7.39
N PHE A 61 7.70 -6.27 6.14
CA PHE A 61 7.57 -5.35 5.02
C PHE A 61 6.32 -5.66 4.19
N TYR A 62 5.63 -4.61 3.74
CA TYR A 62 4.42 -4.77 2.95
C TYR A 62 4.71 -4.56 1.47
N ARG A 63 5.00 -5.65 0.76
CA ARG A 63 5.30 -5.58 -0.67
C ARG A 63 4.10 -5.05 -1.43
N GLY A 64 4.09 -3.75 -1.68
CA GLY A 64 2.99 -3.13 -2.42
C GLY A 64 3.47 -2.42 -3.67
N GLU A 65 2.51 -1.96 -4.48
CA GLU A 65 2.84 -1.27 -5.71
C GLU A 65 2.40 0.19 -5.66
N THR A 66 3.18 1.07 -6.27
CA THR A 66 2.86 2.50 -6.28
C THR A 66 3.66 3.22 -7.35
N CYS A 67 3.06 4.26 -7.93
CA CYS A 67 3.72 5.04 -8.98
C CYS A 67 4.31 4.13 -10.05
N ALA A 68 3.70 2.96 -10.22
CA ALA A 68 4.15 2.00 -11.22
C ALA A 68 5.43 1.29 -10.76
N ARG A 69 5.59 1.18 -9.45
CA ARG A 69 6.77 0.53 -8.89
C ARG A 69 6.37 -0.65 -8.00
N LEU A 70 7.32 -1.55 -7.75
CA LEU A 70 7.06 -2.73 -6.93
C LEU A 70 8.22 -2.98 -5.99
N GLY A 71 8.03 -2.69 -4.71
CA GLY A 71 9.07 -2.90 -3.72
C GLY A 71 8.52 -3.18 -2.33
N LEU A 72 9.36 -3.05 -1.33
CA LEU A 72 8.96 -3.30 0.06
C LEU A 72 8.65 -1.98 0.77
N ILE A 73 7.64 -2.01 1.63
CA ILE A 73 7.25 -0.82 2.39
C ILE A 73 7.29 -1.08 3.88
N PRO A 74 7.92 -0.17 4.63
CA PRO A 74 8.04 -0.28 6.09
C PRO A 74 6.71 -0.07 6.80
N CYS A 75 6.10 -1.16 7.25
CA CYS A 75 4.82 -1.09 7.94
C CYS A 75 4.86 -0.05 9.05
N ASN A 76 6.02 0.11 9.67
CA ASN A 76 6.18 1.07 10.75
C ASN A 76 5.88 2.49 10.26
N MET A 77 6.35 2.81 9.06
CA MET A 77 6.13 4.12 8.48
C MET A 77 4.69 4.27 7.98
N VAL A 78 4.37 3.58 6.90
CA VAL A 78 3.03 3.63 6.33
C VAL A 78 1.98 3.28 7.37
N SER A 79 0.71 3.27 6.94
CA SER A 79 -0.40 2.95 7.85
C SER A 79 -1.65 2.57 7.06
N GLU A 80 -2.59 1.94 7.74
CA GLU A 80 -3.84 1.54 7.10
C GLU A 80 -4.87 2.66 7.14
N ILE A 81 -5.44 2.97 5.97
CA ILE A 81 -6.43 4.03 5.87
C ILE A 81 -7.79 3.55 6.38
N GLN A 82 -8.55 4.48 6.95
CA GLN A 82 -9.88 4.16 7.48
C GLN A 82 -10.97 4.74 6.60
N ALA A 83 -12.23 4.45 6.95
CA ALA A 83 -13.36 4.95 6.19
C ALA A 83 -14.26 5.83 7.05
N ASP A 84 -13.76 7.00 7.40
CA ASP A 84 -14.53 7.93 8.23
C ASP A 84 -15.19 9.01 7.37
N ASP A 85 -16.29 8.64 6.73
CA ASP A 85 -17.03 9.56 5.88
C ASP A 85 -17.93 10.48 6.71
N GLU A 86 -18.59 11.41 6.04
CA GLU A 86 -19.48 12.36 6.72
C GLU A 86 -20.75 12.57 5.91
N GLU A 87 -21.69 13.32 6.49
CA GLU A 87 -22.96 13.60 5.84
C GLU A 87 -22.85 14.84 4.95
N MET A 88 -23.77 14.97 4.00
CA MET A 88 -23.78 16.10 3.09
C MET A 88 -24.17 17.38 3.82
N MET A 89 -23.28 18.38 3.79
CA MET A 89 -23.55 19.65 4.45
C MET A 89 -24.34 20.58 3.54
N ASP A 90 -24.77 21.71 4.10
CA ASP A 90 -25.54 22.69 3.34
C ASP A 90 -24.63 23.58 2.52
N GLN A 91 -24.67 23.43 1.19
CA GLN A 91 -23.84 24.23 0.30
C GLN A 91 -24.57 25.48 -0.14
N SER A 92 -23.92 26.28 -0.98
CA SER A 92 -24.51 27.52 -1.48
C SER A 92 -25.09 27.32 -2.87
N GLY A 93 -26.30 27.84 -3.07
CA GLY A 93 -26.96 27.71 -4.36
C GLY A 93 -27.77 28.92 -4.73
N PRO A 94 -27.90 29.19 -6.04
CA PRO A 94 -28.66 30.33 -6.55
C PRO A 94 -30.17 30.17 -6.33
N SER A 95 -30.92 31.21 -6.66
CA SER A 95 -32.37 31.18 -6.51
C SER A 95 -32.96 29.94 -7.16
N SER A 96 -33.45 29.02 -6.32
CA SER A 96 -34.05 27.78 -6.81
C SER A 96 -35.00 28.05 -7.97
N GLY A 97 -34.99 27.16 -8.96
CA GLY A 97 -35.85 27.32 -10.11
C GLY A 97 -36.80 26.15 -10.29
N GLY A 1 -1.59 8.06 -13.54
CA GLY A 1 -2.89 7.70 -14.07
C GLY A 1 -3.13 6.21 -14.06
N SER A 2 -4.28 5.81 -13.51
CA SER A 2 -4.63 4.40 -13.41
C SER A 2 -4.84 3.81 -14.80
N SER A 3 -4.66 2.49 -14.91
CA SER A 3 -4.82 1.80 -16.18
C SER A 3 -5.97 2.40 -16.99
N GLY A 4 -5.64 2.99 -18.14
CA GLY A 4 -6.66 3.59 -18.97
C GLY A 4 -6.26 3.62 -20.43
N SER A 5 -5.82 4.79 -20.90
CA SER A 5 -5.40 4.95 -22.29
C SER A 5 -4.37 3.89 -22.68
N SER A 6 -4.81 2.91 -23.49
CA SER A 6 -3.93 1.83 -23.92
C SER A 6 -3.34 1.09 -22.73
N GLY A 7 -4.19 0.81 -21.74
CA GLY A 7 -3.73 0.10 -20.56
C GLY A 7 -4.59 -1.11 -20.24
N THR A 8 -4.28 -2.23 -20.89
CA THR A 8 -5.03 -3.46 -20.68
C THR A 8 -4.66 -4.10 -19.34
N ASP A 9 -5.54 -4.96 -18.83
CA ASP A 9 -5.32 -5.65 -17.57
C ASP A 9 -5.39 -7.15 -17.74
N PRO A 10 -4.51 -7.88 -17.04
CA PRO A 10 -4.46 -9.35 -17.10
C PRO A 10 -5.67 -10.00 -16.45
N GLY A 11 -6.54 -10.57 -17.26
CA GLY A 11 -7.73 -11.23 -16.74
C GLY A 11 -8.87 -10.25 -16.51
N ALA A 12 -10.10 -10.75 -16.57
CA ALA A 12 -11.28 -9.91 -16.36
C ALA A 12 -11.69 -9.91 -14.89
N GLU A 13 -10.71 -9.87 -14.00
CA GLU A 13 -10.96 -9.85 -12.57
C GLU A 13 -9.89 -9.06 -11.83
N GLU A 14 -10.09 -8.87 -10.54
CA GLU A 14 -9.14 -8.13 -9.71
C GLU A 14 -9.29 -8.49 -8.24
N LEU A 15 -8.18 -8.43 -7.50
CA LEU A 15 -8.19 -8.76 -6.09
C LEU A 15 -8.10 -7.50 -5.23
N PRO A 16 -8.66 -7.55 -4.02
CA PRO A 16 -8.66 -6.43 -3.08
C PRO A 16 -7.27 -6.15 -2.53
N ALA A 17 -6.84 -4.90 -2.61
CA ALA A 17 -5.52 -4.50 -2.11
C ALA A 17 -5.65 -3.48 -0.99
N ARG A 18 -5.15 -3.83 0.19
CA ARG A 18 -5.22 -2.94 1.35
C ARG A 18 -4.47 -1.64 1.07
N ILE A 19 -5.22 -0.56 0.92
CA ILE A 19 -4.63 0.75 0.65
C ILE A 19 -3.92 1.29 1.89
N PHE A 20 -2.63 1.61 1.73
CA PHE A 20 -1.84 2.14 2.83
C PHE A 20 -1.22 3.48 2.46
N VAL A 21 -1.41 4.48 3.32
CA VAL A 21 -0.86 5.81 3.09
C VAL A 21 0.45 6.01 3.83
N ALA A 22 1.33 6.83 3.25
CA ALA A 22 2.63 7.11 3.85
C ALA A 22 2.54 8.27 4.83
N LEU A 23 2.96 8.03 6.07
CA LEU A 23 2.93 9.06 7.10
C LEU A 23 4.10 10.01 6.95
N PHE A 24 5.22 9.49 6.44
CA PHE A 24 6.42 10.30 6.26
C PHE A 24 7.21 9.81 5.04
N ASP A 25 7.84 10.75 4.34
CA ASP A 25 8.63 10.42 3.16
C ASP A 25 9.62 9.29 3.46
N TYR A 26 9.89 8.47 2.45
CA TYR A 26 10.82 7.35 2.62
C TYR A 26 11.86 7.35 1.50
N ASP A 27 13.13 7.41 1.90
CA ASP A 27 14.23 7.41 0.94
C ASP A 27 15.22 6.29 1.24
N PRO A 28 15.08 5.17 0.51
CA PRO A 28 15.95 4.01 0.67
C PRO A 28 17.38 4.26 0.19
N LEU A 29 17.58 5.42 -0.45
CA LEU A 29 18.89 5.78 -0.96
C LEU A 29 19.65 6.65 0.05
N THR A 30 18.90 7.36 0.88
CA THR A 30 19.49 8.22 1.90
C THR A 30 19.29 7.65 3.29
N MET A 31 18.39 6.68 3.41
CA MET A 31 18.11 6.05 4.69
C MET A 31 18.89 4.74 4.83
N SER A 32 18.55 3.77 3.99
CA SER A 32 19.21 2.47 4.03
C SER A 32 20.70 2.61 3.74
N PRO A 33 21.52 1.79 4.42
CA PRO A 33 22.98 1.80 4.25
C PRO A 33 23.41 1.26 2.89
N ASN A 34 22.90 0.08 2.54
CA ASN A 34 23.23 -0.55 1.27
C ASN A 34 22.44 0.08 0.12
N PRO A 35 23.16 0.65 -0.86
CA PRO A 35 22.54 1.29 -2.02
C PRO A 35 21.88 0.29 -2.95
N ASP A 36 22.48 -0.89 -3.09
CA ASP A 36 21.94 -1.94 -3.94
C ASP A 36 20.72 -2.58 -3.31
N ALA A 37 20.82 -2.90 -2.02
CA ALA A 37 19.72 -3.52 -1.29
C ALA A 37 18.46 -2.65 -1.36
N ALA A 38 18.66 -1.34 -1.39
CA ALA A 38 17.54 -0.40 -1.46
C ALA A 38 16.60 -0.75 -2.60
N GLU A 39 17.16 -1.21 -3.71
CA GLU A 39 16.37 -1.57 -4.88
C GLU A 39 15.14 -2.40 -4.47
N GLU A 40 15.33 -3.30 -3.52
CA GLU A 40 14.25 -4.15 -3.04
C GLU A 40 13.20 -3.32 -2.31
N GLU A 41 13.63 -2.23 -1.67
CA GLU A 41 12.72 -1.36 -0.94
C GLU A 41 11.93 -0.48 -1.90
N LEU A 42 10.70 -0.16 -1.53
CA LEU A 42 9.83 0.67 -2.35
C LEU A 42 9.73 2.08 -1.78
N PRO A 43 10.44 3.03 -2.42
CA PRO A 43 10.44 4.44 -1.99
C PRO A 43 9.11 5.11 -2.25
N PHE A 44 8.74 6.04 -1.36
CA PHE A 44 7.49 6.76 -1.48
C PHE A 44 7.49 8.01 -0.60
N LYS A 45 6.65 8.98 -0.95
CA LYS A 45 6.55 10.22 -0.19
C LYS A 45 5.30 10.23 0.67
N GLU A 46 5.33 11.03 1.74
CA GLU A 46 4.19 11.13 2.64
C GLU A 46 2.91 11.50 1.88
N GLY A 47 1.84 10.77 2.16
CA GLY A 47 0.57 11.03 1.49
C GLY A 47 0.40 10.19 0.24
N GLN A 48 1.47 9.51 -0.17
CA GLN A 48 1.42 8.67 -1.36
C GLN A 48 0.65 7.38 -1.10
N ILE A 49 -0.14 6.96 -2.07
CA ILE A 49 -0.92 5.74 -1.93
C ILE A 49 -0.16 4.53 -2.44
N ILE A 50 -0.30 3.41 -1.73
CA ILE A 50 0.38 2.18 -2.11
C ILE A 50 -0.54 0.98 -2.01
N LYS A 51 -0.57 0.17 -3.06
CA LYS A 51 -1.41 -1.02 -3.09
C LYS A 51 -0.70 -2.22 -2.48
N VAL A 52 -0.86 -2.39 -1.17
CA VAL A 52 -0.22 -3.50 -0.47
C VAL A 52 -0.84 -4.83 -0.86
N TYR A 53 0.00 -5.76 -1.30
CA TYR A 53 -0.46 -7.08 -1.71
C TYR A 53 0.15 -8.17 -0.84
N GLY A 54 -0.71 -8.97 -0.23
CA GLY A 54 -0.24 -10.05 0.62
C GLY A 54 -0.14 -9.63 2.08
N ASP A 55 0.75 -10.28 2.82
CA ASP A 55 0.95 -9.98 4.23
C ASP A 55 2.35 -9.43 4.47
N LYS A 56 2.68 -9.20 5.74
CA LYS A 56 3.99 -8.68 6.11
C LYS A 56 5.08 -9.73 5.90
N ASP A 57 6.17 -9.33 5.28
CA ASP A 57 7.28 -10.24 5.02
C ASP A 57 8.07 -10.51 6.30
N ALA A 58 9.14 -11.29 6.18
CA ALA A 58 9.98 -11.62 7.33
C ALA A 58 10.46 -10.36 8.03
N ASP A 59 10.86 -9.36 7.26
CA ASP A 59 11.34 -8.10 7.81
C ASP A 59 10.18 -7.14 8.05
N GLY A 60 9.00 -7.69 8.31
CA GLY A 60 7.83 -6.86 8.55
C GLY A 60 7.64 -5.80 7.47
N PHE A 61 7.61 -6.23 6.22
CA PHE A 61 7.44 -5.31 5.09
C PHE A 61 6.15 -5.63 4.33
N TYR A 62 5.53 -4.58 3.79
CA TYR A 62 4.29 -4.74 3.04
C TYR A 62 4.54 -4.61 1.53
N ARG A 63 4.63 -5.75 0.85
CA ARG A 63 4.87 -5.75 -0.59
C ARG A 63 3.70 -5.11 -1.34
N GLY A 64 3.81 -3.81 -1.58
CA GLY A 64 2.76 -3.09 -2.28
C GLY A 64 3.25 -2.43 -3.55
N GLU A 65 2.32 -2.06 -4.43
CA GLU A 65 2.68 -1.43 -5.69
C GLU A 65 2.25 0.04 -5.70
N THR A 66 3.16 0.93 -6.08
CA THR A 66 2.88 2.35 -6.14
C THR A 66 3.67 3.02 -7.26
N CYS A 67 3.07 4.04 -7.86
CA CYS A 67 3.70 4.77 -8.94
C CYS A 67 4.33 3.81 -9.96
N ALA A 68 3.54 2.83 -10.38
CA ALA A 68 4.01 1.84 -11.35
C ALA A 68 5.30 1.19 -10.88
N ARG A 69 5.49 1.14 -9.58
CA ARG A 69 6.69 0.54 -9.00
C ARG A 69 6.32 -0.52 -7.95
N LEU A 70 7.09 -1.60 -7.91
CA LEU A 70 6.84 -2.68 -6.96
C LEU A 70 8.04 -2.86 -6.03
N GLY A 71 7.76 -2.91 -4.73
CA GLY A 71 8.83 -3.08 -3.76
C GLY A 71 8.29 -3.35 -2.37
N LEU A 72 9.13 -3.13 -1.36
CA LEU A 72 8.74 -3.35 0.03
C LEU A 72 8.39 -2.04 0.71
N ILE A 73 7.44 -2.09 1.63
CA ILE A 73 7.02 -0.90 2.37
C ILE A 73 7.12 -1.11 3.87
N PRO A 74 7.77 -0.18 4.57
CA PRO A 74 7.94 -0.25 6.03
C PRO A 74 6.63 -0.02 6.78
N CYS A 75 6.06 -1.11 7.29
CA CYS A 75 4.81 -1.03 8.03
C CYS A 75 4.92 -0.05 9.19
N ASN A 76 6.14 0.17 9.66
CA ASN A 76 6.39 1.08 10.77
C ASN A 76 6.15 2.53 10.35
N MET A 77 6.25 2.78 9.05
CA MET A 77 6.05 4.12 8.51
C MET A 77 4.61 4.31 8.05
N VAL A 78 4.23 3.56 7.02
CA VAL A 78 2.87 3.64 6.48
C VAL A 78 1.83 3.28 7.54
N SER A 79 0.56 3.41 7.18
CA SER A 79 -0.53 3.09 8.10
C SER A 79 -1.73 2.56 7.34
N GLU A 80 -2.56 1.77 8.03
CA GLU A 80 -3.75 1.20 7.43
C GLU A 80 -4.88 2.23 7.38
N ILE A 81 -5.52 2.36 6.22
CA ILE A 81 -6.62 3.29 6.04
C ILE A 81 -7.96 2.63 6.34
N GLN A 82 -8.18 1.47 5.73
CA GLN A 82 -9.43 0.73 5.94
C GLN A 82 -9.16 -0.65 6.52
N ALA A 83 -10.03 -1.10 7.41
CA ALA A 83 -9.89 -2.42 8.03
C ALA A 83 -11.21 -3.17 8.03
N ASP A 84 -11.17 -4.41 8.50
CA ASP A 84 -12.37 -5.25 8.56
C ASP A 84 -12.54 -5.87 9.94
N ASP A 85 -12.08 -5.16 10.96
CA ASP A 85 -12.17 -5.64 12.34
C ASP A 85 -12.42 -4.48 13.30
N GLU A 86 -12.98 -4.78 14.46
CA GLU A 86 -13.26 -3.77 15.47
C GLU A 86 -12.06 -2.84 15.65
N GLU A 87 -12.31 -1.54 15.57
CA GLU A 87 -11.26 -0.55 15.72
C GLU A 87 -11.49 0.31 16.96
N MET A 88 -10.93 -0.12 18.08
CA MET A 88 -11.07 0.61 19.34
C MET A 88 -10.45 1.99 19.23
N MET A 89 -11.01 2.94 19.99
CA MET A 89 -10.52 4.31 19.97
C MET A 89 -10.14 4.76 21.38
N ASP A 90 -9.13 5.63 21.47
CA ASP A 90 -8.67 6.13 22.77
C ASP A 90 -9.79 6.88 23.48
N GLN A 91 -9.51 7.28 24.72
CA GLN A 91 -10.50 8.01 25.51
C GLN A 91 -9.89 9.27 26.12
N SER A 92 -10.23 10.42 25.54
CA SER A 92 -9.71 11.70 26.02
C SER A 92 -10.83 12.71 26.18
N GLY A 93 -11.42 12.75 27.37
CA GLY A 93 -12.50 13.68 27.64
C GLY A 93 -12.12 15.12 27.35
N PRO A 94 -13.09 15.91 26.88
CA PRO A 94 -12.87 17.32 26.55
C PRO A 94 -12.63 18.18 27.79
N SER A 95 -13.36 17.87 28.86
CA SER A 95 -13.24 18.62 30.11
C SER A 95 -11.78 18.93 30.41
N SER A 96 -11.40 20.20 30.22
CA SER A 96 -10.03 20.62 30.47
C SER A 96 -9.97 22.12 30.76
N GLY A 97 -8.79 22.60 31.14
CA GLY A 97 -8.62 24.01 31.45
C GLY A 97 -7.45 24.63 30.71
N GLY A 1 -25.04 11.12 10.96
CA GLY A 1 -26.05 10.44 10.19
C GLY A 1 -25.78 8.94 10.06
N SER A 2 -24.76 8.60 9.29
CA SER A 2 -24.39 7.21 9.08
C SER A 2 -23.06 7.09 8.36
N SER A 3 -22.20 6.19 8.84
CA SER A 3 -20.89 5.99 8.25
C SER A 3 -20.81 4.63 7.58
N GLY A 4 -19.84 4.48 6.67
CA GLY A 4 -19.66 3.23 5.97
C GLY A 4 -19.15 3.42 4.55
N SER A 5 -18.84 2.32 3.88
CA SER A 5 -18.33 2.38 2.51
C SER A 5 -19.36 1.83 1.53
N SER A 6 -20.04 2.73 0.84
CA SER A 6 -21.06 2.33 -0.13
C SER A 6 -20.47 1.41 -1.19
N GLY A 7 -19.41 1.87 -1.85
CA GLY A 7 -18.77 1.07 -2.87
C GLY A 7 -17.26 1.23 -2.88
N THR A 8 -16.57 0.34 -2.17
CA THR A 8 -15.11 0.39 -2.09
C THR A 8 -14.48 0.31 -3.48
N ASP A 9 -14.81 -0.76 -4.20
CA ASP A 9 -14.28 -0.96 -5.55
C ASP A 9 -14.87 0.06 -6.53
N PRO A 10 -14.05 0.50 -7.48
CA PRO A 10 -14.47 1.48 -8.50
C PRO A 10 -15.47 0.88 -9.48
N GLY A 11 -15.16 -0.31 -10.00
CA GLY A 11 -16.03 -0.96 -10.95
C GLY A 11 -15.26 -1.72 -12.01
N ALA A 12 -14.39 -2.63 -11.57
CA ALA A 12 -13.59 -3.42 -12.49
C ALA A 12 -13.17 -4.75 -11.85
N GLU A 13 -12.45 -5.56 -12.60
CA GLU A 13 -11.99 -6.86 -12.11
C GLU A 13 -10.70 -6.69 -11.30
N GLU A 14 -10.68 -5.67 -10.44
CA GLU A 14 -9.51 -5.41 -9.60
C GLU A 14 -9.66 -6.08 -8.24
N LEU A 15 -8.66 -6.86 -7.85
CA LEU A 15 -8.67 -7.55 -6.57
C LEU A 15 -8.49 -6.57 -5.42
N PRO A 16 -8.95 -6.97 -4.22
CA PRO A 16 -8.84 -6.14 -3.01
C PRO A 16 -7.41 -5.99 -2.53
N ALA A 17 -6.91 -4.77 -2.52
CA ALA A 17 -5.55 -4.50 -2.07
C ALA A 17 -5.52 -3.48 -0.94
N ARG A 18 -5.01 -3.89 0.21
CA ARG A 18 -4.94 -3.01 1.37
C ARG A 18 -4.30 -1.67 1.00
N ILE A 19 -5.06 -0.59 1.17
CA ILE A 19 -4.56 0.74 0.85
C ILE A 19 -3.86 1.37 2.05
N PHE A 20 -2.55 1.59 1.92
CA PHE A 20 -1.77 2.19 3.00
C PHE A 20 -1.15 3.51 2.55
N VAL A 21 -1.36 4.55 3.34
CA VAL A 21 -0.83 5.87 3.03
C VAL A 21 0.46 6.14 3.80
N ALA A 22 1.40 6.83 3.16
CA ALA A 22 2.67 7.15 3.78
C ALA A 22 2.52 8.30 4.76
N LEU A 23 3.03 8.12 5.98
CA LEU A 23 2.96 9.15 7.00
C LEU A 23 4.15 10.10 6.91
N PHE A 24 5.26 9.59 6.40
CA PHE A 24 6.48 10.38 6.26
C PHE A 24 7.31 9.91 5.08
N ASP A 25 7.85 10.85 4.32
CA ASP A 25 8.68 10.53 3.16
C ASP A 25 9.57 9.32 3.45
N TYR A 26 9.90 8.58 2.40
CA TYR A 26 10.74 7.40 2.53
C TYR A 26 11.76 7.32 1.40
N ASP A 27 13.03 7.56 1.74
CA ASP A 27 14.09 7.51 0.75
C ASP A 27 15.14 6.46 1.13
N PRO A 28 15.04 5.28 0.49
CA PRO A 28 15.96 4.17 0.74
C PRO A 28 17.36 4.45 0.20
N LEU A 29 17.43 5.09 -0.96
CA LEU A 29 18.71 5.41 -1.57
C LEU A 29 19.66 6.06 -0.56
N THR A 30 19.09 6.57 0.53
CA THR A 30 19.88 7.21 1.57
C THR A 30 19.64 6.56 2.93
N MET A 31 18.37 6.35 3.26
CA MET A 31 18.00 5.73 4.53
C MET A 31 18.50 4.30 4.59
N SER A 32 18.32 3.56 3.50
CA SER A 32 18.75 2.16 3.43
C SER A 32 20.27 2.06 3.53
N PRO A 33 20.75 1.03 4.23
CA PRO A 33 22.20 0.79 4.41
C PRO A 33 22.88 0.37 3.12
N ASN A 34 22.29 -0.61 2.43
CA ASN A 34 22.84 -1.10 1.18
C ASN A 34 22.31 -0.30 -0.01
N PRO A 35 23.23 0.27 -0.79
CA PRO A 35 22.88 1.07 -1.97
C PRO A 35 22.31 0.21 -3.10
N ASP A 36 22.63 -1.06 -3.08
CA ASP A 36 22.15 -1.99 -4.11
C ASP A 36 20.83 -2.63 -3.69
N ALA A 37 20.70 -2.92 -2.40
CA ALA A 37 19.49 -3.54 -1.86
C ALA A 37 18.31 -2.57 -1.92
N ALA A 38 18.61 -1.28 -1.76
CA ALA A 38 17.57 -0.25 -1.80
C ALA A 38 16.52 -0.56 -2.86
N GLU A 39 16.99 -0.96 -4.04
CA GLU A 39 16.10 -1.28 -5.15
C GLU A 39 14.91 -2.09 -4.66
N GLU A 40 15.17 -3.10 -3.83
CA GLU A 40 14.12 -3.95 -3.29
C GLU A 40 13.10 -3.12 -2.51
N GLU A 41 13.57 -2.09 -1.84
CA GLU A 41 12.70 -1.22 -1.05
C GLU A 41 11.88 -0.30 -1.96
N LEU A 42 10.61 -0.12 -1.62
CA LEU A 42 9.73 0.73 -2.40
C LEU A 42 9.62 2.12 -1.79
N PRO A 43 10.31 3.09 -2.40
CA PRO A 43 10.30 4.48 -1.93
C PRO A 43 8.96 5.17 -2.15
N PHE A 44 8.59 6.05 -1.22
CA PHE A 44 7.33 6.76 -1.32
C PHE A 44 7.36 8.03 -0.47
N LYS A 45 6.65 9.06 -0.92
CA LYS A 45 6.59 10.33 -0.20
C LYS A 45 5.35 10.39 0.70
N GLU A 46 5.31 11.39 1.58
CA GLU A 46 4.18 11.55 2.49
C GLU A 46 2.90 11.84 1.72
N GLY A 47 1.84 11.14 2.10
CA GLY A 47 0.56 11.33 1.43
C GLY A 47 0.44 10.54 0.14
N GLN A 48 1.36 9.59 -0.05
CA GLN A 48 1.35 8.76 -1.24
C GLN A 48 0.59 7.46 -1.00
N ILE A 49 -0.09 6.98 -2.03
CA ILE A 49 -0.86 5.74 -1.93
C ILE A 49 -0.03 4.53 -2.35
N ILE A 50 -0.25 3.41 -1.68
CA ILE A 50 0.48 2.19 -1.99
C ILE A 50 -0.44 0.97 -1.95
N LYS A 51 -0.55 0.28 -3.08
CA LYS A 51 -1.39 -0.91 -3.17
C LYS A 51 -0.68 -2.13 -2.60
N VAL A 52 -0.98 -2.47 -1.35
CA VAL A 52 -0.37 -3.62 -0.70
C VAL A 52 -1.02 -4.92 -1.15
N TYR A 53 -0.23 -5.98 -1.22
CA TYR A 53 -0.72 -7.28 -1.64
C TYR A 53 -0.16 -8.40 -0.76
N GLY A 54 -1.03 -9.07 -0.02
CA GLY A 54 -0.60 -10.14 0.85
C GLY A 54 -0.07 -9.64 2.17
N ASP A 55 0.54 -10.53 2.95
CA ASP A 55 1.09 -10.17 4.25
C ASP A 55 2.53 -9.69 4.11
N LYS A 56 3.17 -9.39 5.24
CA LYS A 56 4.55 -8.92 5.25
C LYS A 56 5.49 -10.02 5.71
N ASP A 57 6.56 -10.24 4.96
CA ASP A 57 7.54 -11.26 5.29
C ASP A 57 8.00 -11.13 6.74
N ALA A 58 8.88 -12.02 7.17
CA ALA A 58 9.39 -12.00 8.54
C ALA A 58 9.86 -10.61 8.93
N ASP A 59 10.63 -9.97 8.04
CA ASP A 59 11.14 -8.64 8.30
C ASP A 59 10.03 -7.70 8.75
N GLY A 60 8.88 -7.78 8.07
CA GLY A 60 7.76 -6.94 8.42
C GLY A 60 7.51 -5.85 7.39
N PHE A 61 7.66 -6.21 6.12
CA PHE A 61 7.46 -5.25 5.03
C PHE A 61 6.25 -5.64 4.19
N TYR A 62 5.43 -4.66 3.86
CA TYR A 62 4.23 -4.89 3.06
C TYR A 62 4.51 -4.63 1.57
N ARG A 63 4.90 -5.68 0.86
CA ARG A 63 5.19 -5.56 -0.57
C ARG A 63 4.01 -4.96 -1.33
N GLY A 64 4.05 -3.65 -1.54
CA GLY A 64 2.97 -2.99 -2.25
C GLY A 64 3.41 -2.42 -3.58
N GLU A 65 2.48 -1.83 -4.32
CA GLU A 65 2.78 -1.25 -5.61
C GLU A 65 2.36 0.22 -5.67
N THR A 66 3.25 1.07 -6.16
CA THR A 66 2.97 2.49 -6.27
C THR A 66 3.70 3.11 -7.47
N CYS A 67 3.09 4.13 -8.06
CA CYS A 67 3.68 4.81 -9.20
C CYS A 67 4.28 3.81 -10.17
N ALA A 68 3.49 2.81 -10.55
CA ALA A 68 3.94 1.77 -11.47
C ALA A 68 5.25 1.14 -10.99
N ARG A 69 5.40 1.04 -9.67
CA ARG A 69 6.59 0.45 -9.08
C ARG A 69 6.23 -0.69 -8.14
N LEU A 70 7.20 -1.57 -7.89
CA LEU A 70 6.98 -2.72 -7.00
C LEU A 70 8.18 -2.91 -6.07
N GLY A 71 7.92 -2.83 -4.77
CA GLY A 71 8.99 -3.01 -3.80
C GLY A 71 8.46 -3.35 -2.42
N LEU A 72 9.19 -2.95 -1.38
CA LEU A 72 8.79 -3.22 -0.01
C LEU A 72 8.46 -1.93 0.72
N ILE A 73 7.55 -2.02 1.69
CA ILE A 73 7.14 -0.86 2.46
C ILE A 73 7.15 -1.17 3.96
N PRO A 74 7.83 -0.31 4.75
CA PRO A 74 7.92 -0.47 6.20
C PRO A 74 6.60 -0.22 6.90
N CYS A 75 5.97 -1.28 7.38
CA CYS A 75 4.70 -1.17 8.07
C CYS A 75 4.75 -0.11 9.16
N ASN A 76 5.96 0.12 9.69
CA ASN A 76 6.16 1.11 10.74
C ASN A 76 5.84 2.52 10.23
N MET A 77 6.38 2.85 9.06
CA MET A 77 6.14 4.16 8.46
C MET A 77 4.68 4.32 8.02
N VAL A 78 4.33 3.65 6.93
CA VAL A 78 2.97 3.70 6.42
C VAL A 78 1.95 3.34 7.49
N SER A 79 0.68 3.36 7.11
CA SER A 79 -0.39 3.04 8.05
C SER A 79 -1.61 2.50 7.31
N GLU A 80 -2.48 1.80 8.04
CA GLU A 80 -3.69 1.22 7.45
C GLU A 80 -4.84 2.22 7.48
N ILE A 81 -5.49 2.41 6.34
CA ILE A 81 -6.60 3.33 6.24
C ILE A 81 -7.91 2.68 6.66
N GLN A 82 -8.23 1.56 6.02
CA GLN A 82 -9.45 0.83 6.33
C GLN A 82 -9.18 -0.68 6.42
N ALA A 83 -9.95 -1.37 7.26
CA ALA A 83 -9.79 -2.80 7.44
C ALA A 83 -11.03 -3.55 6.94
N ASP A 84 -10.79 -4.61 6.16
CA ASP A 84 -11.88 -5.40 5.62
C ASP A 84 -12.70 -6.06 6.74
N ASP A 85 -12.01 -6.80 7.60
CA ASP A 85 -12.66 -7.48 8.71
C ASP A 85 -13.66 -6.55 9.40
N GLU A 86 -14.62 -7.13 10.10
CA GLU A 86 -15.65 -6.36 10.79
C GLU A 86 -15.42 -6.42 12.31
N GLU A 87 -15.89 -5.38 13.00
CA GLU A 87 -15.75 -5.31 14.45
C GLU A 87 -16.24 -6.59 15.11
N MET A 88 -15.87 -6.79 16.37
CA MET A 88 -16.28 -7.97 17.12
C MET A 88 -17.79 -8.04 17.24
N MET A 89 -18.32 -9.26 17.30
CA MET A 89 -19.76 -9.46 17.42
C MET A 89 -20.21 -9.32 18.86
N ASP A 90 -21.18 -8.44 19.10
CA ASP A 90 -21.69 -8.21 20.44
C ASP A 90 -22.07 -9.53 21.11
N GLN A 91 -22.37 -9.46 22.40
CA GLN A 91 -22.74 -10.65 23.17
C GLN A 91 -23.64 -10.30 24.34
N SER A 92 -24.74 -11.03 24.48
CA SER A 92 -25.69 -10.78 25.56
C SER A 92 -25.13 -11.25 26.90
N GLY A 93 -24.61 -12.48 26.92
CA GLY A 93 -24.05 -13.03 28.14
C GLY A 93 -22.54 -12.84 28.22
N PRO A 94 -21.94 -13.34 29.30
CA PRO A 94 -20.49 -13.24 29.53
C PRO A 94 -19.69 -14.10 28.55
N SER A 95 -20.15 -15.34 28.35
CA SER A 95 -19.48 -16.26 27.45
C SER A 95 -20.45 -17.33 26.94
N SER A 96 -20.01 -18.07 25.93
CA SER A 96 -20.85 -19.12 25.35
C SER A 96 -21.38 -20.06 26.42
N GLY A 97 -20.48 -20.53 27.29
CA GLY A 97 -20.87 -21.43 28.36
C GLY A 97 -22.14 -20.98 29.06
N GLY A 1 -12.17 22.50 -9.10
CA GLY A 1 -11.37 22.54 -10.31
C GLY A 1 -9.90 22.77 -10.02
N SER A 2 -9.61 23.73 -9.15
CA SER A 2 -8.24 24.05 -8.79
C SER A 2 -7.49 22.81 -8.33
N SER A 3 -8.02 22.15 -7.30
CA SER A 3 -7.41 20.94 -6.76
C SER A 3 -8.21 19.70 -7.13
N GLY A 4 -7.54 18.56 -7.17
CA GLY A 4 -8.20 17.32 -7.52
C GLY A 4 -7.63 16.13 -6.78
N SER A 5 -8.30 14.99 -6.90
CA SER A 5 -7.87 13.77 -6.23
C SER A 5 -6.93 12.96 -7.13
N SER A 6 -5.63 13.06 -6.86
CA SER A 6 -4.63 12.34 -7.64
C SER A 6 -4.95 10.85 -7.69
N GLY A 7 -4.81 10.26 -8.87
CA GLY A 7 -5.08 8.84 -9.03
C GLY A 7 -6.34 8.57 -9.84
N THR A 8 -6.38 7.41 -10.49
CA THR A 8 -7.54 7.05 -11.30
C THR A 8 -8.40 6.00 -10.60
N ASP A 9 -9.72 6.12 -10.75
CA ASP A 9 -10.63 5.18 -10.13
C ASP A 9 -11.61 4.60 -11.16
N PRO A 10 -11.16 3.55 -11.86
CA PRO A 10 -11.96 2.88 -12.89
C PRO A 10 -13.14 2.12 -12.30
N GLY A 11 -13.98 1.57 -13.17
CA GLY A 11 -15.14 0.82 -12.71
C GLY A 11 -15.08 -0.64 -13.13
N ALA A 12 -14.19 -1.39 -12.50
CA ALA A 12 -14.04 -2.81 -12.80
C ALA A 12 -13.48 -3.58 -11.60
N GLU A 13 -14.18 -4.64 -11.21
CA GLU A 13 -13.75 -5.45 -10.07
C GLU A 13 -12.29 -5.87 -10.22
N GLU A 14 -11.57 -5.89 -9.11
CA GLU A 14 -10.16 -6.27 -9.11
C GLU A 14 -9.75 -6.84 -7.75
N LEU A 15 -8.75 -7.71 -7.77
CA LEU A 15 -8.26 -8.33 -6.55
C LEU A 15 -8.18 -7.31 -5.41
N PRO A 16 -8.42 -7.77 -4.18
CA PRO A 16 -8.38 -6.92 -2.99
C PRO A 16 -6.96 -6.48 -2.64
N ALA A 17 -6.77 -5.17 -2.56
CA ALA A 17 -5.46 -4.60 -2.24
C ALA A 17 -5.53 -3.70 -1.01
N ARG A 18 -4.64 -3.93 -0.05
CA ARG A 18 -4.61 -3.14 1.17
C ARG A 18 -4.01 -1.76 0.91
N ILE A 19 -4.86 -0.73 0.91
CA ILE A 19 -4.41 0.63 0.68
C ILE A 19 -3.72 1.20 1.91
N PHE A 20 -2.41 1.41 1.81
CA PHE A 20 -1.64 1.96 2.91
C PHE A 20 -1.03 3.31 2.54
N VAL A 21 -1.32 4.33 3.34
CA VAL A 21 -0.79 5.66 3.10
C VAL A 21 0.53 5.89 3.83
N ALA A 22 1.43 6.64 3.20
CA ALA A 22 2.73 6.93 3.79
C ALA A 22 2.62 8.04 4.84
N LEU A 23 3.01 7.73 6.07
CA LEU A 23 2.95 8.71 7.15
C LEU A 23 4.13 9.68 7.07
N PHE A 24 5.27 9.19 6.59
CA PHE A 24 6.46 10.01 6.46
C PHE A 24 7.27 9.60 5.23
N ASP A 25 7.94 10.57 4.62
CA ASP A 25 8.75 10.32 3.43
C ASP A 25 9.75 9.18 3.68
N TYR A 26 9.96 8.36 2.67
CA TYR A 26 10.88 7.24 2.79
C TYR A 26 11.89 7.24 1.64
N ASP A 27 13.17 7.35 1.98
CA ASP A 27 14.23 7.35 0.97
C ASP A 27 15.21 6.20 1.21
N PRO A 28 15.05 5.13 0.42
CA PRO A 28 15.91 3.95 0.52
C PRO A 28 17.33 4.22 0.03
N LEU A 29 17.47 5.20 -0.86
CA LEU A 29 18.77 5.56 -1.40
C LEU A 29 19.68 6.13 -0.31
N THR A 30 19.08 6.87 0.62
CA THR A 30 19.83 7.48 1.71
C THR A 30 19.70 6.67 2.99
N MET A 31 18.46 6.32 3.35
CA MET A 31 18.19 5.54 4.54
C MET A 31 18.97 4.23 4.52
N SER A 32 18.65 3.38 3.56
CA SER A 32 19.31 2.09 3.43
C SER A 32 20.82 2.26 3.27
N PRO A 33 21.60 1.49 4.04
CA PRO A 33 23.06 1.54 4.01
C PRO A 33 23.63 0.99 2.71
N ASN A 34 22.78 0.34 1.93
CA ASN A 34 23.19 -0.25 0.65
C ASN A 34 22.31 0.24 -0.48
N PRO A 35 22.94 0.73 -1.56
CA PRO A 35 22.23 1.24 -2.74
C PRO A 35 21.54 0.13 -3.52
N ASP A 36 22.28 -0.92 -3.84
CA ASP A 36 21.74 -2.05 -4.58
C ASP A 36 20.57 -2.68 -3.84
N ALA A 37 20.76 -2.94 -2.56
CA ALA A 37 19.72 -3.54 -1.73
C ALA A 37 18.47 -2.67 -1.71
N ALA A 38 18.66 -1.36 -1.67
CA ALA A 38 17.53 -0.42 -1.65
C ALA A 38 16.55 -0.74 -2.76
N GLU A 39 17.06 -1.12 -3.92
CA GLU A 39 16.22 -1.44 -5.08
C GLU A 39 15.00 -2.24 -4.63
N GLU A 40 15.24 -3.27 -3.82
CA GLU A 40 14.16 -4.11 -3.33
C GLU A 40 13.08 -3.29 -2.63
N GLU A 41 13.52 -2.31 -1.85
CA GLU A 41 12.59 -1.44 -1.13
C GLU A 41 11.77 -0.59 -2.10
N LEU A 42 10.67 -0.04 -1.60
CA LEU A 42 9.79 0.78 -2.43
C LEU A 42 9.68 2.19 -1.85
N PRO A 43 10.38 3.15 -2.48
CA PRO A 43 10.38 4.55 -2.05
C PRO A 43 9.04 5.22 -2.30
N PHE A 44 8.62 6.08 -1.37
CA PHE A 44 7.36 6.79 -1.49
C PHE A 44 7.35 8.04 -0.61
N LYS A 45 6.65 9.07 -1.07
CA LYS A 45 6.56 10.33 -0.34
C LYS A 45 5.36 10.33 0.61
N GLU A 46 5.40 11.20 1.61
CA GLU A 46 4.31 11.30 2.58
C GLU A 46 2.98 11.52 1.87
N GLY A 47 1.91 11.00 2.46
CA GLY A 47 0.59 11.16 1.87
C GLY A 47 0.46 10.46 0.54
N GLN A 48 1.28 9.43 0.32
CA GLN A 48 1.25 8.68 -0.92
C GLN A 48 0.47 7.38 -0.76
N ILE A 49 -0.08 6.89 -1.86
CA ILE A 49 -0.85 5.65 -1.84
C ILE A 49 -0.01 4.47 -2.32
N ILE A 50 -0.12 3.35 -1.61
CA ILE A 50 0.64 2.15 -1.96
C ILE A 50 -0.26 0.92 -1.96
N LYS A 51 -0.45 0.33 -3.13
CA LYS A 51 -1.29 -0.86 -3.25
C LYS A 51 -0.58 -2.08 -2.68
N VAL A 52 -0.86 -2.39 -1.42
CA VAL A 52 -0.25 -3.54 -0.75
C VAL A 52 -0.89 -4.83 -1.22
N TYR A 53 -0.18 -5.94 -1.01
CA TYR A 53 -0.68 -7.26 -1.41
C TYR A 53 -0.17 -8.34 -0.47
N GLY A 54 -1.10 -9.07 0.14
CA GLY A 54 -0.72 -10.13 1.05
C GLY A 54 -0.12 -9.60 2.34
N ASP A 55 0.11 -10.49 3.29
CA ASP A 55 0.69 -10.11 4.58
C ASP A 55 2.06 -9.47 4.38
N LYS A 56 2.68 -9.07 5.49
CA LYS A 56 4.00 -8.43 5.44
C LYS A 56 5.10 -9.49 5.51
N ASP A 57 6.33 -9.07 5.21
CA ASP A 57 7.47 -9.97 5.24
C ASP A 57 8.02 -10.12 6.66
N ALA A 58 9.09 -10.89 6.80
CA ALA A 58 9.70 -11.11 8.10
C ALA A 58 10.09 -9.78 8.75
N ASP A 59 10.57 -8.85 7.95
CA ASP A 59 10.96 -7.54 8.45
C ASP A 59 9.79 -6.58 8.45
N GLY A 60 8.58 -7.12 8.55
CA GLY A 60 7.39 -6.29 8.57
C GLY A 60 7.29 -5.39 7.36
N PHE A 61 7.49 -5.97 6.18
CA PHE A 61 7.43 -5.20 4.93
C PHE A 61 6.19 -5.58 4.13
N TYR A 62 5.46 -4.57 3.66
CA TYR A 62 4.25 -4.79 2.89
C TYR A 62 4.52 -4.58 1.40
N ARG A 63 4.79 -5.67 0.69
CA ARG A 63 5.07 -5.61 -0.73
C ARG A 63 3.90 -4.97 -1.49
N GLY A 64 3.99 -3.66 -1.69
CA GLY A 64 2.93 -2.94 -2.39
C GLY A 64 3.39 -2.42 -3.73
N GLU A 65 2.46 -1.81 -4.47
CA GLU A 65 2.77 -1.26 -5.78
C GLU A 65 2.29 0.18 -5.91
N THR A 66 3.22 1.10 -6.11
CA THR A 66 2.89 2.52 -6.25
C THR A 66 3.60 3.14 -7.44
N CYS A 67 2.91 4.05 -8.12
CA CYS A 67 3.49 4.73 -9.27
C CYS A 67 4.08 3.72 -10.25
N ALA A 68 3.31 2.68 -10.56
CA ALA A 68 3.76 1.65 -11.48
C ALA A 68 5.08 1.04 -11.02
N ARG A 69 5.34 1.11 -9.73
CA ARG A 69 6.57 0.56 -9.16
C ARG A 69 6.26 -0.56 -8.17
N LEU A 70 7.21 -1.49 -8.02
CA LEU A 70 7.04 -2.61 -7.11
C LEU A 70 8.21 -2.70 -6.14
N GLY A 71 7.90 -2.85 -4.85
CA GLY A 71 8.95 -2.96 -3.85
C GLY A 71 8.39 -3.29 -2.48
N LEU A 72 9.16 -2.99 -1.44
CA LEU A 72 8.75 -3.26 -0.07
C LEU A 72 8.47 -1.96 0.68
N ILE A 73 7.56 -2.04 1.65
CA ILE A 73 7.20 -0.87 2.44
C ILE A 73 7.22 -1.20 3.94
N PRO A 74 7.91 -0.35 4.71
CA PRO A 74 8.01 -0.52 6.17
C PRO A 74 6.69 -0.27 6.88
N CYS A 75 6.03 -1.34 7.27
CA CYS A 75 4.75 -1.24 7.97
C CYS A 75 4.83 -0.21 9.09
N ASN A 76 6.00 -0.09 9.70
CA ASN A 76 6.20 0.86 10.79
C ASN A 76 5.91 2.28 10.34
N MET A 77 6.34 2.62 9.13
CA MET A 77 6.13 3.94 8.57
C MET A 77 4.70 4.09 8.05
N VAL A 78 4.38 3.36 6.99
CA VAL A 78 3.04 3.41 6.40
C VAL A 78 1.98 3.07 7.43
N SER A 79 0.71 3.15 7.02
CA SER A 79 -0.41 2.86 7.91
C SER A 79 -1.58 2.28 7.14
N GLU A 80 -2.48 1.62 7.84
CA GLU A 80 -3.65 1.01 7.22
C GLU A 80 -4.81 2.00 7.15
N ILE A 81 -5.46 2.05 6.00
CA ILE A 81 -6.58 2.96 5.79
C ILE A 81 -7.91 2.23 5.98
N GLN A 82 -8.88 2.93 6.57
CA GLN A 82 -10.20 2.36 6.81
C GLN A 82 -10.78 1.75 5.53
N ALA A 83 -11.93 1.12 5.65
CA ALA A 83 -12.59 0.51 4.51
C ALA A 83 -12.92 1.55 3.44
N ASP A 84 -12.60 1.22 2.19
CA ASP A 84 -12.86 2.13 1.08
C ASP A 84 -13.75 1.46 0.04
N ASP A 85 -13.42 0.22 -0.32
CA ASP A 85 -14.19 -0.53 -1.31
C ASP A 85 -15.69 -0.36 -1.07
N GLU A 86 -16.42 0.00 -2.11
CA GLU A 86 -17.86 0.19 -2.01
C GLU A 86 -18.60 -1.15 -2.10
N GLU A 87 -19.91 -1.11 -1.94
CA GLU A 87 -20.73 -2.31 -2.01
C GLU A 87 -20.48 -3.21 -0.81
N MET A 88 -20.36 -2.60 0.37
CA MET A 88 -20.12 -3.34 1.60
C MET A 88 -21.42 -3.89 2.17
N MET A 89 -21.30 -4.77 3.16
CA MET A 89 -22.47 -5.36 3.79
C MET A 89 -23.60 -4.34 3.95
N ASP A 90 -24.65 -4.50 3.14
CA ASP A 90 -25.78 -3.60 3.18
C ASP A 90 -27.01 -4.24 2.54
N GLN A 91 -28.17 -3.63 2.75
CA GLN A 91 -29.42 -4.14 2.20
C GLN A 91 -29.28 -4.41 0.71
N SER A 92 -29.69 -5.60 0.28
CA SER A 92 -29.61 -5.97 -1.13
C SER A 92 -30.29 -7.32 -1.36
N GLY A 93 -31.13 -7.37 -2.40
CA GLY A 93 -31.83 -8.60 -2.72
C GLY A 93 -30.88 -9.75 -3.02
N PRO A 94 -31.11 -10.90 -2.38
CA PRO A 94 -30.28 -12.10 -2.58
C PRO A 94 -30.48 -12.71 -3.96
N SER A 95 -29.47 -13.46 -4.41
CA SER A 95 -29.53 -14.11 -5.72
C SER A 95 -29.25 -15.60 -5.60
N SER A 96 -30.08 -16.40 -6.26
CA SER A 96 -29.92 -17.85 -6.22
C SER A 96 -28.82 -18.31 -7.18
N GLY A 97 -28.34 -19.53 -6.98
CA GLY A 97 -27.29 -20.06 -7.83
C GLY A 97 -26.02 -19.25 -7.75
N GLY A 1 -6.89 7.74 -20.20
CA GLY A 1 -7.21 6.73 -21.17
C GLY A 1 -8.21 5.72 -20.63
N SER A 2 -9.36 6.21 -20.19
CA SER A 2 -10.41 5.34 -19.65
C SER A 2 -11.61 5.30 -20.58
N SER A 3 -11.35 5.21 -21.88
CA SER A 3 -12.41 5.16 -22.87
C SER A 3 -13.25 3.88 -22.71
N GLY A 4 -14.49 3.94 -23.18
CA GLY A 4 -15.37 2.78 -23.09
C GLY A 4 -16.59 2.91 -23.96
N SER A 5 -16.91 1.84 -24.69
CA SER A 5 -18.07 1.84 -25.58
C SER A 5 -19.34 1.53 -24.81
N SER A 6 -19.50 2.16 -23.66
CA SER A 6 -20.68 1.96 -22.82
C SER A 6 -20.70 0.54 -22.26
N GLY A 7 -19.53 0.03 -21.90
CA GLY A 7 -19.43 -1.31 -21.35
C GLY A 7 -18.34 -1.43 -20.31
N THR A 8 -18.73 -1.67 -19.07
CA THR A 8 -17.78 -1.82 -17.97
C THR A 8 -16.56 -2.63 -18.40
N ASP A 9 -15.38 -2.07 -18.15
CA ASP A 9 -14.14 -2.74 -18.51
C ASP A 9 -14.09 -4.16 -17.94
N PRO A 10 -13.49 -5.09 -18.70
CA PRO A 10 -13.36 -6.49 -18.29
C PRO A 10 -12.41 -6.67 -17.12
N GLY A 11 -12.50 -7.82 -16.45
CA GLY A 11 -11.63 -8.10 -15.32
C GLY A 11 -11.64 -6.99 -14.30
N ALA A 12 -12.83 -6.57 -13.89
CA ALA A 12 -12.97 -5.50 -12.90
C ALA A 12 -13.04 -6.07 -11.48
N GLU A 13 -12.20 -7.06 -11.21
CA GLU A 13 -12.16 -7.70 -9.89
C GLU A 13 -10.92 -8.57 -9.76
N GLU A 14 -10.22 -8.43 -8.63
CA GLU A 14 -9.02 -9.21 -8.37
C GLU A 14 -8.69 -9.21 -6.88
N LEU A 15 -7.67 -10.00 -6.51
CA LEU A 15 -7.26 -10.09 -5.12
C LEU A 15 -7.35 -8.74 -4.42
N PRO A 16 -7.73 -8.75 -3.14
CA PRO A 16 -7.87 -7.53 -2.33
C PRO A 16 -6.53 -6.89 -2.03
N ALA A 17 -6.35 -5.65 -2.51
CA ALA A 17 -5.11 -4.92 -2.29
C ALA A 17 -5.26 -3.93 -1.14
N ARG A 18 -4.63 -4.24 -0.01
CA ARG A 18 -4.70 -3.38 1.16
C ARG A 18 -4.13 -2.00 0.85
N ILE A 19 -4.91 -0.96 1.11
CA ILE A 19 -4.48 0.41 0.87
C ILE A 19 -3.76 0.99 2.09
N PHE A 20 -2.53 1.45 1.88
CA PHE A 20 -1.73 2.02 2.95
C PHE A 20 -1.20 3.40 2.56
N VAL A 21 -1.43 4.38 3.42
CA VAL A 21 -0.98 5.74 3.16
C VAL A 21 0.34 6.03 3.89
N ALA A 22 1.24 6.72 3.20
CA ALA A 22 2.54 7.06 3.78
C ALA A 22 2.41 8.17 4.81
N LEU A 23 2.95 7.94 6.00
CA LEU A 23 2.88 8.92 7.08
C LEU A 23 4.09 9.85 7.04
N PHE A 24 5.12 9.44 6.30
CA PHE A 24 6.33 10.24 6.18
C PHE A 24 7.16 9.80 4.97
N ASP A 25 7.69 10.78 4.23
CA ASP A 25 8.50 10.48 3.06
C ASP A 25 9.50 9.37 3.34
N TYR A 26 9.75 8.54 2.35
CA TYR A 26 10.68 7.43 2.49
C TYR A 26 11.74 7.46 1.40
N ASP A 27 13.01 7.45 1.81
CA ASP A 27 14.12 7.48 0.87
C ASP A 27 15.10 6.35 1.15
N PRO A 28 14.95 5.24 0.40
CA PRO A 28 15.82 4.06 0.56
C PRO A 28 17.24 4.32 0.06
N LEU A 29 17.39 5.34 -0.78
CA LEU A 29 18.69 5.69 -1.33
C LEU A 29 19.50 6.50 -0.32
N THR A 30 18.81 7.32 0.46
CA THR A 30 19.47 8.15 1.46
C THR A 30 19.43 7.49 2.83
N MET A 31 18.24 7.08 3.25
CA MET A 31 18.07 6.43 4.54
C MET A 31 18.89 5.14 4.63
N SER A 32 18.53 4.16 3.80
CA SER A 32 19.23 2.89 3.79
C SER A 32 20.72 3.09 3.54
N PRO A 33 21.56 2.42 4.36
CA PRO A 33 23.01 2.51 4.25
C PRO A 33 23.55 1.84 2.99
N ASN A 34 22.80 0.86 2.49
CA ASN A 34 23.20 0.14 1.28
C ASN A 34 22.22 0.39 0.15
N PRO A 35 22.73 0.89 -0.99
CA PRO A 35 21.92 1.19 -2.17
C PRO A 35 21.40 -0.08 -2.85
N ASP A 36 22.27 -1.08 -2.96
CA ASP A 36 21.90 -2.34 -3.58
C ASP A 36 20.62 -2.90 -2.97
N ALA A 37 20.55 -2.89 -1.64
CA ALA A 37 19.38 -3.39 -0.93
C ALA A 37 18.17 -2.48 -1.16
N ALA A 38 18.43 -1.18 -1.25
CA ALA A 38 17.35 -0.21 -1.47
C ALA A 38 16.48 -0.61 -2.65
N GLU A 39 17.10 -1.17 -3.68
CA GLU A 39 16.39 -1.58 -4.88
C GLU A 39 15.17 -2.43 -4.50
N GLU A 40 15.33 -3.30 -3.52
CA GLU A 40 14.25 -4.16 -3.06
C GLU A 40 13.15 -3.35 -2.39
N GLU A 41 13.52 -2.21 -1.83
CA GLU A 41 12.56 -1.35 -1.15
C GLU A 41 11.80 -0.50 -2.16
N LEU A 42 10.66 0.04 -1.73
CA LEU A 42 9.83 0.88 -2.59
C LEU A 42 9.66 2.28 -2.00
N PRO A 43 10.36 3.25 -2.59
CA PRO A 43 10.30 4.65 -2.14
C PRO A 43 8.95 5.29 -2.44
N PHE A 44 8.49 6.15 -1.51
CA PHE A 44 7.21 6.83 -1.67
C PHE A 44 7.20 8.14 -0.90
N LYS A 45 6.35 9.07 -1.33
CA LYS A 45 6.23 10.37 -0.68
C LYS A 45 5.06 10.39 0.29
N GLU A 46 5.17 11.22 1.33
CA GLU A 46 4.12 11.34 2.33
C GLU A 46 2.76 11.55 1.67
N GLY A 47 1.71 11.07 2.33
CA GLY A 47 0.36 11.23 1.79
C GLY A 47 0.18 10.50 0.48
N GLN A 48 1.04 9.51 0.22
CA GLN A 48 0.97 8.74 -1.01
C GLN A 48 0.18 7.45 -0.80
N ILE A 49 -0.35 6.91 -1.90
CA ILE A 49 -1.13 5.68 -1.84
C ILE A 49 -0.32 4.49 -2.34
N ILE A 50 -0.31 3.41 -1.56
CA ILE A 50 0.42 2.21 -1.94
C ILE A 50 -0.49 0.98 -1.89
N LYS A 51 -0.53 0.25 -3.00
CA LYS A 51 -1.36 -0.95 -3.08
C LYS A 51 -0.63 -2.16 -2.49
N VAL A 52 -0.85 -2.40 -1.20
CA VAL A 52 -0.21 -3.52 -0.52
C VAL A 52 -0.87 -4.85 -0.91
N TYR A 53 -0.04 -5.80 -1.34
CA TYR A 53 -0.53 -7.11 -1.75
C TYR A 53 -0.09 -8.19 -0.77
N GLY A 54 -1.06 -8.89 -0.19
CA GLY A 54 -0.76 -9.94 0.76
C GLY A 54 -0.23 -9.40 2.08
N ASP A 55 0.13 -10.30 2.98
CA ASP A 55 0.66 -9.90 4.29
C ASP A 55 2.13 -9.51 4.18
N LYS A 56 2.73 -9.19 5.32
CA LYS A 56 4.14 -8.80 5.36
C LYS A 56 5.00 -9.95 5.85
N ASP A 57 6.17 -10.12 5.23
CA ASP A 57 7.10 -11.17 5.61
C ASP A 57 7.53 -11.03 7.06
N ALA A 58 8.41 -11.92 7.51
CA ALA A 58 8.91 -11.89 8.87
C ALA A 58 9.53 -10.52 9.19
N ASP A 59 10.30 -10.00 8.25
CA ASP A 59 10.95 -8.71 8.43
C ASP A 59 9.93 -7.63 8.79
N GLY A 60 8.72 -7.77 8.26
CA GLY A 60 7.67 -6.80 8.53
C GLY A 60 7.50 -5.80 7.41
N PHE A 61 7.69 -6.26 6.18
CA PHE A 61 7.56 -5.40 5.01
C PHE A 61 6.31 -5.75 4.21
N TYR A 62 5.62 -4.73 3.72
CA TYR A 62 4.39 -4.93 2.94
C TYR A 62 4.68 -4.76 1.45
N ARG A 63 4.91 -5.87 0.77
CA ARG A 63 5.19 -5.84 -0.66
C ARG A 63 3.99 -5.27 -1.43
N GLY A 64 4.03 -3.97 -1.69
CA GLY A 64 2.95 -3.33 -2.42
C GLY A 64 3.45 -2.51 -3.59
N GLU A 65 2.53 -2.05 -4.43
CA GLU A 65 2.88 -1.26 -5.59
C GLU A 65 2.51 0.22 -5.38
N THR A 66 3.21 1.10 -6.09
CA THR A 66 2.96 2.53 -5.97
C THR A 66 3.78 3.32 -6.99
N CYS A 67 3.16 4.33 -7.59
CA CYS A 67 3.83 5.15 -8.58
C CYS A 67 4.47 4.29 -9.67
N ALA A 68 3.73 3.31 -10.14
CA ALA A 68 4.22 2.41 -11.18
C ALA A 68 5.50 1.71 -10.74
N ARG A 69 5.66 1.55 -9.43
CA ARG A 69 6.85 0.90 -8.89
C ARG A 69 6.47 -0.22 -7.94
N LEU A 70 7.26 -1.30 -7.94
CA LEU A 70 7.00 -2.44 -7.08
C LEU A 70 8.19 -2.71 -6.15
N GLY A 71 7.90 -2.84 -4.86
CA GLY A 71 8.96 -3.10 -3.90
C GLY A 71 8.41 -3.39 -2.51
N LEU A 72 9.24 -3.18 -1.50
CA LEU A 72 8.84 -3.43 -0.12
C LEU A 72 8.57 -2.12 0.62
N ILE A 73 7.55 -2.12 1.46
CA ILE A 73 7.18 -0.94 2.22
C ILE A 73 7.28 -1.19 3.72
N PRO A 74 7.97 -0.29 4.44
CA PRO A 74 8.15 -0.40 5.89
C PRO A 74 6.86 -0.16 6.66
N CYS A 75 6.39 -1.19 7.34
CA CYS A 75 5.16 -1.10 8.13
C CYS A 75 5.29 -0.06 9.23
N ASN A 76 6.51 0.43 9.43
CA ASN A 76 6.77 1.43 10.46
C ASN A 76 6.47 2.83 9.95
N MET A 77 6.67 3.04 8.65
CA MET A 77 6.42 4.34 8.03
C MET A 77 4.94 4.49 7.66
N VAL A 78 4.51 3.74 6.65
CA VAL A 78 3.13 3.79 6.21
C VAL A 78 2.18 3.38 7.33
N SER A 79 0.88 3.37 7.02
CA SER A 79 -0.13 2.99 8.00
C SER A 79 -1.32 2.31 7.31
N GLU A 80 -2.24 1.80 8.12
CA GLU A 80 -3.42 1.11 7.59
C GLU A 80 -4.62 2.07 7.54
N ILE A 81 -5.36 2.00 6.44
CA ILE A 81 -6.54 2.85 6.25
C ILE A 81 -7.82 2.13 6.66
N GLN A 82 -8.72 2.85 7.32
CA GLN A 82 -9.98 2.27 7.75
C GLN A 82 -10.69 1.57 6.59
N ALA A 83 -11.74 0.83 6.91
CA ALA A 83 -12.50 0.11 5.91
C ALA A 83 -14.00 0.38 6.05
N ASP A 84 -14.74 0.14 4.97
CA ASP A 84 -16.19 0.36 4.99
C ASP A 84 -16.93 -0.93 4.60
N ASP A 85 -16.41 -2.06 5.03
CA ASP A 85 -17.02 -3.35 4.73
C ASP A 85 -17.73 -3.92 5.96
N GLU A 86 -18.89 -4.51 5.74
CA GLU A 86 -19.68 -5.09 6.83
C GLU A 86 -18.81 -6.00 7.69
N GLU A 87 -19.11 -6.02 8.98
CA GLU A 87 -18.35 -6.85 9.93
C GLU A 87 -19.20 -7.18 11.15
N MET A 88 -19.06 -8.41 11.64
CA MET A 88 -19.81 -8.85 12.81
C MET A 88 -19.02 -8.58 14.09
N MET A 89 -19.74 -8.51 15.21
CA MET A 89 -19.10 -8.26 16.50
C MET A 89 -18.40 -9.51 17.02
N ASP A 90 -17.13 -9.67 16.63
CA ASP A 90 -16.35 -10.82 17.04
C ASP A 90 -16.49 -11.05 18.55
N GLN A 91 -16.36 -12.32 18.95
CA GLN A 91 -16.46 -12.67 20.37
C GLN A 91 -15.45 -13.74 20.74
N SER A 92 -15.49 -14.18 21.99
CA SER A 92 -14.57 -15.21 22.48
C SER A 92 -15.32 -16.47 22.88
N GLY A 93 -16.25 -16.31 23.82
CA GLY A 93 -17.03 -17.45 24.28
C GLY A 93 -17.27 -17.43 25.78
N PRO A 94 -18.29 -16.67 26.21
CA PRO A 94 -18.63 -16.54 27.63
C PRO A 94 -19.22 -17.83 28.20
N SER A 95 -19.27 -17.91 29.52
CA SER A 95 -19.80 -19.10 30.19
C SER A 95 -18.99 -20.34 29.83
N SER A 96 -17.67 -20.18 29.73
CA SER A 96 -16.79 -21.28 29.39
C SER A 96 -17.03 -22.47 30.31
N GLY A 97 -17.21 -23.65 29.71
CA GLY A 97 -17.45 -24.85 30.49
C GLY A 97 -18.89 -25.32 30.38
#